data_8RSW
#
_entry.id   8RSW
#
_entity_poly.entity_id   1
_entity_poly.type   'polypeptide(L)'
_entity_poly.pdbx_seq_one_letter_code
;GSRRASVGSVRVRALYDYEGQEQDELSFKAGDELTKMENEDEQGWCKGRLDNGQVGLYPANYVEPIQ
;
_entity_poly.pdbx_strand_id   A
#
# COMPACT_ATOMS: atom_id res chain seq x y z
N GLY A 1 11.41 -22.53 6.43
CA GLY A 1 11.03 -21.11 6.43
C GLY A 1 10.74 -20.60 5.02
N SER A 2 9.94 -19.54 4.92
CA SER A 2 9.56 -18.89 3.64
C SER A 2 9.24 -17.40 3.81
N ARG A 3 9.07 -16.66 2.71
CA ARG A 3 8.75 -15.22 2.68
C ARG A 3 7.44 -14.86 3.40
N ARG A 4 6.51 -15.80 3.54
CA ARG A 4 5.24 -15.63 4.28
C ARG A 4 5.41 -15.43 5.79
N ALA A 5 6.54 -15.86 6.35
CA ALA A 5 6.90 -15.65 7.76
C ALA A 5 7.48 -14.25 8.06
N SER A 6 8.01 -13.56 7.04
CA SER A 6 8.55 -12.20 7.14
C SER A 6 7.45 -11.13 7.31
N VAL A 7 7.86 -9.91 7.70
CA VAL A 7 6.95 -8.78 8.01
C VAL A 7 7.33 -7.47 7.30
N GLY A 8 8.38 -7.48 6.47
CA GLY A 8 8.84 -6.31 5.71
C GLY A 8 8.11 -6.08 4.36
N SER A 9 7.17 -6.96 4.01
CA SER A 9 6.30 -6.87 2.82
C SER A 9 5.00 -7.63 3.05
N VAL A 10 3.87 -6.96 2.78
CA VAL A 10 2.52 -7.54 2.92
C VAL A 10 1.72 -7.16 1.69
N ARG A 11 1.43 -8.13 0.82
CA ARG A 11 0.55 -7.92 -0.34
C ARG A 11 -0.86 -7.54 0.11
N VAL A 12 -1.48 -6.58 -0.59
CA VAL A 12 -2.81 -6.02 -0.27
C VAL A 12 -3.57 -5.77 -1.58
N ARG A 13 -4.91 -5.78 -1.50
CA ARG A 13 -5.83 -5.61 -2.63
C ARG A 13 -6.56 -4.28 -2.52
N ALA A 14 -6.59 -3.51 -3.61
CA ALA A 14 -7.28 -2.23 -3.67
C ALA A 14 -8.81 -2.40 -3.58
N LEU A 15 -9.42 -1.83 -2.55
CA LEU A 15 -10.88 -1.77 -2.34
C LEU A 15 -11.57 -0.90 -3.41
N TYR A 16 -10.95 0.24 -3.74
CA TYR A 16 -11.44 1.25 -4.67
C TYR A 16 -10.27 1.88 -5.44
N ASP A 17 -10.55 2.63 -6.51
CA ASP A 17 -9.53 3.38 -7.25
C ASP A 17 -8.92 4.56 -6.47
N TYR A 18 -7.66 4.87 -6.76
CA TYR A 18 -6.91 6.02 -6.22
C TYR A 18 -5.90 6.56 -7.25
N GLU A 19 -5.56 7.85 -7.15
CA GLU A 19 -4.59 8.52 -8.02
C GLU A 19 -3.67 9.45 -7.21
N GLY A 20 -2.35 9.23 -7.33
CA GLY A 20 -1.33 9.93 -6.56
C GLY A 20 -1.29 11.44 -6.83
N GLN A 21 -0.98 12.20 -5.78
CA GLN A 21 -1.01 13.68 -5.78
C GLN A 21 0.39 14.32 -5.75
N GLU A 22 1.43 13.54 -5.46
CA GLU A 22 2.85 13.94 -5.44
C GLU A 22 3.77 12.86 -6.05
N GLN A 23 5.05 13.18 -6.26
CA GLN A 23 6.08 12.26 -6.78
C GLN A 23 6.30 11.03 -5.88
N ASP A 24 6.03 11.15 -4.58
CA ASP A 24 6.10 10.07 -3.59
C ASP A 24 4.73 9.41 -3.33
N GLU A 25 3.82 9.41 -4.32
CA GLU A 25 2.51 8.72 -4.27
C GLU A 25 2.31 7.75 -5.45
N LEU A 26 1.31 6.85 -5.31
CA LEU A 26 0.98 5.76 -6.25
C LEU A 26 -0.47 5.86 -6.76
N SER A 27 -0.79 5.11 -7.81
CA SER A 27 -2.08 5.16 -8.51
C SER A 27 -2.52 3.76 -8.92
N PHE A 28 -3.78 3.40 -8.64
CA PHE A 28 -4.34 2.06 -8.85
C PHE A 28 -5.87 2.10 -9.02
N LYS A 29 -6.46 0.99 -9.48
CA LYS A 29 -7.92 0.83 -9.66
C LYS A 29 -8.48 -0.22 -8.71
N ALA A 30 -9.81 -0.21 -8.57
CA ALA A 30 -10.55 -1.19 -7.77
C ALA A 30 -10.23 -2.63 -8.23
N GLY A 31 -9.72 -3.46 -7.30
CA GLY A 31 -9.31 -4.85 -7.55
C GLY A 31 -7.85 -5.05 -7.95
N ASP A 32 -7.02 -3.99 -8.01
CA ASP A 32 -5.58 -4.13 -8.26
C ASP A 32 -4.83 -4.72 -7.06
N GLU A 33 -3.60 -5.19 -7.29
CA GLU A 33 -2.69 -5.69 -6.24
C GLU A 33 -1.51 -4.71 -6.06
N LEU A 34 -1.11 -4.50 -4.80
CA LEU A 34 0.05 -3.71 -4.41
C LEU A 34 0.68 -4.31 -3.13
N THR A 35 1.82 -3.76 -2.70
CA THR A 35 2.63 -4.30 -1.60
C THR A 35 2.89 -3.27 -0.51
N LYS A 36 2.27 -3.43 0.67
CA LYS A 36 2.51 -2.60 1.85
C LYS A 36 3.95 -2.79 2.36
N MET A 37 4.65 -1.69 2.66
CA MET A 37 6.05 -1.66 3.10
C MET A 37 6.24 -0.96 4.46
N GLU A 38 5.17 -0.35 5.01
CA GLU A 38 5.19 0.45 6.23
C GLU A 38 3.81 0.44 6.92
N ASN A 39 3.80 0.55 8.25
CA ASN A 39 2.57 0.58 9.07
C ASN A 39 1.63 1.76 8.74
N GLU A 40 0.37 1.63 9.15
CA GLU A 40 -0.63 2.71 9.03
C GLU A 40 -0.29 3.87 9.98
N ASP A 41 -0.22 5.08 9.45
CA ASP A 41 -0.01 6.33 10.18
C ASP A 41 -1.26 6.78 10.96
N GLU A 42 -1.12 7.84 11.76
CA GLU A 42 -2.21 8.46 12.51
C GLU A 42 -3.34 9.01 11.61
N GLN A 43 -3.03 9.36 10.36
CA GLN A 43 -4.00 9.80 9.35
C GLN A 43 -4.70 8.63 8.60
N GLY A 44 -4.26 7.39 8.79
CA GLY A 44 -4.77 6.21 8.05
C GLY A 44 -4.17 6.06 6.64
N TRP A 45 -2.87 6.34 6.50
CA TRP A 45 -2.08 6.18 5.27
C TRP A 45 -0.92 5.20 5.47
N CYS A 46 -0.47 4.59 4.39
CA CYS A 46 0.66 3.66 4.33
C CYS A 46 1.63 4.04 3.21
N LYS A 47 2.80 3.41 3.19
CA LYS A 47 3.80 3.52 2.12
C LYS A 47 4.06 2.11 1.61
N GLY A 48 4.02 1.94 0.29
CA GLY A 48 4.13 0.64 -0.37
C GLY A 48 4.73 0.70 -1.77
N ARG A 49 4.60 -0.41 -2.51
CA ARG A 49 5.11 -0.63 -3.86
C ARG A 49 3.99 -1.12 -4.79
N LEU A 50 3.97 -0.58 -6.00
CA LEU A 50 2.95 -0.75 -7.02
C LEU A 50 3.16 -1.94 -7.96
N ASP A 51 2.10 -2.29 -8.70
CA ASP A 51 2.13 -3.33 -9.73
C ASP A 51 3.10 -2.99 -10.89
N ASN A 52 3.30 -1.70 -11.20
CA ASN A 52 4.28 -1.27 -12.20
C ASN A 52 5.72 -1.22 -11.64
N GLY A 53 5.86 -1.03 -10.31
CA GLY A 53 7.15 -1.08 -9.59
C GLY A 53 7.51 0.19 -8.84
N GLN A 54 6.76 1.29 -9.01
CA GLN A 54 6.92 2.54 -8.27
C GLN A 54 6.70 2.34 -6.77
N VAL A 55 7.28 3.23 -5.95
CA VAL A 55 7.21 3.22 -4.48
C VAL A 55 6.69 4.57 -3.97
N GLY A 56 5.71 4.55 -3.08
CA GLY A 56 5.04 5.77 -2.59
C GLY A 56 3.90 5.55 -1.59
N LEU A 57 3.41 6.66 -1.03
CA LEU A 57 2.29 6.72 -0.11
C LEU A 57 0.94 6.48 -0.82
N TYR A 58 -0.02 5.97 -0.06
CA TYR A 58 -1.41 5.75 -0.45
C TYR A 58 -2.30 5.67 0.80
N PRO A 59 -3.61 5.95 0.71
CA PRO A 59 -4.54 5.82 1.84
C PRO A 59 -4.76 4.34 2.18
N ALA A 60 -4.38 3.94 3.41
CA ALA A 60 -4.55 2.57 3.88
C ALA A 60 -6.03 2.14 3.97
N ASN A 61 -6.96 3.11 4.00
CA ASN A 61 -8.40 2.90 3.97
C ASN A 61 -8.98 2.59 2.57
N TYR A 62 -8.13 2.46 1.54
CA TYR A 62 -8.49 2.05 0.16
C TYR A 62 -7.97 0.64 -0.18
N VAL A 63 -7.53 -0.16 0.80
CA VAL A 63 -7.00 -1.52 0.59
C VAL A 63 -7.44 -2.52 1.66
N GLU A 64 -7.24 -3.81 1.41
CA GLU A 64 -7.48 -4.92 2.34
C GLU A 64 -6.39 -6.01 2.21
N PRO A 65 -6.06 -6.78 3.27
CA PRO A 65 -4.97 -7.75 3.22
C PRO A 65 -5.28 -8.99 2.37
N ILE A 66 -4.24 -9.52 1.72
CA ILE A 66 -4.26 -10.78 0.94
C ILE A 66 -3.63 -11.90 1.80
N GLN A 67 -4.15 -13.13 1.67
CA GLN A 67 -3.77 -14.31 2.47
C GLN A 67 -3.55 -15.55 1.58
N GLY A 1 21.44 -1.10 12.14
CA GLY A 1 20.16 -1.31 11.45
C GLY A 1 19.81 -0.14 10.55
N SER A 2 19.42 -0.41 9.31
CA SER A 2 19.14 0.61 8.26
C SER A 2 17.94 0.27 7.35
N ARG A 3 17.14 -0.74 7.71
CA ARG A 3 16.00 -1.26 6.91
C ARG A 3 14.94 -0.19 6.58
N ARG A 4 14.64 0.69 7.54
CA ARG A 4 13.62 1.77 7.50
C ARG A 4 12.27 1.35 6.87
N ALA A 5 11.82 0.14 7.19
CA ALA A 5 10.57 -0.46 6.69
C ALA A 5 10.04 -1.52 7.67
N SER A 6 8.83 -2.02 7.43
CA SER A 6 8.21 -3.12 8.19
C SER A 6 9.04 -4.41 8.14
N VAL A 7 8.79 -5.35 9.07
CA VAL A 7 9.55 -6.62 9.21
C VAL A 7 9.48 -7.58 8.01
N GLY A 8 8.56 -7.33 7.08
CA GLY A 8 8.42 -8.06 5.82
C GLY A 8 7.34 -7.46 4.90
N SER A 9 7.34 -7.88 3.64
CA SER A 9 6.34 -7.50 2.62
C SER A 9 4.95 -8.08 2.94
N VAL A 10 3.90 -7.29 2.71
CA VAL A 10 2.50 -7.70 2.86
C VAL A 10 1.69 -7.19 1.68
N ARG A 11 1.39 -8.05 0.70
CA ARG A 11 0.51 -7.68 -0.44
C ARG A 11 -0.95 -7.54 0.01
N VAL A 12 -1.61 -6.56 -0.60
CA VAL A 12 -2.98 -6.11 -0.31
C VAL A 12 -3.70 -5.84 -1.63
N ARG A 13 -5.03 -5.90 -1.60
CA ARG A 13 -5.89 -5.65 -2.75
C ARG A 13 -6.59 -4.30 -2.60
N ALA A 14 -6.56 -3.49 -3.66
CA ALA A 14 -7.24 -2.21 -3.71
C ALA A 14 -8.78 -2.40 -3.65
N LEU A 15 -9.42 -1.85 -2.60
CA LEU A 15 -10.88 -1.83 -2.43
C LEU A 15 -11.56 -0.95 -3.50
N TYR A 16 -10.94 0.19 -3.81
CA TYR A 16 -11.42 1.20 -4.75
C TYR A 16 -10.23 1.85 -5.49
N ASP A 17 -10.51 2.54 -6.59
CA ASP A 17 -9.49 3.29 -7.34
C ASP A 17 -8.91 4.48 -6.54
N TYR A 18 -7.65 4.82 -6.83
CA TYR A 18 -6.92 5.97 -6.28
C TYR A 18 -5.90 6.51 -7.29
N GLU A 19 -5.53 7.79 -7.16
CA GLU A 19 -4.53 8.46 -8.01
C GLU A 19 -3.64 9.38 -7.18
N GLY A 20 -2.33 9.16 -7.26
CA GLY A 20 -1.32 9.85 -6.45
C GLY A 20 -1.24 11.36 -6.69
N GLN A 21 -1.05 12.12 -5.61
CA GLN A 21 -1.01 13.59 -5.65
C GLN A 21 0.37 14.15 -6.05
N GLU A 22 1.45 13.41 -5.78
CA GLU A 22 2.85 13.80 -5.99
C GLU A 22 3.72 12.59 -6.39
N GLN A 23 5.01 12.82 -6.68
CA GLN A 23 5.97 11.80 -7.09
C GLN A 23 6.21 10.69 -6.04
N ASP A 24 5.95 10.96 -4.76
CA ASP A 24 6.00 10.02 -3.64
C ASP A 24 4.63 9.39 -3.31
N GLU A 25 3.71 9.32 -4.28
CA GLU A 25 2.40 8.64 -4.16
C GLU A 25 2.17 7.64 -5.31
N LEU A 26 1.22 6.71 -5.10
CA LEU A 26 0.88 5.60 -6.01
C LEU A 26 -0.52 5.78 -6.62
N SER A 27 -0.80 5.07 -7.72
CA SER A 27 -2.06 5.15 -8.48
C SER A 27 -2.49 3.73 -8.87
N PHE A 28 -3.75 3.37 -8.61
CA PHE A 28 -4.28 2.04 -8.82
C PHE A 28 -5.80 2.03 -9.03
N LYS A 29 -6.36 0.90 -9.45
CA LYS A 29 -7.81 0.70 -9.69
C LYS A 29 -8.40 -0.33 -8.73
N ALA A 30 -9.73 -0.32 -8.61
CA ALA A 30 -10.48 -1.30 -7.83
C ALA A 30 -10.13 -2.74 -8.25
N GLY A 31 -9.57 -3.53 -7.34
CA GLY A 31 -9.13 -4.92 -7.56
C GLY A 31 -7.63 -5.10 -7.88
N ASP A 32 -6.84 -4.02 -8.00
CA ASP A 32 -5.39 -4.10 -8.25
C ASP A 32 -4.61 -4.61 -7.01
N GLU A 33 -3.34 -4.97 -7.20
CA GLU A 33 -2.43 -5.44 -6.15
C GLU A 33 -1.28 -4.45 -5.90
N LEU A 34 -0.84 -4.36 -4.64
CA LEU A 34 0.26 -3.54 -4.18
C LEU A 34 0.86 -4.14 -2.89
N THR A 35 2.06 -3.70 -2.52
CA THR A 35 2.87 -4.26 -1.42
C THR A 35 3.10 -3.22 -0.32
N LYS A 36 2.57 -3.45 0.89
CA LYS A 36 2.82 -2.60 2.07
C LYS A 36 4.27 -2.73 2.54
N MET A 37 4.90 -1.60 2.89
CA MET A 37 6.28 -1.49 3.37
C MET A 37 6.42 -0.64 4.65
N GLU A 38 5.33 -0.01 5.09
CA GLU A 38 5.27 0.84 6.30
C GLU A 38 3.85 0.81 6.87
N ASN A 39 3.73 0.65 8.18
CA ASN A 39 2.44 0.54 8.89
C ASN A 39 1.60 1.84 8.82
N GLU A 40 0.31 1.72 9.17
CA GLU A 40 -0.65 2.82 9.14
C GLU A 40 -0.28 3.96 10.10
N ASP A 41 -0.10 5.16 9.54
CA ASP A 41 0.17 6.41 10.26
C ASP A 41 -1.08 6.94 11.02
N GLU A 42 -0.89 8.01 11.79
CA GLU A 42 -1.94 8.69 12.56
C GLU A 42 -3.09 9.25 11.69
N GLN A 43 -2.81 9.51 10.40
CA GLN A 43 -3.79 9.97 9.41
C GLN A 43 -4.56 8.83 8.69
N GLY A 44 -4.14 7.56 8.86
CA GLY A 44 -4.69 6.40 8.16
C GLY A 44 -4.07 6.16 6.77
N TRP A 45 -2.76 6.38 6.63
CA TRP A 45 -1.99 6.20 5.38
C TRP A 45 -0.82 5.23 5.59
N CYS A 46 -0.40 4.59 4.50
CA CYS A 46 0.74 3.66 4.44
C CYS A 46 1.69 4.04 3.30
N LYS A 47 2.89 3.45 3.31
CA LYS A 47 3.88 3.57 2.23
C LYS A 47 4.18 2.17 1.71
N GLY A 48 4.14 2.00 0.39
CA GLY A 48 4.30 0.71 -0.28
C GLY A 48 4.87 0.80 -1.69
N ARG A 49 4.75 -0.31 -2.42
CA ARG A 49 5.23 -0.51 -3.80
C ARG A 49 4.10 -1.04 -4.68
N LEU A 50 4.10 -0.63 -5.94
CA LEU A 50 3.04 -0.88 -6.92
C LEU A 50 3.38 -2.01 -7.91
N ASP A 51 2.33 -2.51 -8.58
CA ASP A 51 2.46 -3.51 -9.66
C ASP A 51 3.22 -2.96 -10.88
N ASN A 52 3.15 -1.65 -11.12
CA ASN A 52 3.91 -0.97 -12.18
C ASN A 52 5.40 -0.84 -11.81
N GLY A 53 5.70 -0.65 -10.51
CA GLY A 53 7.07 -0.62 -9.96
C GLY A 53 7.40 0.64 -9.14
N GLN A 54 6.48 1.61 -9.10
CA GLN A 54 6.59 2.83 -8.30
C GLN A 54 6.59 2.50 -6.80
N VAL A 55 7.13 3.42 -6.00
CA VAL A 55 7.15 3.36 -4.52
C VAL A 55 6.59 4.67 -3.98
N GLY A 56 5.61 4.61 -3.08
CA GLY A 56 4.92 5.80 -2.59
C GLY A 56 3.85 5.57 -1.51
N LEU A 57 3.35 6.67 -0.97
CA LEU A 57 2.26 6.73 0.00
C LEU A 57 0.91 6.48 -0.68
N TYR A 58 -0.03 5.95 0.10
CA TYR A 58 -1.43 5.72 -0.28
C TYR A 58 -2.33 5.65 0.98
N PRO A 59 -3.64 5.95 0.88
CA PRO A 59 -4.57 5.83 1.99
C PRO A 59 -4.84 4.36 2.33
N ALA A 60 -4.52 3.93 3.54
CA ALA A 60 -4.74 2.55 4.01
C ALA A 60 -6.22 2.14 4.02
N ASN A 61 -7.14 3.11 3.97
CA ASN A 61 -8.59 2.89 3.87
C ASN A 61 -9.06 2.38 2.50
N TYR A 62 -8.21 2.43 1.47
CA TYR A 62 -8.51 2.02 0.09
C TYR A 62 -8.01 0.60 -0.23
N VAL A 63 -7.62 -0.21 0.78
CA VAL A 63 -7.07 -1.57 0.59
C VAL A 63 -7.55 -2.59 1.63
N GLU A 64 -7.34 -3.88 1.34
CA GLU A 64 -7.63 -5.01 2.24
C GLU A 64 -6.57 -6.14 2.11
N PRO A 65 -6.31 -6.95 3.15
CA PRO A 65 -5.34 -8.05 3.07
C PRO A 65 -5.82 -9.19 2.16
N ILE A 66 -4.93 -9.67 1.29
CA ILE A 66 -5.18 -10.83 0.41
C ILE A 66 -5.15 -12.12 1.25
N GLN A 67 -6.06 -13.05 0.93
CA GLN A 67 -6.30 -14.31 1.66
C GLN A 67 -6.58 -15.48 0.69
N GLY A 1 6.77 -0.05 17.95
CA GLY A 1 6.64 -1.50 17.66
C GLY A 1 7.95 -2.08 17.14
N SER A 2 8.51 -3.07 17.84
CA SER A 2 9.79 -3.72 17.51
C SER A 2 9.77 -4.60 16.24
N ARG A 3 8.58 -5.01 15.77
CA ARG A 3 8.36 -5.84 14.56
C ARG A 3 8.53 -5.04 13.25
N ARG A 4 9.74 -4.50 13.05
CA ARG A 4 10.19 -3.75 11.85
C ARG A 4 11.58 -4.19 11.33
N ALA A 5 12.34 -4.92 12.14
CA ALA A 5 13.68 -5.45 11.79
C ALA A 5 13.65 -6.80 11.04
N SER A 6 12.47 -7.45 10.94
CA SER A 6 12.29 -8.80 10.36
C SER A 6 11.13 -8.89 9.34
N VAL A 7 10.69 -7.73 8.82
CA VAL A 7 9.56 -7.58 7.85
C VAL A 7 9.90 -6.52 6.80
N GLY A 8 9.08 -6.42 5.74
CA GLY A 8 9.25 -5.43 4.67
C GLY A 8 8.24 -5.47 3.51
N SER A 9 7.43 -6.52 3.39
CA SER A 9 6.45 -6.69 2.31
C SER A 9 5.20 -7.47 2.75
N VAL A 10 4.01 -6.88 2.55
CA VAL A 10 2.70 -7.49 2.80
C VAL A 10 1.79 -7.20 1.60
N ARG A 11 1.49 -8.21 0.79
CA ARG A 11 0.57 -8.05 -0.37
C ARG A 11 -0.85 -7.69 0.09
N VAL A 12 -1.48 -6.74 -0.60
CA VAL A 12 -2.82 -6.21 -0.31
C VAL A 12 -3.57 -5.93 -1.63
N ARG A 13 -4.89 -5.89 -1.56
CA ARG A 13 -5.79 -5.72 -2.72
C ARG A 13 -6.52 -4.40 -2.61
N ALA A 14 -6.55 -3.62 -3.69
CA ALA A 14 -7.25 -2.34 -3.76
C ALA A 14 -8.77 -2.52 -3.67
N LEU A 15 -9.40 -1.97 -2.63
CA LEU A 15 -10.86 -1.92 -2.44
C LEU A 15 -11.54 -1.06 -3.51
N TYR A 16 -10.93 0.08 -3.83
CA TYR A 16 -11.44 1.10 -4.75
C TYR A 16 -10.30 1.75 -5.54
N ASP A 17 -10.62 2.53 -6.56
CA ASP A 17 -9.63 3.31 -7.32
C ASP A 17 -9.05 4.49 -6.52
N TYR A 18 -7.79 4.83 -6.81
CA TYR A 18 -7.05 5.96 -6.23
C TYR A 18 -6.00 6.51 -7.21
N GLU A 19 -5.64 7.80 -7.07
CA GLU A 19 -4.61 8.45 -7.89
C GLU A 19 -3.79 9.44 -7.04
N GLY A 20 -2.47 9.23 -7.03
CA GLY A 20 -1.50 10.01 -6.25
C GLY A 20 -1.36 11.47 -6.68
N GLN A 21 -0.84 12.29 -5.77
CA GLN A 21 -0.74 13.75 -5.90
C GLN A 21 0.71 14.26 -6.08
N GLU A 22 1.71 13.43 -5.77
CA GLU A 22 3.15 13.77 -5.79
C GLU A 22 4.02 12.56 -6.23
N GLN A 23 5.32 12.78 -6.43
CA GLN A 23 6.30 11.76 -6.82
C GLN A 23 6.49 10.63 -5.78
N ASP A 24 6.09 10.85 -4.52
CA ASP A 24 6.10 9.87 -3.44
C ASP A 24 4.69 9.31 -3.14
N GLU A 25 3.78 9.31 -4.13
CA GLU A 25 2.43 8.72 -4.05
C GLU A 25 2.14 7.76 -5.23
N LEU A 26 1.21 6.83 -5.04
CA LEU A 26 0.88 5.75 -5.99
C LEU A 26 -0.54 5.86 -6.56
N SER A 27 -0.84 5.08 -7.62
CA SER A 27 -2.10 5.13 -8.37
C SER A 27 -2.53 3.72 -8.79
N PHE A 28 -3.80 3.38 -8.58
CA PHE A 28 -4.36 2.05 -8.81
C PHE A 28 -5.88 2.07 -9.01
N LYS A 29 -6.45 0.96 -9.48
CA LYS A 29 -7.90 0.76 -9.69
C LYS A 29 -8.46 -0.31 -8.76
N ALA A 30 -9.79 -0.33 -8.63
CA ALA A 30 -10.52 -1.33 -7.85
C ALA A 30 -10.16 -2.77 -8.32
N GLY A 31 -9.66 -3.59 -7.40
CA GLY A 31 -9.22 -4.97 -7.66
C GLY A 31 -7.75 -5.15 -8.04
N ASP A 32 -6.94 -4.09 -8.10
CA ASP A 32 -5.49 -4.18 -8.32
C ASP A 32 -4.76 -4.79 -7.11
N GLU A 33 -3.53 -5.25 -7.33
CA GLU A 33 -2.63 -5.77 -6.28
C GLU A 33 -1.47 -4.79 -6.06
N LEU A 34 -1.08 -4.60 -4.79
CA LEU A 34 0.05 -3.79 -4.37
C LEU A 34 0.71 -4.39 -3.10
N THR A 35 1.83 -3.83 -2.65
CA THR A 35 2.65 -4.36 -1.56
C THR A 35 2.90 -3.32 -0.46
N LYS A 36 2.24 -3.43 0.69
CA LYS A 36 2.49 -2.57 1.85
C LYS A 36 3.91 -2.78 2.39
N MET A 37 4.58 -1.70 2.79
CA MET A 37 5.95 -1.69 3.35
C MET A 37 6.01 -1.03 4.73
N GLU A 38 5.07 -0.13 5.03
CA GLU A 38 4.90 0.56 6.31
C GLU A 38 3.40 0.82 6.56
N ASN A 39 2.94 0.48 7.76
CA ASN A 39 1.52 0.53 8.16
C ASN A 39 0.97 1.97 8.35
N GLU A 40 -0.35 2.07 8.57
CA GLU A 40 -1.09 3.32 8.78
C GLU A 40 -0.44 4.27 9.80
N ASP A 41 -0.17 5.51 9.36
CA ASP A 41 0.36 6.61 10.18
C ASP A 41 -0.66 7.20 11.18
N GLU A 42 -0.30 8.32 11.80
CA GLU A 42 -1.12 9.13 12.72
C GLU A 42 -2.39 9.77 12.08
N GLN A 43 -2.66 9.56 10.78
CA GLN A 43 -3.75 10.20 10.04
C GLN A 43 -4.65 9.20 9.28
N GLY A 44 -4.06 8.22 8.58
CA GLY A 44 -4.75 7.23 7.77
C GLY A 44 -4.02 6.83 6.47
N TRP A 45 -2.69 6.90 6.42
CA TRP A 45 -1.87 6.65 5.22
C TRP A 45 -0.83 5.55 5.43
N CYS A 46 -0.72 4.65 4.47
CA CYS A 46 0.30 3.60 4.39
C CYS A 46 1.35 3.98 3.35
N LYS A 47 2.49 3.29 3.35
CA LYS A 47 3.54 3.42 2.32
C LYS A 47 3.88 2.03 1.81
N GLY A 48 3.89 1.87 0.49
CA GLY A 48 4.10 0.59 -0.20
C GLY A 48 4.68 0.70 -1.60
N ARG A 49 4.58 -0.40 -2.35
CA ARG A 49 5.10 -0.60 -3.71
C ARG A 49 3.99 -1.08 -4.66
N LEU A 50 4.01 -0.56 -5.88
CA LEU A 50 3.00 -0.72 -6.91
C LEU A 50 3.27 -1.90 -7.85
N ASP A 51 2.24 -2.29 -8.62
CA ASP A 51 2.35 -3.31 -9.67
C ASP A 51 3.30 -2.87 -10.81
N ASN A 52 3.39 -1.55 -11.08
CA ASN A 52 4.34 -0.98 -12.04
C ASN A 52 5.78 -1.01 -11.48
N GLY A 53 5.93 -0.83 -10.16
CA GLY A 53 7.22 -0.94 -9.45
C GLY A 53 7.60 0.30 -8.62
N GLN A 54 6.84 1.38 -8.77
CA GLN A 54 6.98 2.63 -8.03
C GLN A 54 6.73 2.41 -6.53
N VAL A 55 7.32 3.27 -5.69
CA VAL A 55 7.21 3.23 -4.22
C VAL A 55 6.66 4.56 -3.71
N GLY A 56 5.64 4.52 -2.85
CA GLY A 56 4.95 5.73 -2.38
C GLY A 56 3.79 5.49 -1.41
N LEU A 57 3.27 6.61 -0.89
CA LEU A 57 2.13 6.71 0.01
C LEU A 57 0.79 6.48 -0.71
N TYR A 58 -0.20 5.99 0.04
CA TYR A 58 -1.59 5.82 -0.38
C TYR A 58 -2.50 5.69 0.86
N PRO A 59 -3.82 5.96 0.75
CA PRO A 59 -4.74 5.85 1.89
C PRO A 59 -4.90 4.41 2.39
N ALA A 60 -4.73 4.22 3.70
CA ALA A 60 -4.83 2.92 4.37
C ALA A 60 -6.24 2.28 4.27
N ASN A 61 -7.28 3.07 3.98
CA ASN A 61 -8.68 2.64 3.90
C ASN A 61 -9.19 2.34 2.48
N TYR A 62 -8.28 2.25 1.51
CA TYR A 62 -8.56 1.88 0.11
C TYR A 62 -7.99 0.49 -0.26
N VAL A 63 -7.56 -0.31 0.73
CA VAL A 63 -7.01 -1.67 0.52
C VAL A 63 -7.46 -2.68 1.59
N GLU A 64 -7.24 -3.97 1.34
CA GLU A 64 -7.50 -5.09 2.27
C GLU A 64 -6.40 -6.17 2.15
N PRO A 65 -6.10 -6.95 3.21
CA PRO A 65 -5.06 -7.97 3.18
C PRO A 65 -5.46 -9.18 2.31
N ILE A 66 -4.53 -9.62 1.45
CA ILE A 66 -4.68 -10.83 0.63
C ILE A 66 -4.43 -12.08 1.51
N GLN A 67 -5.20 -13.14 1.26
CA GLN A 67 -5.23 -14.41 2.02
C GLN A 67 -5.36 -15.62 1.08
N GLY A 1 11.12 -1.14 16.76
CA GLY A 1 10.28 -0.32 17.66
C GLY A 1 9.06 -1.08 18.16
N SER A 2 8.33 -0.51 19.12
CA SER A 2 7.08 -1.04 19.72
C SER A 2 7.10 -2.53 20.08
N ARG A 3 8.26 -3.02 20.56
CA ARG A 3 8.59 -4.43 20.90
C ARG A 3 8.22 -5.49 19.84
N ARG A 4 8.16 -5.11 18.55
CA ARG A 4 7.73 -5.95 17.41
C ARG A 4 8.57 -5.77 16.14
N ALA A 5 8.36 -6.65 15.16
CA ALA A 5 9.00 -6.63 13.84
C ALA A 5 8.13 -7.29 12.76
N SER A 6 8.51 -7.13 11.49
CA SER A 6 7.88 -7.75 10.32
C SER A 6 8.86 -7.97 9.16
N VAL A 7 8.43 -8.69 8.13
CA VAL A 7 9.22 -8.98 6.91
C VAL A 7 9.34 -7.80 5.92
N GLY A 8 8.67 -6.67 6.19
CA GLY A 8 8.73 -5.45 5.38
C GLY A 8 8.04 -5.54 4.02
N SER A 9 7.09 -6.47 3.85
CA SER A 9 6.30 -6.68 2.61
C SER A 9 5.00 -7.42 2.92
N VAL A 10 3.87 -6.78 2.67
CA VAL A 10 2.51 -7.32 2.87
C VAL A 10 1.64 -6.99 1.66
N ARG A 11 1.34 -7.98 0.82
CA ARG A 11 0.44 -7.79 -0.34
C ARG A 11 -0.99 -7.49 0.12
N VAL A 12 -1.65 -6.56 -0.57
CA VAL A 12 -3.00 -6.06 -0.31
C VAL A 12 -3.72 -5.81 -1.64
N ARG A 13 -5.06 -5.80 -1.60
CA ARG A 13 -5.92 -5.62 -2.78
C ARG A 13 -6.66 -4.29 -2.67
N ALA A 14 -6.66 -3.51 -3.75
CA ALA A 14 -7.37 -2.24 -3.83
C ALA A 14 -8.90 -2.43 -3.79
N LEU A 15 -9.55 -1.89 -2.76
CA LEU A 15 -11.01 -1.85 -2.60
C LEU A 15 -11.67 -0.97 -3.66
N TYR A 16 -11.06 0.19 -3.95
CA TYR A 16 -11.53 1.22 -4.86
C TYR A 16 -10.34 1.90 -5.56
N ASP A 17 -10.60 2.67 -6.61
CA ASP A 17 -9.56 3.44 -7.32
C ASP A 17 -8.97 4.61 -6.49
N TYR A 18 -7.69 4.90 -6.72
CA TYR A 18 -6.96 6.04 -6.15
C TYR A 18 -5.86 6.49 -7.14
N GLU A 19 -5.56 7.80 -7.19
CA GLU A 19 -4.50 8.36 -8.03
C GLU A 19 -3.63 9.35 -7.24
N GLY A 20 -2.31 9.13 -7.31
CA GLY A 20 -1.31 9.87 -6.54
C GLY A 20 -1.26 11.36 -6.83
N GLN A 21 -0.92 12.14 -5.80
CA GLN A 21 -0.92 13.61 -5.81
C GLN A 21 0.50 14.22 -5.78
N GLU A 22 1.51 13.41 -5.50
CA GLU A 22 2.94 13.77 -5.48
C GLU A 22 3.82 12.63 -6.06
N GLN A 23 5.11 12.90 -6.26
CA GLN A 23 6.10 11.91 -6.74
C GLN A 23 6.28 10.74 -5.75
N ASP A 24 6.04 10.97 -4.46
CA ASP A 24 6.05 9.95 -3.40
C ASP A 24 4.66 9.32 -3.16
N GLU A 25 3.79 9.25 -4.18
CA GLU A 25 2.48 8.58 -4.14
C GLU A 25 2.28 7.58 -5.29
N LEU A 26 1.26 6.71 -5.15
CA LEU A 26 0.93 5.60 -6.05
C LEU A 26 -0.47 5.75 -6.66
N SER A 27 -0.74 5.02 -7.75
CA SER A 27 -1.99 5.10 -8.52
C SER A 27 -2.45 3.70 -8.94
N PHE A 28 -3.70 3.37 -8.64
CA PHE A 28 -4.30 2.04 -8.86
C PHE A 28 -5.82 2.13 -9.03
N LYS A 29 -6.43 1.04 -9.52
CA LYS A 29 -7.89 0.90 -9.72
C LYS A 29 -8.47 -0.20 -8.84
N ALA A 30 -9.80 -0.20 -8.71
CA ALA A 30 -10.55 -1.22 -7.98
C ALA A 30 -10.19 -2.64 -8.45
N GLY A 31 -9.70 -3.48 -7.53
CA GLY A 31 -9.28 -4.86 -7.78
C GLY A 31 -7.80 -5.04 -8.16
N ASP A 32 -6.98 -3.99 -8.15
CA ASP A 32 -5.53 -4.11 -8.38
C ASP A 32 -4.80 -4.66 -7.13
N GLU A 33 -3.54 -5.08 -7.31
CA GLU A 33 -2.66 -5.52 -6.22
C GLU A 33 -1.53 -4.50 -5.97
N LEU A 34 -1.09 -4.40 -4.72
CA LEU A 34 0.05 -3.59 -4.28
C LEU A 34 0.67 -4.20 -3.01
N THR A 35 1.88 -3.77 -2.64
CA THR A 35 2.69 -4.32 -1.55
C THR A 35 2.99 -3.27 -0.48
N LYS A 36 2.33 -3.33 0.69
CA LYS A 36 2.65 -2.44 1.82
C LYS A 36 4.06 -2.75 2.34
N MET A 37 4.82 -1.70 2.68
CA MET A 37 6.22 -1.79 3.15
C MET A 37 6.45 -1.08 4.49
N GLU A 38 5.52 -0.23 4.91
CA GLU A 38 5.51 0.45 6.21
C GLU A 38 4.06 0.71 6.66
N ASN A 39 3.79 0.40 7.93
CA ASN A 39 2.46 0.47 8.54
C ASN A 39 1.87 1.90 8.59
N GLU A 40 0.55 1.96 8.81
CA GLU A 40 -0.24 3.18 8.87
C GLU A 40 0.27 4.24 9.86
N ASP A 41 0.32 5.49 9.39
CA ASP A 41 0.59 6.66 10.23
C ASP A 41 -0.63 6.96 11.12
N GLU A 42 -0.53 7.98 11.96
CA GLU A 42 -1.65 8.46 12.80
C GLU A 42 -2.86 8.98 11.97
N GLN A 43 -2.67 9.17 10.66
CA GLN A 43 -3.66 9.65 9.69
C GLN A 43 -4.37 8.52 8.91
N GLY A 44 -3.92 7.25 9.00
CA GLY A 44 -4.46 6.16 8.18
C GLY A 44 -3.90 6.15 6.74
N TRP A 45 -2.61 6.47 6.59
CA TRP A 45 -1.87 6.42 5.32
C TRP A 45 -0.73 5.41 5.42
N CYS A 46 -0.69 4.50 4.46
CA CYS A 46 0.34 3.46 4.30
C CYS A 46 1.41 3.93 3.33
N LYS A 47 2.55 3.21 3.28
CA LYS A 47 3.61 3.41 2.29
C LYS A 47 4.00 2.03 1.76
N GLY A 48 4.02 1.90 0.44
CA GLY A 48 4.24 0.62 -0.23
C GLY A 48 4.84 0.72 -1.64
N ARG A 49 4.75 -0.38 -2.37
CA ARG A 49 5.23 -0.56 -3.75
C ARG A 49 4.12 -1.09 -4.65
N LEU A 50 4.09 -0.56 -5.87
CA LEU A 50 3.07 -0.80 -6.88
C LEU A 50 3.42 -1.99 -7.76
N ASP A 51 2.41 -2.57 -8.40
CA ASP A 51 2.58 -3.69 -9.33
C ASP A 51 3.33 -3.29 -10.63
N ASN A 52 3.30 -1.99 -10.98
CA ASN A 52 4.06 -1.47 -12.12
C ASN A 52 5.54 -1.23 -11.75
N GLY A 53 5.81 -0.78 -10.52
CA GLY A 53 7.19 -0.64 -9.98
C GLY A 53 7.43 0.54 -9.05
N GLN A 54 6.56 1.56 -9.06
CA GLN A 54 6.68 2.77 -8.26
C GLN A 54 6.61 2.47 -6.75
N VAL A 55 7.12 3.39 -5.93
CA VAL A 55 7.11 3.33 -4.45
C VAL A 55 6.55 4.63 -3.89
N GLY A 56 5.57 4.56 -2.98
CA GLY A 56 4.89 5.74 -2.45
C GLY A 56 3.78 5.50 -1.43
N LEU A 57 3.26 6.60 -0.90
CA LEU A 57 2.14 6.68 0.04
C LEU A 57 0.79 6.46 -0.65
N TYR A 58 -0.18 5.94 0.11
CA TYR A 58 -1.57 5.75 -0.31
C TYR A 58 -2.49 5.61 0.92
N PRO A 59 -3.81 5.90 0.82
CA PRO A 59 -4.73 5.80 1.94
C PRO A 59 -5.05 4.34 2.31
N ALA A 60 -4.97 4.00 3.61
CA ALA A 60 -5.27 2.66 4.13
C ALA A 60 -6.74 2.24 3.88
N ASN A 61 -7.65 3.20 3.76
CA ASN A 61 -9.09 2.97 3.59
C ASN A 61 -9.50 2.50 2.18
N TYR A 62 -8.55 2.42 1.25
CA TYR A 62 -8.76 2.01 -0.13
C TYR A 62 -8.19 0.61 -0.42
N VAL A 63 -7.80 -0.16 0.61
CA VAL A 63 -7.21 -1.51 0.46
C VAL A 63 -7.69 -2.52 1.51
N GLU A 64 -7.44 -3.81 1.27
CA GLU A 64 -7.71 -4.91 2.20
C GLU A 64 -6.62 -6.01 2.10
N PRO A 65 -6.32 -6.77 3.18
CA PRO A 65 -5.29 -7.79 3.16
C PRO A 65 -5.67 -9.01 2.30
N ILE A 66 -4.68 -9.57 1.61
CA ILE A 66 -4.81 -10.80 0.81
C ILE A 66 -4.45 -12.03 1.67
N GLN A 67 -5.21 -13.12 1.49
CA GLN A 67 -5.14 -14.42 2.18
C GLN A 67 -4.67 -14.35 3.65
N GLY A 1 11.08 -4.74 24.16
CA GLY A 1 12.30 -5.02 23.37
C GLY A 1 11.96 -5.65 22.03
N SER A 2 12.61 -5.18 20.96
CA SER A 2 12.44 -5.69 19.58
C SER A 2 13.71 -5.48 18.73
N ARG A 3 13.77 -6.14 17.57
CA ARG A 3 14.84 -6.02 16.55
C ARG A 3 14.32 -5.62 15.15
N ARG A 4 13.01 -5.30 15.05
CA ARG A 4 12.29 -4.92 13.81
C ARG A 4 11.24 -3.84 14.08
N ALA A 5 10.76 -3.20 13.01
CA ALA A 5 9.69 -2.20 13.02
C ALA A 5 8.51 -2.56 12.07
N SER A 6 8.55 -3.75 11.45
CA SER A 6 7.51 -4.33 10.58
C SER A 6 7.69 -5.85 10.44
N VAL A 7 6.66 -6.56 9.99
CA VAL A 7 6.70 -8.01 9.70
C VAL A 7 7.35 -8.36 8.35
N GLY A 8 7.57 -7.37 7.50
CA GLY A 8 8.07 -7.48 6.12
C GLY A 8 7.04 -6.98 5.10
N SER A 9 7.22 -7.33 3.82
CA SER A 9 6.27 -7.04 2.74
C SER A 9 4.91 -7.74 2.98
N VAL A 10 3.81 -7.01 2.79
CA VAL A 10 2.44 -7.52 2.93
C VAL A 10 1.63 -7.13 1.70
N ARG A 11 1.36 -8.11 0.82
CA ARG A 11 0.48 -7.92 -0.34
C ARG A 11 -0.95 -7.54 0.10
N VAL A 12 -1.57 -6.60 -0.61
CA VAL A 12 -2.92 -6.07 -0.33
C VAL A 12 -3.65 -5.80 -1.63
N ARG A 13 -4.99 -5.81 -1.56
CA ARG A 13 -5.90 -5.65 -2.70
C ARG A 13 -6.63 -4.32 -2.61
N ALA A 14 -6.66 -3.55 -3.68
CA ALA A 14 -7.36 -2.27 -3.74
C ALA A 14 -8.90 -2.44 -3.65
N LEU A 15 -9.50 -1.87 -2.61
CA LEU A 15 -10.95 -1.82 -2.40
C LEU A 15 -11.65 -0.94 -3.45
N TYR A 16 -11.03 0.20 -3.77
CA TYR A 16 -11.51 1.22 -4.71
C TYR A 16 -10.33 1.86 -5.44
N ASP A 17 -10.60 2.62 -6.52
CA ASP A 17 -9.57 3.36 -7.25
C ASP A 17 -8.98 4.54 -6.44
N TYR A 18 -7.71 4.85 -6.72
CA TYR A 18 -6.96 5.99 -6.16
C TYR A 18 -5.93 6.52 -7.19
N GLU A 19 -5.60 7.80 -7.11
CA GLU A 19 -4.60 8.45 -7.99
C GLU A 19 -3.70 9.38 -7.18
N GLY A 20 -2.38 9.17 -7.26
CA GLY A 20 -1.38 9.89 -6.49
C GLY A 20 -1.36 11.40 -6.72
N GLN A 21 -1.04 12.15 -5.66
CA GLN A 21 -1.08 13.62 -5.64
C GLN A 21 0.32 14.25 -5.62
N GLU A 22 1.37 13.46 -5.38
CA GLU A 22 2.76 13.88 -5.29
C GLU A 22 3.73 12.89 -5.97
N GLN A 23 5.00 13.31 -6.12
CA GLN A 23 6.11 12.50 -6.65
C GLN A 23 6.43 11.24 -5.83
N ASP A 24 5.96 11.17 -4.58
CA ASP A 24 6.12 10.04 -3.66
C ASP A 24 4.77 9.36 -3.35
N GLU A 25 3.82 9.40 -4.28
CA GLU A 25 2.51 8.69 -4.20
C GLU A 25 2.29 7.70 -5.36
N LEU A 26 1.30 6.82 -5.21
CA LEU A 26 0.95 5.70 -6.12
C LEU A 26 -0.49 5.82 -6.66
N SER A 27 -0.80 5.07 -7.72
CA SER A 27 -2.08 5.13 -8.44
C SER A 27 -2.53 3.72 -8.85
N PHE A 28 -3.79 3.37 -8.57
CA PHE A 28 -4.34 2.03 -8.81
C PHE A 28 -5.87 2.08 -8.97
N LYS A 29 -6.47 0.98 -9.46
CA LYS A 29 -7.92 0.82 -9.67
C LYS A 29 -8.50 -0.25 -8.74
N ALA A 30 -9.82 -0.25 -8.60
CA ALA A 30 -10.57 -1.24 -7.84
C ALA A 30 -10.22 -2.68 -8.29
N GLY A 31 -9.71 -3.50 -7.39
CA GLY A 31 -9.29 -4.89 -7.64
C GLY A 31 -7.82 -5.08 -8.02
N ASP A 32 -7.00 -4.02 -8.06
CA ASP A 32 -5.56 -4.14 -8.30
C ASP A 32 -4.81 -4.72 -7.09
N GLU A 33 -3.57 -5.15 -7.28
CA GLU A 33 -2.66 -5.63 -6.23
C GLU A 33 -1.50 -4.65 -6.02
N LEU A 34 -1.12 -4.46 -4.76
CA LEU A 34 0.03 -3.65 -4.34
C LEU A 34 0.65 -4.26 -3.06
N THR A 35 1.77 -3.70 -2.59
CA THR A 35 2.55 -4.26 -1.47
C THR A 35 2.84 -3.23 -0.38
N LYS A 36 2.30 -3.41 0.83
CA LYS A 36 2.59 -2.56 2.00
C LYS A 36 4.03 -2.81 2.49
N MET A 37 4.73 -1.75 2.87
CA MET A 37 6.13 -1.78 3.34
C MET A 37 6.37 -0.95 4.61
N GLU A 38 5.33 -0.32 5.17
CA GLU A 38 5.39 0.56 6.34
C GLU A 38 4.04 0.61 7.09
N ASN A 39 4.10 0.86 8.41
CA ASN A 39 2.97 0.97 9.32
C ASN A 39 1.96 2.07 8.90
N GLU A 40 0.68 1.89 9.27
CA GLU A 40 -0.36 2.89 9.04
C GLU A 40 -0.17 4.11 9.98
N ASP A 41 -0.09 5.30 9.40
CA ASP A 41 0.01 6.60 10.10
C ASP A 41 -1.28 6.95 10.86
N GLU A 42 -1.21 8.03 11.65
CA GLU A 42 -2.36 8.60 12.38
C GLU A 42 -3.48 9.08 11.44
N GLN A 43 -3.14 9.45 10.21
CA GLN A 43 -4.07 9.84 9.14
C GLN A 43 -4.74 8.64 8.43
N GLY A 44 -4.24 7.41 8.65
CA GLY A 44 -4.70 6.20 7.95
C GLY A 44 -4.06 6.03 6.56
N TRP A 45 -2.74 6.29 6.45
CA TRP A 45 -1.94 6.14 5.23
C TRP A 45 -0.76 5.19 5.46
N CYS A 46 -0.33 4.51 4.40
CA CYS A 46 0.82 3.59 4.38
C CYS A 46 1.76 3.95 3.22
N LYS A 47 2.97 3.38 3.26
CA LYS A 47 3.96 3.48 2.19
C LYS A 47 4.23 2.07 1.67
N GLY A 48 4.17 1.90 0.35
CA GLY A 48 4.27 0.61 -0.32
C GLY A 48 4.85 0.67 -1.74
N ARG A 49 4.68 -0.44 -2.48
CA ARG A 49 5.16 -0.67 -3.85
C ARG A 49 4.01 -1.12 -4.75
N LEU A 50 4.03 -0.64 -5.99
CA LEU A 50 2.99 -0.79 -7.01
C LEU A 50 3.24 -1.96 -7.97
N ASP A 51 2.18 -2.36 -8.68
CA ASP A 51 2.22 -3.38 -9.74
C ASP A 51 3.12 -2.98 -10.93
N ASN A 52 3.23 -1.67 -11.21
CA ASN A 52 4.11 -1.16 -12.27
C ASN A 52 5.58 -1.08 -11.81
N GLY A 53 5.81 -0.83 -10.51
CA GLY A 53 7.15 -0.85 -9.89
C GLY A 53 7.51 0.40 -9.08
N GLN A 54 6.65 1.42 -9.10
CA GLN A 54 6.80 2.64 -8.30
C GLN A 54 6.72 2.33 -6.80
N VAL A 55 7.26 3.24 -5.99
CA VAL A 55 7.25 3.17 -4.51
C VAL A 55 6.75 4.51 -3.97
N GLY A 56 5.76 4.49 -3.07
CA GLY A 56 5.11 5.70 -2.57
C GLY A 56 3.98 5.47 -1.56
N LEU A 57 3.48 6.58 -1.01
CA LEU A 57 2.37 6.65 -0.08
C LEU A 57 1.02 6.40 -0.77
N TYR A 58 0.06 5.88 -0.01
CA TYR A 58 -1.33 5.67 -0.40
C TYR A 58 -2.24 5.60 0.86
N PRO A 59 -3.54 5.90 0.75
CA PRO A 59 -4.48 5.77 1.86
C PRO A 59 -4.75 4.28 2.18
N ALA A 60 -4.42 3.84 3.39
CA ALA A 60 -4.66 2.48 3.87
C ALA A 60 -6.15 2.12 3.91
N ASN A 61 -7.05 3.11 3.90
CA ASN A 61 -8.49 2.92 3.84
C ASN A 61 -9.04 2.47 2.47
N TYR A 62 -8.18 2.42 1.44
CA TYR A 62 -8.53 2.00 0.07
C TYR A 62 -8.03 0.59 -0.27
N VAL A 63 -7.60 -0.20 0.73
CA VAL A 63 -7.06 -1.56 0.52
C VAL A 63 -7.52 -2.56 1.60
N GLU A 64 -7.33 -3.86 1.34
CA GLU A 64 -7.57 -4.97 2.27
C GLU A 64 -6.48 -6.06 2.14
N PRO A 65 -6.17 -6.84 3.20
CA PRO A 65 -5.10 -7.84 3.15
C PRO A 65 -5.46 -9.05 2.28
N ILE A 66 -4.46 -9.59 1.59
CA ILE A 66 -4.55 -10.82 0.79
C ILE A 66 -4.09 -12.02 1.63
N GLN A 67 -4.77 -13.17 1.46
CA GLN A 67 -4.57 -14.42 2.21
C GLN A 67 -4.71 -15.64 1.29
N GLY A 1 19.50 -4.75 12.82
CA GLY A 1 18.16 -4.79 13.47
C GLY A 1 18.17 -5.71 14.69
N SER A 2 17.64 -5.22 15.82
CA SER A 2 17.58 -5.95 17.10
C SER A 2 16.57 -7.12 17.13
N ARG A 3 15.60 -7.14 16.20
CA ARG A 3 14.56 -8.18 16.06
C ARG A 3 14.11 -8.34 14.59
N ARG A 4 13.29 -9.37 14.34
CA ARG A 4 12.71 -9.72 13.03
C ARG A 4 11.24 -10.16 13.15
N ALA A 5 10.46 -9.33 13.87
CA ALA A 5 9.03 -9.55 14.13
C ALA A 5 8.12 -9.50 12.88
N SER A 6 8.64 -9.03 11.74
CA SER A 6 7.98 -9.01 10.42
C SER A 6 9.02 -8.98 9.28
N VAL A 7 8.59 -9.29 8.05
CA VAL A 7 9.48 -9.42 6.87
C VAL A 7 9.55 -8.18 5.98
N GLY A 8 8.79 -7.12 6.30
CA GLY A 8 8.83 -5.83 5.60
C GLY A 8 7.99 -5.76 4.31
N SER A 9 7.11 -6.74 4.08
CA SER A 9 6.23 -6.82 2.90
C SER A 9 4.91 -7.54 3.22
N VAL A 10 3.78 -6.89 2.92
CA VAL A 10 2.43 -7.45 3.04
C VAL A 10 1.64 -7.10 1.78
N ARG A 11 1.38 -8.07 0.91
CA ARG A 11 0.54 -7.84 -0.30
C ARG A 11 -0.92 -7.63 0.10
N VAL A 12 -1.56 -6.65 -0.56
CA VAL A 12 -2.91 -6.16 -0.30
C VAL A 12 -3.64 -5.92 -1.62
N ARG A 13 -4.97 -5.85 -1.57
CA ARG A 13 -5.85 -5.63 -2.72
C ARG A 13 -6.51 -4.28 -2.60
N ALA A 14 -6.48 -3.48 -3.66
CA ALA A 14 -7.16 -2.19 -3.72
C ALA A 14 -8.69 -2.35 -3.63
N LEU A 15 -9.30 -1.76 -2.59
CA LEU A 15 -10.75 -1.71 -2.40
C LEU A 15 -11.44 -0.84 -3.47
N TYR A 16 -10.81 0.29 -3.79
CA TYR A 16 -11.34 1.33 -4.70
C TYR A 16 -10.20 1.93 -5.54
N ASP A 17 -10.54 2.69 -6.58
CA ASP A 17 -9.55 3.42 -7.37
C ASP A 17 -8.94 4.61 -6.62
N TYR A 18 -7.67 4.92 -6.92
CA TYR A 18 -6.91 6.05 -6.37
C TYR A 18 -5.89 6.57 -7.39
N GLU A 19 -5.53 7.86 -7.30
CA GLU A 19 -4.55 8.51 -8.16
C GLU A 19 -3.64 9.44 -7.34
N GLY A 20 -2.32 9.22 -7.44
CA GLY A 20 -1.31 9.91 -6.66
C GLY A 20 -1.28 11.43 -6.86
N GLN A 21 -1.01 12.16 -5.78
CA GLN A 21 -1.04 13.62 -5.72
C GLN A 21 0.36 14.26 -5.66
N GLU A 22 1.39 13.44 -5.42
CA GLU A 22 2.80 13.82 -5.29
C GLU A 22 3.72 12.80 -5.97
N GLN A 23 5.01 13.13 -6.12
CA GLN A 23 6.04 12.22 -6.65
C GLN A 23 6.26 10.98 -5.77
N ASP A 24 5.96 11.09 -4.47
CA ASP A 24 6.03 10.00 -3.48
C ASP A 24 4.64 9.33 -3.24
N GLU A 25 3.76 9.32 -4.23
CA GLU A 25 2.45 8.62 -4.20
C GLU A 25 2.25 7.64 -5.38
N LEU A 26 1.24 6.77 -5.26
CA LEU A 26 0.92 5.66 -6.18
C LEU A 26 -0.49 5.83 -6.79
N SER A 27 -0.79 5.07 -7.85
CA SER A 27 -2.06 5.14 -8.59
C SER A 27 -2.52 3.73 -8.98
N PHE A 28 -3.78 3.41 -8.73
CA PHE A 28 -4.35 2.06 -8.94
C PHE A 28 -5.88 2.10 -9.13
N LYS A 29 -6.48 0.94 -9.44
CA LYS A 29 -7.93 0.77 -9.64
C LYS A 29 -8.52 -0.29 -8.70
N ALA A 30 -9.85 -0.27 -8.55
CA ALA A 30 -10.59 -1.25 -7.74
C ALA A 30 -10.28 -2.70 -8.17
N GLY A 31 -9.60 -3.46 -7.31
CA GLY A 31 -9.19 -4.85 -7.55
C GLY A 31 -7.70 -5.06 -7.84
N ASP A 32 -6.90 -3.98 -7.96
CA ASP A 32 -5.44 -4.08 -8.20
C ASP A 32 -4.68 -4.69 -7.01
N GLU A 33 -3.43 -5.12 -7.25
CA GLU A 33 -2.55 -5.73 -6.24
C GLU A 33 -1.30 -4.87 -6.02
N LEU A 34 -0.93 -4.67 -4.75
CA LEU A 34 0.22 -3.85 -4.32
C LEU A 34 0.82 -4.39 -3.02
N THR A 35 2.03 -3.95 -2.68
CA THR A 35 2.82 -4.47 -1.55
C THR A 35 3.05 -3.39 -0.48
N LYS A 36 2.36 -3.48 0.66
CA LYS A 36 2.58 -2.60 1.82
C LYS A 36 3.97 -2.83 2.39
N MET A 37 4.69 -1.74 2.70
CA MET A 37 6.07 -1.73 3.23
C MET A 37 6.18 -0.99 4.57
N GLU A 38 5.18 -0.17 4.91
CA GLU A 38 5.05 0.55 6.16
C GLU A 38 3.54 0.71 6.50
N ASN A 39 3.18 0.30 7.71
CA ASN A 39 1.80 0.24 8.19
C ASN A 39 1.15 1.62 8.43
N GLU A 40 -0.16 1.63 8.67
CA GLU A 40 -0.99 2.83 8.89
C GLU A 40 -0.41 3.80 9.93
N ASP A 41 -0.16 5.03 9.50
CA ASP A 41 0.26 6.18 10.31
C ASP A 41 -0.98 6.86 10.96
N GLU A 42 -0.75 7.80 11.88
CA GLU A 42 -1.81 8.52 12.61
C GLU A 42 -2.82 9.27 11.71
N GLN A 43 -2.43 9.61 10.47
CA GLN A 43 -3.30 10.23 9.46
C GLN A 43 -4.18 9.23 8.68
N GLY A 44 -3.96 7.92 8.81
CA GLY A 44 -4.65 6.88 8.06
C GLY A 44 -4.05 6.64 6.65
N TRP A 45 -2.72 6.65 6.55
CA TRP A 45 -1.95 6.43 5.31
C TRP A 45 -0.91 5.32 5.49
N CYS A 46 -0.60 4.61 4.41
CA CYS A 46 0.44 3.58 4.32
C CYS A 46 1.45 3.94 3.23
N LYS A 47 2.58 3.23 3.20
CA LYS A 47 3.60 3.34 2.14
C LYS A 47 3.92 1.94 1.63
N GLY A 48 3.92 1.78 0.32
CA GLY A 48 4.16 0.51 -0.36
C GLY A 48 4.74 0.62 -1.77
N ARG A 49 4.70 -0.50 -2.50
CA ARG A 49 5.18 -0.70 -3.87
C ARG A 49 4.06 -1.18 -4.80
N LEU A 50 4.07 -0.68 -6.02
CA LEU A 50 3.04 -0.86 -7.04
C LEU A 50 3.34 -2.00 -8.02
N ASP A 51 2.32 -2.45 -8.74
CA ASP A 51 2.43 -3.45 -9.82
C ASP A 51 3.29 -2.95 -11.00
N ASN A 52 3.30 -1.62 -11.24
CA ASN A 52 4.15 -0.99 -12.26
C ASN A 52 5.64 -0.93 -11.81
N GLY A 53 5.87 -0.73 -10.51
CA GLY A 53 7.21 -0.74 -9.88
C GLY A 53 7.53 0.52 -9.07
N GLN A 54 6.65 1.51 -9.07
CA GLN A 54 6.75 2.72 -8.26
C GLN A 54 6.67 2.39 -6.76
N VAL A 55 7.18 3.29 -5.92
CA VAL A 55 7.14 3.19 -4.44
C VAL A 55 6.60 4.51 -3.89
N GLY A 56 5.58 4.46 -3.03
CA GLY A 56 4.90 5.66 -2.55
C GLY A 56 3.76 5.42 -1.55
N LEU A 57 3.25 6.54 -1.04
CA LEU A 57 2.12 6.63 -0.11
C LEU A 57 0.77 6.41 -0.80
N TYR A 58 -0.20 5.92 -0.03
CA TYR A 58 -1.60 5.75 -0.42
C TYR A 58 -2.52 5.63 0.85
N PRO A 59 -3.84 5.82 0.75
CA PRO A 59 -4.73 5.76 1.91
C PRO A 59 -4.79 4.35 2.52
N ALA A 60 -4.61 4.23 3.83
CA ALA A 60 -4.67 2.94 4.54
C ALA A 60 -6.05 2.26 4.45
N ASN A 61 -7.10 3.03 4.16
CA ASN A 61 -8.49 2.59 4.07
C ASN A 61 -9.00 2.37 2.62
N TYR A 62 -8.09 2.34 1.64
CA TYR A 62 -8.37 2.03 0.23
C TYR A 62 -7.84 0.65 -0.19
N VAL A 63 -7.44 -0.20 0.79
CA VAL A 63 -6.94 -1.57 0.56
C VAL A 63 -7.41 -2.57 1.62
N GLU A 64 -7.24 -3.87 1.35
CA GLU A 64 -7.52 -4.98 2.28
C GLU A 64 -6.46 -6.11 2.14
N PRO A 65 -6.17 -6.90 3.19
CA PRO A 65 -5.14 -7.94 3.15
C PRO A 65 -5.55 -9.14 2.29
N ILE A 66 -4.66 -9.58 1.39
CA ILE A 66 -4.85 -10.79 0.57
C ILE A 66 -4.59 -12.02 1.45
N GLN A 67 -5.44 -13.05 1.29
CA GLN A 67 -5.48 -14.29 2.07
C GLN A 67 -5.80 -15.51 1.19
N GLY A 1 -10.61 -12.32 9.34
CA GLY A 1 -9.59 -11.59 10.12
C GLY A 1 -8.21 -11.69 9.50
N SER A 2 -7.22 -11.05 10.13
CA SER A 2 -5.79 -11.08 9.75
C SER A 2 -4.86 -10.82 10.94
N ARG A 3 -3.55 -11.08 10.78
CA ARG A 3 -2.51 -10.84 11.80
C ARG A 3 -2.34 -9.35 12.11
N ARG A 4 -2.02 -9.04 13.38
CA ARG A 4 -1.79 -7.66 13.89
C ARG A 4 -0.42 -7.08 13.53
N ALA A 5 0.53 -7.93 13.13
CA ALA A 5 1.91 -7.56 12.79
C ALA A 5 2.53 -8.50 11.73
N SER A 6 3.74 -8.17 11.27
CA SER A 6 4.53 -8.95 10.30
C SER A 6 6.04 -8.86 10.57
N VAL A 7 6.84 -9.60 9.78
CA VAL A 7 8.32 -9.58 9.78
C VAL A 7 8.90 -9.14 8.42
N GLY A 8 8.05 -8.58 7.57
CA GLY A 8 8.35 -8.16 6.19
C GLY A 8 7.12 -7.56 5.49
N SER A 9 7.21 -7.41 4.16
CA SER A 9 6.13 -6.93 3.28
C SER A 9 4.81 -7.71 3.40
N VAL A 10 3.71 -7.00 3.12
CA VAL A 10 2.34 -7.50 3.20
C VAL A 10 1.60 -7.11 1.93
N ARG A 11 1.41 -8.08 1.02
CA ARG A 11 0.61 -7.89 -0.20
C ARG A 11 -0.85 -7.56 0.16
N VAL A 12 -1.46 -6.63 -0.57
CA VAL A 12 -2.83 -6.13 -0.33
C VAL A 12 -3.52 -5.88 -1.66
N ARG A 13 -4.86 -5.87 -1.64
CA ARG A 13 -5.74 -5.70 -2.80
C ARG A 13 -6.50 -4.39 -2.67
N ALA A 14 -6.53 -3.60 -3.74
CA ALA A 14 -7.24 -2.33 -3.78
C ALA A 14 -8.77 -2.52 -3.71
N LEU A 15 -9.41 -1.99 -2.67
CA LEU A 15 -10.87 -1.96 -2.50
C LEU A 15 -11.55 -1.09 -3.56
N TYR A 16 -10.96 0.06 -3.84
CA TYR A 16 -11.45 1.09 -4.77
C TYR A 16 -10.27 1.77 -5.49
N ASP A 17 -10.55 2.54 -6.55
CA ASP A 17 -9.53 3.32 -7.25
C ASP A 17 -8.93 4.48 -6.42
N TYR A 18 -7.67 4.82 -6.72
CA TYR A 18 -6.95 5.96 -6.14
C TYR A 18 -5.95 6.57 -7.15
N GLU A 19 -5.65 7.86 -7.01
CA GLU A 19 -4.72 8.60 -7.87
C GLU A 19 -3.79 9.52 -7.04
N GLY A 20 -2.49 9.28 -7.15
CA GLY A 20 -1.46 9.98 -6.37
C GLY A 20 -1.39 11.49 -6.65
N GLN A 21 -1.01 12.25 -5.64
CA GLN A 21 -1.00 13.73 -5.66
C GLN A 21 0.41 14.34 -5.64
N GLU A 22 1.44 13.55 -5.36
CA GLU A 22 2.86 13.94 -5.37
C GLU A 22 3.76 12.84 -5.99
N GLN A 23 5.04 13.14 -6.21
CA GLN A 23 6.04 12.19 -6.73
C GLN A 23 6.32 11.00 -5.79
N ASP A 24 5.95 11.11 -4.51
CA ASP A 24 6.05 10.05 -3.49
C ASP A 24 4.69 9.38 -3.23
N GLU A 25 3.75 9.39 -4.20
CA GLU A 25 2.46 8.70 -4.14
C GLU A 25 2.24 7.73 -5.33
N LEU A 26 1.28 6.81 -5.17
CA LEU A 26 0.92 5.73 -6.11
C LEU A 26 -0.50 5.91 -6.66
N SER A 27 -0.84 5.17 -7.73
CA SER A 27 -2.14 5.22 -8.41
C SER A 27 -2.56 3.82 -8.86
N PHE A 28 -3.80 3.44 -8.56
CA PHE A 28 -4.34 2.11 -8.82
C PHE A 28 -5.86 2.12 -9.02
N LYS A 29 -6.43 0.98 -9.44
CA LYS A 29 -7.87 0.80 -9.67
C LYS A 29 -8.46 -0.26 -8.74
N ALA A 30 -9.78 -0.27 -8.62
CA ALA A 30 -10.53 -1.28 -7.85
C ALA A 30 -10.17 -2.70 -8.33
N GLY A 31 -9.61 -3.52 -7.43
CA GLY A 31 -9.15 -4.88 -7.70
C GLY A 31 -7.67 -5.01 -8.11
N ASP A 32 -6.87 -3.93 -8.13
CA ASP A 32 -5.43 -4.01 -8.39
C ASP A 32 -4.66 -4.62 -7.18
N GLU A 33 -3.39 -4.93 -7.37
CA GLU A 33 -2.48 -5.47 -6.34
C GLU A 33 -1.36 -4.47 -6.03
N LEU A 34 -1.00 -4.38 -4.75
CA LEU A 34 0.13 -3.58 -4.25
C LEU A 34 0.76 -4.25 -3.01
N THR A 35 1.90 -3.74 -2.56
CA THR A 35 2.74 -4.32 -1.51
C THR A 35 3.04 -3.32 -0.39
N LYS A 36 2.47 -3.49 0.81
CA LYS A 36 2.75 -2.61 1.95
C LYS A 36 4.20 -2.79 2.45
N MET A 37 4.86 -1.68 2.77
CA MET A 37 6.25 -1.59 3.25
C MET A 37 6.38 -0.83 4.58
N GLU A 38 5.37 -0.02 4.92
CA GLU A 38 5.25 0.71 6.17
C GLU A 38 3.76 0.86 6.54
N ASN A 39 3.43 0.49 7.78
CA ASN A 39 2.05 0.42 8.30
C ASN A 39 1.37 1.79 8.51
N GLU A 40 0.06 1.76 8.79
CA GLU A 40 -0.82 2.92 8.95
C GLU A 40 -0.31 3.98 9.95
N ASP A 41 -0.13 5.20 9.44
CA ASP A 41 0.27 6.40 10.17
C ASP A 41 -0.89 7.03 10.98
N GLU A 42 -0.59 8.10 11.72
CA GLU A 42 -1.52 8.90 12.54
C GLU A 42 -2.69 9.54 11.76
N GLN A 43 -2.62 9.57 10.42
CA GLN A 43 -3.65 10.12 9.52
C GLN A 43 -4.24 9.07 8.55
N GLY A 44 -3.92 7.78 8.74
CA GLY A 44 -4.48 6.67 7.96
C GLY A 44 -3.77 6.40 6.62
N TRP A 45 -2.49 6.77 6.50
CA TRP A 45 -1.68 6.53 5.30
C TRP A 45 -0.67 5.39 5.50
N CYS A 46 -0.38 4.66 4.43
CA CYS A 46 0.63 3.60 4.35
C CYS A 46 1.64 3.95 3.26
N LYS A 47 2.79 3.27 3.24
CA LYS A 47 3.79 3.40 2.18
C LYS A 47 4.09 2.00 1.65
N GLY A 48 4.07 1.84 0.33
CA GLY A 48 4.22 0.55 -0.34
C GLY A 48 4.76 0.63 -1.77
N ARG A 49 4.65 -0.48 -2.50
CA ARG A 49 5.08 -0.67 -3.89
C ARG A 49 3.94 -1.14 -4.79
N LEU A 50 3.91 -0.63 -6.01
CA LEU A 50 2.86 -0.80 -7.01
C LEU A 50 3.09 -1.98 -7.97
N ASP A 51 2.02 -2.35 -8.70
CA ASP A 51 2.07 -3.36 -9.76
C ASP A 51 3.00 -2.97 -10.93
N ASN A 52 3.14 -1.67 -11.23
CA ASN A 52 4.09 -1.18 -12.23
C ASN A 52 5.53 -1.12 -11.71
N GLY A 53 5.71 -0.95 -10.39
CA GLY A 53 7.01 -0.99 -9.70
C GLY A 53 7.37 0.28 -8.94
N GLN A 54 6.59 1.36 -9.06
CA GLN A 54 6.77 2.60 -8.29
C GLN A 54 6.61 2.35 -6.79
N VAL A 55 7.24 3.20 -5.97
CA VAL A 55 7.20 3.14 -4.49
C VAL A 55 6.67 4.49 -3.96
N GLY A 56 5.68 4.46 -3.08
CA GLY A 56 5.01 5.66 -2.57
C GLY A 56 3.89 5.42 -1.57
N LEU A 57 3.37 6.54 -1.05
CA LEU A 57 2.27 6.63 -0.10
C LEU A 57 0.91 6.37 -0.77
N TYR A 58 -0.04 5.85 0.03
CA TYR A 58 -1.43 5.62 -0.35
C TYR A 58 -2.33 5.54 0.91
N PRO A 59 -3.64 5.81 0.82
CA PRO A 59 -4.56 5.70 1.96
C PRO A 59 -4.84 4.24 2.32
N ALA A 60 -4.68 3.88 3.60
CA ALA A 60 -4.95 2.54 4.13
C ALA A 60 -6.42 2.10 3.97
N ASN A 61 -7.35 3.07 3.86
CA ASN A 61 -8.79 2.83 3.75
C ASN A 61 -9.25 2.34 2.36
N TYR A 62 -8.34 2.28 1.39
CA TYR A 62 -8.60 1.87 0.01
C TYR A 62 -8.04 0.47 -0.31
N VAL A 63 -7.64 -0.31 0.71
CA VAL A 63 -7.05 -1.66 0.51
C VAL A 63 -7.51 -2.69 1.55
N GLU A 64 -7.28 -3.97 1.27
CA GLU A 64 -7.53 -5.12 2.18
C GLU A 64 -6.42 -6.19 2.04
N PRO A 65 -6.11 -6.98 3.08
CA PRO A 65 -5.02 -7.96 3.04
C PRO A 65 -5.34 -9.18 2.15
N ILE A 66 -4.32 -9.69 1.46
CA ILE A 66 -4.39 -10.92 0.65
C ILE A 66 -3.87 -12.09 1.49
N GLN A 67 -4.60 -13.21 1.46
CA GLN A 67 -4.39 -14.43 2.26
C GLN A 67 -4.73 -15.70 1.46
N GLY A 1 11.18 -21.44 15.43
CA GLY A 1 10.45 -20.63 14.44
C GLY A 1 9.99 -21.47 13.26
N SER A 2 8.75 -21.23 12.79
CA SER A 2 8.08 -22.01 11.72
C SER A 2 7.32 -21.16 10.68
N ARG A 3 7.44 -19.82 10.73
CA ARG A 3 6.74 -18.89 9.81
C ARG A 3 7.19 -18.98 8.34
N ARG A 4 8.41 -19.50 8.09
CA ARG A 4 9.03 -19.71 6.75
C ARG A 4 9.02 -18.47 5.84
N ALA A 5 9.19 -17.29 6.44
CA ALA A 5 9.29 -15.98 5.79
C ALA A 5 10.11 -14.98 6.61
N SER A 6 10.63 -13.93 5.96
CA SER A 6 11.37 -12.81 6.56
C SER A 6 11.44 -11.56 5.64
N VAL A 7 10.48 -11.42 4.71
CA VAL A 7 10.50 -10.36 3.67
C VAL A 7 9.89 -9.02 4.07
N GLY A 8 9.37 -8.89 5.30
CA GLY A 8 8.84 -7.63 5.87
C GLY A 8 7.87 -6.86 4.96
N SER A 9 7.03 -7.59 4.22
CA SER A 9 6.12 -7.09 3.18
C SER A 9 4.76 -7.76 3.26
N VAL A 10 3.68 -7.01 2.98
CA VAL A 10 2.29 -7.46 3.07
C VAL A 10 1.51 -7.06 1.82
N ARG A 11 1.34 -8.01 0.90
CA ARG A 11 0.51 -7.83 -0.30
C ARG A 11 -0.97 -7.61 0.05
N VAL A 12 -1.61 -6.68 -0.65
CA VAL A 12 -2.98 -6.21 -0.41
C VAL A 12 -3.68 -5.91 -1.75
N ARG A 13 -5.01 -5.94 -1.75
CA ARG A 13 -5.86 -5.70 -2.91
C ARG A 13 -6.58 -4.36 -2.76
N ALA A 14 -6.56 -3.54 -3.81
CA ALA A 14 -7.25 -2.25 -3.82
C ALA A 14 -8.78 -2.43 -3.77
N LEU A 15 -9.41 -1.87 -2.74
CA LEU A 15 -10.88 -1.83 -2.57
C LEU A 15 -11.55 -0.97 -3.65
N TYR A 16 -10.92 0.17 -3.96
CA TYR A 16 -11.43 1.19 -4.88
C TYR A 16 -10.27 1.82 -5.69
N ASP A 17 -10.60 2.55 -6.76
CA ASP A 17 -9.61 3.30 -7.53
C ASP A 17 -9.05 4.51 -6.76
N TYR A 18 -7.79 4.86 -7.04
CA TYR A 18 -7.08 5.99 -6.43
C TYR A 18 -6.01 6.57 -7.37
N GLU A 19 -5.64 7.83 -7.18
CA GLU A 19 -4.61 8.53 -7.97
C GLU A 19 -3.76 9.46 -7.08
N GLY A 20 -2.45 9.24 -7.09
CA GLY A 20 -1.47 9.96 -6.28
C GLY A 20 -1.27 11.42 -6.69
N GLN A 21 -0.82 12.24 -5.74
CA GLN A 21 -0.67 13.70 -5.88
C GLN A 21 0.79 14.16 -6.11
N GLU A 22 1.77 13.30 -5.79
CA GLU A 22 3.22 13.57 -5.87
C GLU A 22 4.01 12.31 -6.28
N GLN A 23 5.31 12.45 -6.53
CA GLN A 23 6.22 11.34 -6.85
C GLN A 23 6.31 10.27 -5.74
N ASP A 24 6.06 10.66 -4.48
CA ASP A 24 6.01 9.77 -3.31
C ASP A 24 4.58 9.24 -3.02
N GLU A 25 3.69 9.20 -4.01
CA GLU A 25 2.33 8.62 -3.93
C GLU A 25 2.05 7.65 -5.09
N LEU A 26 1.08 6.75 -4.90
CA LEU A 26 0.73 5.66 -5.82
C LEU A 26 -0.67 5.84 -6.45
N SER A 27 -0.90 5.15 -7.57
CA SER A 27 -2.14 5.23 -8.36
C SER A 27 -2.55 3.82 -8.81
N PHE A 28 -3.82 3.46 -8.60
CA PHE A 28 -4.33 2.11 -8.85
C PHE A 28 -5.85 2.11 -9.12
N LYS A 29 -6.40 0.95 -9.50
CA LYS A 29 -7.83 0.73 -9.79
C LYS A 29 -8.46 -0.27 -8.82
N ALA A 30 -9.79 -0.29 -8.76
CA ALA A 30 -10.54 -1.27 -7.97
C ALA A 30 -10.19 -2.71 -8.41
N GLY A 31 -9.63 -3.50 -7.49
CA GLY A 31 -9.17 -4.88 -7.75
C GLY A 31 -7.70 -5.01 -8.16
N ASP A 32 -6.90 -3.93 -8.17
CA ASP A 32 -5.45 -4.00 -8.43
C ASP A 32 -4.69 -4.58 -7.22
N GLU A 33 -3.38 -4.83 -7.39
CA GLU A 33 -2.48 -5.34 -6.36
C GLU A 33 -1.36 -4.34 -6.01
N LEU A 34 -1.01 -4.29 -4.74
CA LEU A 34 0.11 -3.52 -4.20
C LEU A 34 0.66 -4.17 -2.92
N THR A 35 1.81 -3.70 -2.44
CA THR A 35 2.56 -4.31 -1.31
C THR A 35 2.89 -3.26 -0.25
N LYS A 36 2.36 -3.39 0.96
CA LYS A 36 2.72 -2.52 2.10
C LYS A 36 4.15 -2.80 2.55
N MET A 37 4.90 -1.74 2.86
CA MET A 37 6.31 -1.79 3.28
C MET A 37 6.58 -1.03 4.60
N GLU A 38 5.63 -0.23 5.07
CA GLU A 38 5.68 0.47 6.35
C GLU A 38 4.25 0.71 6.89
N ASN A 39 4.06 0.56 8.21
CA ASN A 39 2.77 0.72 8.89
C ASN A 39 2.19 2.14 8.71
N GLU A 40 0.85 2.25 8.75
CA GLU A 40 0.15 3.50 8.49
C GLU A 40 0.40 4.61 9.53
N ASP A 41 0.43 5.86 9.06
CA ASP A 41 0.55 7.08 9.88
C ASP A 41 -0.72 7.31 10.75
N GLU A 42 -0.64 8.31 11.63
CA GLU A 42 -1.75 8.77 12.48
C GLU A 42 -2.96 9.26 11.65
N GLN A 43 -2.71 9.78 10.45
CA GLN A 43 -3.73 10.20 9.48
C GLN A 43 -4.33 9.04 8.66
N GLY A 44 -3.83 7.80 8.82
CA GLY A 44 -4.32 6.61 8.11
C GLY A 44 -3.75 6.49 6.68
N TRP A 45 -2.44 6.71 6.53
CA TRP A 45 -1.70 6.61 5.25
C TRP A 45 -0.59 5.56 5.34
N CYS A 46 -0.70 4.49 4.55
CA CYS A 46 0.31 3.44 4.40
C CYS A 46 1.39 3.89 3.41
N LYS A 47 2.52 3.18 3.36
CA LYS A 47 3.58 3.36 2.36
C LYS A 47 3.97 1.99 1.81
N GLY A 48 3.97 1.86 0.49
CA GLY A 48 4.20 0.58 -0.19
C GLY A 48 4.71 0.70 -1.62
N ARG A 49 4.59 -0.41 -2.36
CA ARG A 49 5.07 -0.63 -3.73
C ARG A 49 3.95 -1.13 -4.63
N LEU A 50 3.95 -0.68 -5.88
CA LEU A 50 2.91 -0.88 -6.88
C LEU A 50 3.19 -1.99 -7.90
N ASP A 51 2.14 -2.44 -8.59
CA ASP A 51 2.23 -3.41 -9.69
C ASP A 51 3.07 -2.89 -10.88
N ASN A 52 3.06 -1.57 -11.11
CA ASN A 52 3.90 -0.92 -12.14
C ASN A 52 5.38 -0.89 -11.70
N GLY A 53 5.62 -0.66 -10.40
CA GLY A 53 6.96 -0.67 -9.79
C GLY A 53 7.29 0.60 -9.00
N GLN A 54 6.37 1.58 -8.97
CA GLN A 54 6.47 2.80 -8.18
C GLN A 54 6.46 2.48 -6.67
N VAL A 55 6.93 3.42 -5.86
CA VAL A 55 6.97 3.32 -4.38
C VAL A 55 6.43 4.62 -3.80
N GLY A 56 5.45 4.53 -2.89
CA GLY A 56 4.78 5.71 -2.36
C GLY A 56 3.68 5.47 -1.32
N LEU A 57 3.18 6.57 -0.78
CA LEU A 57 2.06 6.66 0.14
C LEU A 57 0.71 6.39 -0.55
N TYR A 58 -0.23 5.84 0.21
CA TYR A 58 -1.61 5.59 -0.21
C TYR A 58 -2.55 5.43 1.02
N PRO A 59 -3.88 5.58 0.88
CA PRO A 59 -4.80 5.50 2.02
C PRO A 59 -4.89 4.09 2.59
N ALA A 60 -4.79 3.95 3.92
CA ALA A 60 -4.95 2.67 4.63
C ALA A 60 -6.36 2.04 4.48
N ASN A 61 -7.37 2.86 4.12
CA ASN A 61 -8.77 2.44 4.01
C ASN A 61 -9.25 2.22 2.55
N TYR A 62 -8.31 2.18 1.60
CA TYR A 62 -8.56 1.88 0.18
C TYR A 62 -8.04 0.50 -0.24
N VAL A 63 -7.66 -0.36 0.71
CA VAL A 63 -7.13 -1.71 0.46
C VAL A 63 -7.63 -2.76 1.47
N GLU A 64 -7.43 -4.05 1.17
CA GLU A 64 -7.74 -5.19 2.04
C GLU A 64 -6.66 -6.30 1.89
N PRO A 65 -6.40 -7.14 2.91
CA PRO A 65 -5.37 -8.17 2.83
C PRO A 65 -5.73 -9.31 1.88
N ILE A 66 -4.75 -9.76 1.08
CA ILE A 66 -4.89 -10.91 0.17
C ILE A 66 -4.73 -12.22 0.98
N GLN A 67 -5.50 -13.24 0.60
CA GLN A 67 -5.63 -14.55 1.27
C GLN A 67 -5.73 -15.69 0.23
N GLY A 1 20.77 -4.82 9.35
CA GLY A 1 19.41 -4.50 8.85
C GLY A 1 19.06 -3.05 9.09
N SER A 2 18.64 -2.34 8.03
CA SER A 2 18.32 -0.89 8.07
C SER A 2 17.08 -0.53 8.90
N ARG A 3 16.18 -1.50 9.14
CA ARG A 3 14.92 -1.37 9.92
C ARG A 3 14.67 -2.60 10.80
N ARG A 4 13.83 -2.45 11.83
CA ARG A 4 13.46 -3.50 12.81
C ARG A 4 11.96 -3.58 13.13
N ALA A 5 11.12 -2.86 12.38
CA ALA A 5 9.66 -2.86 12.52
C ALA A 5 9.00 -4.22 12.19
N SER A 6 7.73 -4.39 12.58
CA SER A 6 6.92 -5.60 12.33
C SER A 6 6.38 -5.73 10.89
N VAL A 7 6.92 -4.92 9.95
CA VAL A 7 6.49 -4.80 8.54
C VAL A 7 7.69 -4.70 7.59
N GLY A 8 7.46 -4.95 6.30
CA GLY A 8 8.48 -4.89 5.24
C GLY A 8 7.94 -5.23 3.85
N SER A 9 7.03 -6.21 3.76
CA SER A 9 6.28 -6.58 2.54
C SER A 9 5.06 -7.42 2.89
N VAL A 10 3.87 -6.83 2.73
CA VAL A 10 2.56 -7.45 2.94
C VAL A 10 1.69 -7.15 1.73
N ARG A 11 1.37 -8.18 0.93
CA ARG A 11 0.52 -8.03 -0.27
C ARG A 11 -0.92 -7.69 0.13
N VAL A 12 -1.52 -6.73 -0.59
CA VAL A 12 -2.87 -6.20 -0.35
C VAL A 12 -3.56 -5.94 -1.70
N ARG A 13 -4.89 -5.92 -1.69
CA ARG A 13 -5.73 -5.69 -2.88
C ARG A 13 -6.45 -4.36 -2.74
N ALA A 14 -6.43 -3.55 -3.80
CA ALA A 14 -7.16 -2.29 -3.88
C ALA A 14 -8.69 -2.51 -3.84
N LEU A 15 -9.36 -1.94 -2.83
CA LEU A 15 -10.82 -1.94 -2.69
C LEU A 15 -11.51 -1.10 -3.77
N TYR A 16 -10.92 0.07 -4.07
CA TYR A 16 -11.46 1.07 -4.98
C TYR A 16 -10.37 1.81 -5.77
N ASP A 17 -10.76 2.60 -6.78
CA ASP A 17 -9.85 3.49 -7.52
C ASP A 17 -9.21 4.57 -6.63
N TYR A 18 -7.95 4.88 -6.93
CA TYR A 18 -7.18 5.95 -6.29
C TYR A 18 -6.13 6.55 -7.24
N GLU A 19 -5.81 7.84 -7.04
CA GLU A 19 -4.85 8.61 -7.84
C GLU A 19 -3.96 9.50 -6.94
N GLY A 20 -2.68 9.16 -6.85
CA GLY A 20 -1.65 9.92 -6.12
C GLY A 20 -1.52 11.37 -6.59
N GLN A 21 -1.05 12.24 -5.69
CA GLN A 21 -0.98 13.70 -5.91
C GLN A 21 0.45 14.29 -5.93
N GLU A 22 1.45 13.51 -5.53
CA GLU A 22 2.88 13.89 -5.53
C GLU A 22 3.78 12.75 -6.04
N GLN A 23 5.08 13.03 -6.23
CA GLN A 23 6.09 12.08 -6.73
C GLN A 23 6.36 10.90 -5.78
N ASP A 24 5.98 11.02 -4.50
CA ASP A 24 6.06 9.97 -3.47
C ASP A 24 4.67 9.39 -3.15
N GLU A 25 3.73 9.39 -4.11
CA GLU A 25 2.40 8.78 -4.00
C GLU A 25 2.11 7.80 -5.17
N LEU A 26 1.16 6.89 -4.97
CA LEU A 26 0.80 5.78 -5.88
C LEU A 26 -0.65 5.86 -6.39
N SER A 27 -0.97 5.11 -7.44
CA SER A 27 -2.28 5.09 -8.11
C SER A 27 -2.66 3.69 -8.58
N PHE A 28 -3.93 3.34 -8.46
CA PHE A 28 -4.45 1.99 -8.76
C PHE A 28 -5.97 2.00 -9.01
N LYS A 29 -6.51 0.87 -9.48
CA LYS A 29 -7.93 0.62 -9.72
C LYS A 29 -8.48 -0.48 -8.82
N ALA A 30 -9.80 -0.51 -8.67
CA ALA A 30 -10.52 -1.55 -7.93
C ALA A 30 -10.14 -2.96 -8.41
N GLY A 31 -9.54 -3.76 -7.51
CA GLY A 31 -9.09 -5.13 -7.77
C GLY A 31 -7.60 -5.29 -8.08
N ASP A 32 -6.82 -4.20 -8.18
CA ASP A 32 -5.36 -4.26 -8.39
C ASP A 32 -4.62 -4.80 -7.16
N GLU A 33 -3.42 -5.37 -7.38
CA GLU A 33 -2.52 -5.83 -6.31
C GLU A 33 -1.39 -4.81 -6.08
N LEU A 34 -1.04 -4.62 -4.81
CA LEU A 34 0.08 -3.80 -4.36
C LEU A 34 0.69 -4.39 -3.07
N THR A 35 1.77 -3.80 -2.56
CA THR A 35 2.54 -4.32 -1.41
C THR A 35 2.80 -3.25 -0.35
N LYS A 36 2.20 -3.38 0.83
CA LYS A 36 2.50 -2.49 1.98
C LYS A 36 3.92 -2.77 2.46
N MET A 37 4.69 -1.72 2.78
CA MET A 37 6.08 -1.82 3.25
C MET A 37 6.32 -1.07 4.57
N GLU A 38 5.41 -0.19 4.96
CA GLU A 38 5.41 0.56 6.22
C GLU A 38 3.96 0.85 6.65
N ASN A 39 3.71 0.75 7.96
CA ASN A 39 2.40 0.86 8.61
C ASN A 39 1.68 2.22 8.42
N GLU A 40 0.39 2.22 8.77
CA GLU A 40 -0.46 3.42 8.80
C GLU A 40 0.11 4.49 9.75
N ASP A 41 0.18 5.73 9.29
CA ASP A 41 0.63 6.90 10.03
C ASP A 41 -0.42 7.45 11.05
N GLU A 42 -0.17 8.64 11.60
CA GLU A 42 -1.06 9.33 12.55
C GLU A 42 -2.44 9.77 11.99
N GLN A 43 -2.71 9.60 10.68
CA GLN A 43 -3.93 10.08 10.02
C GLN A 43 -4.66 8.99 9.21
N GLY A 44 -3.96 8.07 8.56
CA GLY A 44 -4.54 6.96 7.78
C GLY A 44 -3.78 6.57 6.51
N TRP A 45 -2.48 6.86 6.41
CA TRP A 45 -1.67 6.65 5.21
C TRP A 45 -0.56 5.60 5.44
N CYS A 46 -0.48 4.62 4.56
CA CYS A 46 0.58 3.61 4.52
C CYS A 46 1.60 3.99 3.42
N LYS A 47 2.75 3.31 3.40
CA LYS A 47 3.75 3.45 2.34
C LYS A 47 4.07 2.06 1.80
N GLY A 48 3.98 1.91 0.48
CA GLY A 48 4.13 0.63 -0.21
C GLY A 48 4.73 0.71 -1.60
N ARG A 49 4.59 -0.38 -2.35
CA ARG A 49 5.12 -0.62 -3.70
C ARG A 49 4.00 -1.11 -4.63
N LEU A 50 4.01 -0.59 -5.86
CA LEU A 50 2.98 -0.75 -6.87
C LEU A 50 3.24 -1.89 -7.87
N ASP A 51 2.20 -2.29 -8.60
CA ASP A 51 2.28 -3.29 -9.68
C ASP A 51 3.18 -2.83 -10.84
N ASN A 52 3.25 -1.52 -11.10
CA ASN A 52 4.16 -0.93 -12.10
C ASN A 52 5.62 -0.96 -11.61
N GLY A 53 5.81 -0.78 -10.29
CA GLY A 53 7.11 -0.87 -9.61
C GLY A 53 7.50 0.39 -8.84
N GLN A 54 6.64 1.42 -8.89
CA GLN A 54 6.78 2.66 -8.13
C GLN A 54 6.67 2.39 -6.62
N VAL A 55 7.18 3.32 -5.81
CA VAL A 55 7.17 3.26 -4.33
C VAL A 55 6.65 4.60 -3.79
N GLY A 56 5.68 4.55 -2.88
CA GLY A 56 5.01 5.76 -2.38
C GLY A 56 3.88 5.53 -1.37
N LEU A 57 3.37 6.65 -0.85
CA LEU A 57 2.25 6.73 0.07
C LEU A 57 0.89 6.48 -0.62
N TYR A 58 -0.04 5.92 0.14
CA TYR A 58 -1.44 5.70 -0.27
C TYR A 58 -2.35 5.59 0.98
N PRO A 59 -3.66 5.89 0.87
CA PRO A 59 -4.59 5.77 1.99
C PRO A 59 -4.87 4.30 2.33
N ALA A 60 -4.69 3.92 3.59
CA ALA A 60 -4.94 2.56 4.10
C ALA A 60 -6.41 2.11 3.94
N ASN A 61 -7.34 3.07 3.81
CA ASN A 61 -8.78 2.83 3.69
C ASN A 61 -9.25 2.40 2.28
N TYR A 62 -8.33 2.32 1.31
CA TYR A 62 -8.60 1.93 -0.08
C TYR A 62 -8.05 0.53 -0.42
N VAL A 63 -7.65 -0.27 0.59
CA VAL A 63 -7.08 -1.62 0.39
C VAL A 63 -7.55 -2.65 1.44
N GLU A 64 -7.31 -3.94 1.17
CA GLU A 64 -7.59 -5.08 2.08
C GLU A 64 -6.49 -6.16 1.96
N PRO A 65 -6.21 -6.97 3.01
CA PRO A 65 -5.19 -8.01 2.96
C PRO A 65 -5.59 -9.18 2.05
N ILE A 66 -4.59 -9.76 1.36
CA ILE A 66 -4.73 -10.96 0.52
C ILE A 66 -4.38 -12.21 1.35
N GLN A 67 -5.13 -13.30 1.17
CA GLN A 67 -5.02 -14.56 1.90
C GLN A 67 -5.21 -15.77 0.97
N GLY A 1 5.40 -17.78 6.83
CA GLY A 1 5.19 -16.74 7.85
C GLY A 1 3.84 -16.87 8.52
N SER A 2 3.04 -15.79 8.55
CA SER A 2 1.66 -15.73 9.07
C SER A 2 1.49 -16.12 10.56
N ARG A 3 2.56 -16.04 11.36
CA ARG A 3 2.59 -16.40 12.80
C ARG A 3 3.24 -15.33 13.71
N ARG A 4 3.41 -14.10 13.17
CA ARG A 4 4.00 -12.91 13.83
C ARG A 4 5.44 -13.10 14.38
N ALA A 5 6.16 -14.13 13.93
CA ALA A 5 7.56 -14.39 14.29
C ALA A 5 8.57 -13.41 13.63
N SER A 6 8.15 -12.71 12.57
CA SER A 6 8.95 -11.76 11.79
C SER A 6 8.06 -10.67 11.14
N VAL A 7 8.70 -9.70 10.46
CA VAL A 7 8.05 -8.58 9.74
C VAL A 7 8.68 -8.36 8.36
N GLY A 8 7.92 -7.76 7.44
CA GLY A 8 8.31 -7.54 6.04
C GLY A 8 7.14 -7.07 5.16
N SER A 9 7.28 -7.27 3.83
CA SER A 9 6.24 -7.01 2.82
C SER A 9 4.93 -7.75 3.08
N VAL A 10 3.81 -7.10 2.76
CA VAL A 10 2.45 -7.64 2.87
C VAL A 10 1.66 -7.27 1.62
N ARG A 11 1.42 -8.23 0.72
CA ARG A 11 0.57 -8.03 -0.46
C ARG A 11 -0.87 -7.68 -0.04
N VAL A 12 -1.49 -6.73 -0.74
CA VAL A 12 -2.84 -6.22 -0.45
C VAL A 12 -3.58 -5.94 -1.77
N ARG A 13 -4.91 -5.93 -1.71
CA ARG A 13 -5.81 -5.73 -2.85
C ARG A 13 -6.52 -4.39 -2.72
N ALA A 14 -6.54 -3.59 -3.78
CA ALA A 14 -7.24 -2.30 -3.82
C ALA A 14 -8.77 -2.47 -3.75
N LEU A 15 -9.39 -1.90 -2.70
CA LEU A 15 -10.84 -1.84 -2.51
C LEU A 15 -11.53 -0.96 -3.58
N TYR A 16 -10.90 0.16 -3.90
CA TYR A 16 -11.40 1.21 -4.80
C TYR A 16 -10.24 1.82 -5.60
N ASP A 17 -10.55 2.59 -6.64
CA ASP A 17 -9.55 3.32 -7.42
C ASP A 17 -8.95 4.52 -6.63
N TYR A 18 -7.68 4.84 -6.91
CA TYR A 18 -6.94 5.96 -6.32
C TYR A 18 -5.90 6.52 -7.31
N GLU A 19 -5.56 7.81 -7.18
CA GLU A 19 -4.56 8.48 -8.02
C GLU A 19 -3.68 9.41 -7.17
N GLY A 20 -2.36 9.20 -7.24
CA GLY A 20 -1.36 9.88 -6.41
C GLY A 20 -1.30 11.40 -6.59
N GLN A 21 -1.17 12.10 -5.47
CA GLN A 21 -1.15 13.58 -5.41
C GLN A 21 0.26 14.18 -5.60
N GLU A 22 1.31 13.39 -5.38
CA GLU A 22 2.73 13.79 -5.40
C GLU A 22 3.63 12.64 -5.92
N GLN A 23 4.91 12.92 -6.12
CA GLN A 23 5.93 11.93 -6.52
C GLN A 23 6.10 10.79 -5.50
N ASP A 24 5.78 11.04 -4.22
CA ASP A 24 5.79 10.05 -3.13
C ASP A 24 4.41 9.37 -2.92
N GLU A 25 3.56 9.32 -3.95
CA GLU A 25 2.26 8.61 -3.94
C GLU A 25 2.10 7.65 -5.13
N LEU A 26 1.13 6.74 -5.04
CA LEU A 26 0.83 5.65 -5.99
C LEU A 26 -0.57 5.79 -6.61
N SER A 27 -0.82 5.05 -7.69
CA SER A 27 -2.06 5.12 -8.49
C SER A 27 -2.49 3.72 -8.93
N PHE A 28 -3.76 3.37 -8.69
CA PHE A 28 -4.31 2.04 -8.94
C PHE A 28 -5.84 2.08 -9.14
N LYS A 29 -6.42 0.97 -9.59
CA LYS A 29 -7.87 0.78 -9.80
C LYS A 29 -8.45 -0.27 -8.84
N ALA A 30 -9.77 -0.27 -8.69
CA ALA A 30 -10.50 -1.26 -7.90
C ALA A 30 -10.20 -2.69 -8.38
N GLY A 31 -9.66 -3.53 -7.49
CA GLY A 31 -9.25 -4.91 -7.78
C GLY A 31 -7.78 -5.09 -8.17
N ASP A 32 -6.96 -4.04 -8.21
CA ASP A 32 -5.51 -4.16 -8.45
C ASP A 32 -4.78 -4.76 -7.23
N GLU A 33 -3.54 -5.22 -7.44
CA GLU A 33 -2.63 -5.70 -6.40
C GLU A 33 -1.48 -4.71 -6.17
N LEU A 34 -1.11 -4.54 -4.90
CA LEU A 34 0.04 -3.75 -4.46
C LEU A 34 0.66 -4.37 -3.19
N THR A 35 1.75 -3.78 -2.69
CA THR A 35 2.55 -4.35 -1.59
C THR A 35 2.80 -3.33 -0.48
N LYS A 36 2.23 -3.52 0.71
CA LYS A 36 2.52 -2.68 1.87
C LYS A 36 3.95 -2.94 2.36
N MET A 37 4.70 -1.87 2.64
CA MET A 37 6.08 -1.91 3.15
C MET A 37 6.24 -1.24 4.51
N GLU A 38 5.30 -0.38 4.90
CA GLU A 38 5.24 0.30 6.20
C GLU A 38 3.77 0.61 6.58
N ASN A 39 3.42 0.38 7.85
CA ASN A 39 2.08 0.57 8.41
C ASN A 39 1.61 2.04 8.37
N GLU A 40 0.31 2.26 8.58
CA GLU A 40 -0.34 3.55 8.48
C GLU A 40 0.21 4.62 9.45
N ASP A 41 0.47 5.82 8.93
CA ASP A 41 0.87 7.00 9.70
C ASP A 41 -0.28 7.54 10.58
N GLU A 42 0.00 8.59 11.36
CA GLU A 42 -0.93 9.27 12.27
C GLU A 42 -2.23 9.82 11.62
N GLN A 43 -2.26 9.94 10.28
CA GLN A 43 -3.42 10.40 9.50
C GLN A 43 -4.08 9.27 8.66
N GLY A 44 -3.61 8.02 8.78
CA GLY A 44 -4.19 6.85 8.10
C GLY A 44 -3.64 6.61 6.69
N TRP A 45 -2.33 6.75 6.51
CA TRP A 45 -1.63 6.60 5.21
C TRP A 45 -0.51 5.56 5.31
N CYS A 46 -0.66 4.44 4.61
CA CYS A 46 0.37 3.39 4.49
C CYS A 46 1.39 3.79 3.43
N LYS A 47 2.56 3.14 3.42
CA LYS A 47 3.59 3.31 2.39
C LYS A 47 3.94 1.93 1.81
N GLY A 48 3.90 1.81 0.49
CA GLY A 48 4.09 0.55 -0.22
C GLY A 48 4.69 0.68 -1.62
N ARG A 49 4.58 -0.41 -2.38
CA ARG A 49 5.10 -0.61 -3.74
C ARG A 49 4.00 -1.09 -4.69
N LEU A 50 4.05 -0.61 -5.92
CA LEU A 50 3.05 -0.76 -6.96
C LEU A 50 3.33 -1.91 -7.93
N ASP A 51 2.31 -2.31 -8.71
CA ASP A 51 2.42 -3.32 -9.77
C ASP A 51 3.36 -2.87 -10.91
N ASN A 52 3.45 -1.55 -11.16
CA ASN A 52 4.40 -0.97 -12.13
C ASN A 52 5.84 -1.00 -11.58
N GLY A 53 5.98 -0.76 -10.27
CA GLY A 53 7.26 -0.82 -9.53
C GLY A 53 7.59 0.44 -8.73
N GLN A 54 6.74 1.48 -8.84
CA GLN A 54 6.84 2.71 -8.08
C GLN A 54 6.66 2.47 -6.57
N VAL A 55 7.12 3.40 -5.75
CA VAL A 55 7.06 3.33 -4.28
C VAL A 55 6.48 4.65 -3.72
N GLY A 56 5.50 4.55 -2.83
CA GLY A 56 4.78 5.72 -2.31
C GLY A 56 3.66 5.43 -1.31
N LEU A 57 3.13 6.52 -0.76
CA LEU A 57 1.99 6.56 0.16
C LEU A 57 0.66 6.31 -0.58
N TYR A 58 -0.31 5.76 0.16
CA TYR A 58 -1.69 5.54 -0.27
C TYR A 58 -2.63 5.42 0.97
N PRO A 59 -3.95 5.61 0.83
CA PRO A 59 -4.88 5.57 1.96
C PRO A 59 -4.96 4.16 2.57
N ALA A 60 -4.80 4.04 3.89
CA ALA A 60 -4.90 2.77 4.61
C ALA A 60 -6.28 2.09 4.50
N ASN A 61 -7.32 2.86 4.14
CA ASN A 61 -8.70 2.41 4.01
C ASN A 61 -9.18 2.20 2.55
N TYR A 62 -8.24 2.17 1.60
CA TYR A 62 -8.50 1.87 0.17
C TYR A 62 -7.95 0.49 -0.26
N VAL A 63 -7.55 -0.35 0.70
CA VAL A 63 -7.03 -1.71 0.45
C VAL A 63 -7.51 -2.75 1.49
N GLU A 64 -7.30 -4.03 1.20
CA GLU A 64 -7.58 -5.17 2.10
C GLU A 64 -6.48 -6.25 1.98
N PRO A 65 -6.20 -7.05 3.02
CA PRO A 65 -5.13 -8.05 2.98
C PRO A 65 -5.46 -9.24 2.08
N ILE A 66 -4.44 -9.76 1.39
CA ILE A 66 -4.53 -10.98 0.56
C ILE A 66 -4.08 -12.18 1.40
N GLN A 67 -4.75 -13.33 1.23
CA GLN A 67 -4.57 -14.58 1.98
C GLN A 67 -4.73 -15.81 1.06
N GLY A 1 19.85 -0.98 15.84
CA GLY A 1 18.40 -1.00 15.56
C GLY A 1 17.66 0.06 16.37
N SER A 2 16.86 0.90 15.69
CA SER A 2 16.17 2.06 16.29
C SER A 2 14.71 2.24 15.82
N ARG A 3 14.13 1.24 15.12
CA ARG A 3 12.72 1.23 14.67
C ARG A 3 11.72 1.15 15.84
N ARG A 4 10.47 1.54 15.56
CA ARG A 4 9.34 1.53 16.52
C ARG A 4 8.10 0.75 16.00
N ALA A 5 8.18 0.20 14.79
CA ALA A 5 7.14 -0.63 14.15
C ALA A 5 7.75 -1.58 13.11
N SER A 6 6.97 -2.55 12.62
CA SER A 6 7.37 -3.49 11.57
C SER A 6 7.53 -2.83 10.19
N VAL A 7 8.31 -3.47 9.31
CA VAL A 7 8.70 -2.96 7.98
C VAL A 7 8.70 -4.03 6.87
N GLY A 8 8.08 -5.20 7.13
CA GLY A 8 7.99 -6.30 6.17
C GLY A 8 6.94 -6.07 5.07
N SER A 9 7.12 -6.72 3.92
CA SER A 9 6.21 -6.69 2.76
C SER A 9 4.93 -7.52 3.01
N VAL A 10 3.77 -6.91 2.75
CA VAL A 10 2.45 -7.56 2.82
C VAL A 10 1.61 -7.14 1.61
N ARG A 11 1.41 -8.07 0.65
CA ARG A 11 0.53 -7.84 -0.52
C ARG A 11 -0.92 -7.63 -0.05
N VAL A 12 -1.60 -6.68 -0.69
CA VAL A 12 -2.99 -6.27 -0.44
C VAL A 12 -3.68 -5.96 -1.77
N ARG A 13 -5.02 -5.98 -1.77
CA ARG A 13 -5.85 -5.69 -2.94
C ARG A 13 -6.59 -4.38 -2.75
N ALA A 14 -6.61 -3.54 -3.77
CA ALA A 14 -7.32 -2.26 -3.77
C ALA A 14 -8.84 -2.45 -3.72
N LEU A 15 -9.47 -1.91 -2.67
CA LEU A 15 -10.93 -1.88 -2.49
C LEU A 15 -11.60 -0.97 -3.54
N TYR A 16 -10.97 0.17 -3.82
CA TYR A 16 -11.44 1.20 -4.75
C TYR A 16 -10.25 1.83 -5.50
N ASP A 17 -10.51 2.58 -6.58
CA ASP A 17 -9.49 3.33 -7.31
C ASP A 17 -8.90 4.50 -6.50
N TYR A 18 -7.65 4.85 -6.81
CA TYR A 18 -6.92 6.00 -6.25
C TYR A 18 -5.91 6.57 -7.27
N GLU A 19 -5.57 7.85 -7.15
CA GLU A 19 -4.60 8.54 -8.02
C GLU A 19 -3.68 9.45 -7.19
N GLY A 20 -2.37 9.24 -7.32
CA GLY A 20 -1.35 9.94 -6.54
C GLY A 20 -1.38 11.47 -6.74
N GLN A 21 -1.29 12.20 -5.62
CA GLN A 21 -1.42 13.66 -5.61
C GLN A 21 -0.06 14.39 -5.72
N GLU A 22 1.05 13.67 -5.52
CA GLU A 22 2.43 14.13 -5.68
C GLU A 22 3.32 13.02 -6.29
N GLN A 23 4.56 13.36 -6.66
CA GLN A 23 5.55 12.40 -7.16
C GLN A 23 5.93 11.29 -6.15
N ASP A 24 5.64 11.50 -4.86
CA ASP A 24 5.84 10.54 -3.77
C ASP A 24 4.59 9.67 -3.48
N GLU A 25 3.59 9.66 -4.36
CA GLU A 25 2.36 8.85 -4.24
C GLU A 25 2.18 7.82 -5.39
N LEU A 26 1.26 6.86 -5.20
CA LEU A 26 0.94 5.76 -6.13
C LEU A 26 -0.49 5.89 -6.69
N SER A 27 -0.78 5.16 -7.79
CA SER A 27 -2.05 5.20 -8.51
C SER A 27 -2.47 3.81 -8.93
N PHE A 28 -3.73 3.44 -8.67
CA PHE A 28 -4.28 2.10 -8.91
C PHE A 28 -5.80 2.12 -9.10
N LYS A 29 -6.38 0.99 -9.54
CA LYS A 29 -7.82 0.81 -9.77
C LYS A 29 -8.42 -0.22 -8.82
N ALA A 30 -9.75 -0.21 -8.70
CA ALA A 30 -10.51 -1.19 -7.92
C ALA A 30 -10.17 -2.63 -8.37
N GLY A 31 -9.64 -3.43 -7.45
CA GLY A 31 -9.20 -4.82 -7.69
C GLY A 31 -7.72 -4.99 -8.04
N ASP A 32 -6.92 -3.92 -8.18
CA ASP A 32 -5.47 -4.01 -8.43
C ASP A 32 -4.70 -4.52 -7.20
N GLU A 33 -3.45 -4.95 -7.40
CA GLU A 33 -2.54 -5.35 -6.33
C GLU A 33 -1.49 -4.27 -6.02
N LEU A 34 -1.11 -4.21 -4.74
CA LEU A 34 -0.04 -3.38 -4.21
C LEU A 34 0.52 -4.04 -2.93
N THR A 35 1.59 -3.48 -2.36
CA THR A 35 2.32 -4.07 -1.24
C THR A 35 2.56 -3.06 -0.13
N LYS A 36 2.00 -3.33 1.06
CA LYS A 36 2.22 -2.54 2.29
C LYS A 36 3.64 -2.83 2.77
N MET A 37 4.38 -1.80 3.19
CA MET A 37 5.82 -1.90 3.58
C MET A 37 6.14 -1.36 4.98
N GLU A 38 5.14 -0.91 5.73
CA GLU A 38 5.27 -0.31 7.08
C GLU A 38 3.89 -0.33 7.78
N ASN A 39 3.82 0.02 9.07
CA ASN A 39 2.55 0.18 9.77
C ASN A 39 1.75 1.39 9.22
N GLU A 40 0.47 1.49 9.58
CA GLU A 40 -0.39 2.62 9.22
C GLU A 40 0.00 3.89 10.01
N ASP A 41 0.19 5.00 9.30
CA ASP A 41 0.52 6.32 9.84
C ASP A 41 -0.63 6.97 10.64
N GLU A 42 -0.34 8.11 11.27
CA GLU A 42 -1.24 8.87 12.15
C GLU A 42 -2.51 9.42 11.46
N GLN A 43 -2.57 9.36 10.12
CA GLN A 43 -3.72 9.81 9.31
C GLN A 43 -4.28 8.70 8.38
N GLY A 44 -3.79 7.46 8.49
CA GLY A 44 -4.29 6.32 7.71
C GLY A 44 -3.56 6.09 6.38
N TRP A 45 -2.22 6.16 6.36
CA TRP A 45 -1.39 6.03 5.15
C TRP A 45 -0.23 5.03 5.33
N CYS A 46 0.35 4.59 4.23
CA CYS A 46 1.55 3.73 4.19
C CYS A 46 2.36 4.01 2.91
N LYS A 47 3.70 3.97 2.99
CA LYS A 47 4.62 4.18 1.84
C LYS A 47 4.95 2.85 1.16
N GLY A 48 3.91 2.24 0.59
CA GLY A 48 3.96 0.93 -0.07
C GLY A 48 4.63 0.91 -1.45
N ARG A 49 4.45 -0.23 -2.16
CA ARG A 49 4.95 -0.49 -3.51
C ARG A 49 3.81 -0.97 -4.42
N LEU A 50 3.92 -0.68 -5.72
CA LEU A 50 2.88 -0.89 -6.73
C LEU A 50 3.12 -2.11 -7.64
N ASP A 51 2.07 -2.53 -8.37
CA ASP A 51 2.16 -3.60 -9.39
C ASP A 51 3.10 -3.22 -10.54
N ASN A 52 3.18 -1.92 -10.87
CA ASN A 52 4.13 -1.41 -11.88
C ASN A 52 5.57 -1.46 -11.34
N GLY A 53 5.74 -1.18 -10.03
CA GLY A 53 7.02 -1.30 -9.31
C GLY A 53 7.42 -0.01 -8.58
N GLN A 54 6.66 1.08 -8.78
CA GLN A 54 6.86 2.36 -8.10
C GLN A 54 6.66 2.24 -6.59
N VAL A 55 7.26 3.15 -5.83
CA VAL A 55 7.22 3.20 -4.37
C VAL A 55 6.71 4.59 -3.92
N GLY A 56 5.70 4.61 -3.06
CA GLY A 56 5.04 5.85 -2.64
C GLY A 56 3.89 5.68 -1.65
N LEU A 57 3.45 6.80 -1.09
CA LEU A 57 2.34 6.89 -0.15
C LEU A 57 0.98 6.57 -0.82
N TYR A 58 0.13 5.86 -0.09
CA TYR A 58 -1.25 5.55 -0.44
C TYR A 58 -2.13 5.46 0.82
N PRO A 59 -3.45 5.71 0.74
CA PRO A 59 -4.34 5.59 1.89
C PRO A 59 -4.60 4.11 2.23
N ALA A 60 -4.26 3.71 3.46
CA ALA A 60 -4.47 2.36 3.99
C ALA A 60 -5.96 1.95 4.07
N ASN A 61 -6.89 2.91 3.96
CA ASN A 61 -8.33 2.69 3.95
C ASN A 61 -8.88 2.19 2.60
N TYR A 62 -8.08 2.24 1.53
CA TYR A 62 -8.48 1.86 0.17
C TYR A 62 -8.03 0.43 -0.21
N VAL A 63 -7.66 -0.41 0.77
CA VAL A 63 -7.13 -1.77 0.53
C VAL A 63 -7.63 -2.82 1.53
N GLU A 64 -7.41 -4.10 1.22
CA GLU A 64 -7.71 -5.26 2.08
C GLU A 64 -6.66 -6.37 1.93
N PRO A 65 -6.40 -7.21 2.95
CA PRO A 65 -5.45 -8.32 2.85
C PRO A 65 -5.93 -9.43 1.90
N ILE A 66 -5.03 -9.96 1.09
CA ILE A 66 -5.27 -11.10 0.19
C ILE A 66 -5.19 -12.42 0.98
N GLN A 67 -6.10 -13.36 0.67
CA GLN A 67 -6.26 -14.66 1.33
C GLN A 67 -6.57 -15.77 0.32
N GLY A 1 3.03 -17.24 22.12
CA GLY A 1 2.51 -16.33 21.08
C GLY A 1 3.52 -16.10 19.96
N SER A 2 3.04 -16.02 18.71
CA SER A 2 3.85 -15.87 17.49
C SER A 2 3.20 -14.93 16.47
N ARG A 3 4.01 -14.31 15.60
CA ARG A 3 3.57 -13.31 14.59
C ARG A 3 2.81 -13.90 13.39
N ARG A 4 2.91 -15.23 13.17
CA ARG A 4 2.37 -15.97 11.99
C ARG A 4 2.89 -15.46 10.64
N ALA A 5 4.04 -14.76 10.65
CA ALA A 5 4.75 -14.24 9.48
C ALA A 5 6.27 -14.09 9.76
N SER A 6 7.06 -13.94 8.69
CA SER A 6 8.53 -13.89 8.75
C SER A 6 9.16 -12.81 7.84
N VAL A 7 8.36 -11.86 7.37
CA VAL A 7 8.74 -10.77 6.44
C VAL A 7 8.03 -9.45 6.78
N GLY A 8 8.56 -8.34 6.26
CA GLY A 8 7.96 -6.99 6.38
C GLY A 8 6.96 -6.66 5.27
N SER A 9 7.12 -7.24 4.08
CA SER A 9 6.20 -7.12 2.93
C SER A 9 4.83 -7.73 3.24
N VAL A 10 3.75 -7.01 2.90
CA VAL A 10 2.37 -7.49 3.03
C VAL A 10 1.59 -7.14 1.76
N ARG A 11 1.29 -8.14 0.93
CA ARG A 11 0.44 -7.97 -0.26
C ARG A 11 -0.99 -7.58 0.15
N VAL A 12 -1.58 -6.63 -0.58
CA VAL A 12 -2.93 -6.10 -0.32
C VAL A 12 -3.63 -5.84 -1.66
N ARG A 13 -4.97 -5.89 -1.66
CA ARG A 13 -5.83 -5.65 -2.81
C ARG A 13 -6.55 -4.31 -2.67
N ALA A 14 -6.54 -3.51 -3.73
CA ALA A 14 -7.27 -2.24 -3.80
C ALA A 14 -8.79 -2.45 -3.74
N LEU A 15 -9.44 -1.91 -2.70
CA LEU A 15 -10.90 -1.89 -2.52
C LEU A 15 -11.58 -1.03 -3.59
N TYR A 16 -10.98 0.13 -3.88
CA TYR A 16 -11.47 1.14 -4.82
C TYR A 16 -10.29 1.79 -5.58
N ASP A 17 -10.57 2.54 -6.65
CA ASP A 17 -9.55 3.30 -7.37
C ASP A 17 -8.95 4.46 -6.54
N TYR A 18 -7.69 4.82 -6.84
CA TYR A 18 -6.97 5.96 -6.25
C TYR A 18 -5.99 6.59 -7.26
N GLU A 19 -5.71 7.88 -7.11
CA GLU A 19 -4.81 8.67 -7.96
C GLU A 19 -3.88 9.55 -7.11
N GLY A 20 -2.56 9.38 -7.31
CA GLY A 20 -1.52 10.03 -6.50
C GLY A 20 -1.48 11.56 -6.66
N GLN A 21 -1.09 12.24 -5.58
CA GLN A 21 -1.07 13.71 -5.47
C GLN A 21 0.35 14.32 -5.54
N GLU A 22 1.38 13.50 -5.38
CA GLU A 22 2.80 13.86 -5.28
C GLU A 22 3.71 12.80 -5.94
N GLN A 23 4.98 13.16 -6.18
CA GLN A 23 6.03 12.25 -6.68
C GLN A 23 6.34 11.08 -5.71
N ASP A 24 5.90 11.17 -4.44
CA ASP A 24 6.00 10.12 -3.41
C ASP A 24 4.65 9.40 -3.16
N GLU A 25 3.70 9.45 -4.11
CA GLU A 25 2.42 8.72 -4.05
C GLU A 25 2.23 7.75 -5.23
N LEU A 26 1.31 6.79 -5.06
CA LEU A 26 0.96 5.72 -6.02
C LEU A 26 -0.47 5.89 -6.56
N SER A 27 -0.83 5.10 -7.58
CA SER A 27 -2.17 5.10 -8.20
C SER A 27 -2.55 3.71 -8.70
N PHE A 28 -3.83 3.37 -8.56
CA PHE A 28 -4.37 2.04 -8.86
C PHE A 28 -5.89 2.08 -9.12
N LYS A 29 -6.45 0.98 -9.61
CA LYS A 29 -7.89 0.77 -9.82
C LYS A 29 -8.44 -0.29 -8.87
N ALA A 30 -9.76 -0.29 -8.72
CA ALA A 30 -10.49 -1.30 -7.93
C ALA A 30 -10.14 -2.74 -8.39
N GLY A 31 -9.62 -3.54 -7.46
CA GLY A 31 -9.22 -4.94 -7.70
C GLY A 31 -7.73 -5.15 -8.01
N ASP A 32 -6.92 -4.08 -8.12
CA ASP A 32 -5.46 -4.19 -8.34
C ASP A 32 -4.73 -4.73 -7.10
N GLU A 33 -3.51 -5.25 -7.32
CA GLU A 33 -2.61 -5.72 -6.26
C GLU A 33 -1.45 -4.74 -6.03
N LEU A 34 -1.06 -4.57 -4.77
CA LEU A 34 0.09 -3.76 -4.34
C LEU A 34 0.72 -4.37 -3.06
N THR A 35 1.87 -3.86 -2.63
CA THR A 35 2.66 -4.42 -1.51
C THR A 35 2.98 -3.38 -0.46
N LYS A 36 2.39 -3.46 0.73
CA LYS A 36 2.72 -2.57 1.87
C LYS A 36 4.15 -2.83 2.34
N MET A 37 4.88 -1.74 2.65
CA MET A 37 6.28 -1.75 3.10
C MET A 37 6.49 -1.05 4.45
N GLU A 38 5.52 -0.27 4.91
CA GLU A 38 5.54 0.49 6.17
C GLU A 38 4.11 0.64 6.73
N ASN A 39 3.99 0.60 8.07
CA ASN A 39 2.72 0.64 8.80
C ASN A 39 1.84 1.89 8.55
N GLU A 40 0.57 1.79 8.95
CA GLU A 40 -0.38 2.90 8.91
C GLU A 40 0.06 4.04 9.86
N ASP A 41 0.14 5.26 9.30
CA ASP A 41 0.49 6.50 10.01
C ASP A 41 -0.68 7.06 10.85
N GLU A 42 -0.42 8.17 11.55
CA GLU A 42 -1.35 8.90 12.43
C GLU A 42 -2.58 9.51 11.71
N GLN A 43 -2.68 9.38 10.38
CA GLN A 43 -3.77 9.89 9.54
C GLN A 43 -4.41 8.81 8.64
N GLY A 44 -4.02 7.53 8.79
CA GLY A 44 -4.56 6.42 8.00
C GLY A 44 -3.94 6.27 6.60
N TRP A 45 -2.62 6.47 6.49
CA TRP A 45 -1.84 6.31 5.25
C TRP A 45 -0.74 5.26 5.42
N CYS A 46 -0.49 4.47 4.39
CA CYS A 46 0.59 3.49 4.32
C CYS A 46 1.58 3.87 3.22
N LYS A 47 2.77 3.25 3.23
CA LYS A 47 3.79 3.38 2.17
C LYS A 47 4.12 1.99 1.66
N GLY A 48 4.04 1.81 0.36
CA GLY A 48 4.23 0.52 -0.31
C GLY A 48 4.80 0.59 -1.72
N ARG A 49 4.67 -0.51 -2.46
CA ARG A 49 5.16 -0.73 -3.83
C ARG A 49 4.03 -1.18 -4.75
N LEU A 50 4.03 -0.66 -5.96
CA LEU A 50 3.00 -0.80 -6.99
C LEU A 50 3.24 -1.96 -7.96
N ASP A 51 2.18 -2.36 -8.66
CA ASP A 51 2.23 -3.36 -9.73
C ASP A 51 3.13 -2.93 -10.92
N ASN A 52 3.22 -1.61 -11.18
CA ASN A 52 4.11 -1.06 -12.21
C ASN A 52 5.57 -1.03 -11.75
N GLY A 53 5.80 -0.80 -10.45
CA GLY A 53 7.14 -0.86 -9.82
C GLY A 53 7.52 0.38 -9.00
N GLN A 54 6.69 1.43 -9.03
CA GLN A 54 6.86 2.64 -8.21
C GLN A 54 6.72 2.33 -6.71
N VAL A 55 7.28 3.20 -5.88
CA VAL A 55 7.22 3.14 -4.41
C VAL A 55 6.71 4.47 -3.87
N GLY A 56 5.71 4.43 -2.98
CA GLY A 56 5.05 5.64 -2.48
C GLY A 56 3.89 5.41 -1.51
N LEU A 57 3.37 6.53 -0.99
CA LEU A 57 2.23 6.60 -0.08
C LEU A 57 0.89 6.36 -0.79
N TYR A 58 -0.08 5.86 -0.03
CA TYR A 58 -1.47 5.65 -0.43
C TYR A 58 -2.38 5.56 0.83
N PRO A 59 -3.69 5.86 0.74
CA PRO A 59 -4.60 5.78 1.88
C PRO A 59 -4.86 4.31 2.28
N ALA A 60 -4.66 3.99 3.55
CA ALA A 60 -4.89 2.65 4.11
C ALA A 60 -6.36 2.19 4.01
N ASN A 61 -7.30 3.14 3.86
CA ASN A 61 -8.74 2.87 3.78
C ASN A 61 -9.23 2.43 2.37
N TYR A 62 -8.33 2.35 1.39
CA TYR A 62 -8.61 1.95 0.01
C TYR A 62 -8.07 0.55 -0.31
N VAL A 63 -7.68 -0.25 0.70
CA VAL A 63 -7.10 -1.59 0.51
C VAL A 63 -7.58 -2.61 1.55
N GLU A 64 -7.37 -3.91 1.27
CA GLU A 64 -7.63 -5.04 2.17
C GLU A 64 -6.55 -6.13 2.02
N PRO A 65 -6.25 -6.94 3.05
CA PRO A 65 -5.17 -7.94 2.98
C PRO A 65 -5.51 -9.13 2.06
N ILE A 66 -4.46 -9.72 1.47
CA ILE A 66 -4.53 -10.94 0.64
C ILE A 66 -3.91 -12.11 1.42
N GLN A 67 -4.53 -13.29 1.32
CA GLN A 67 -4.16 -14.54 2.01
C GLN A 67 -4.40 -15.79 1.16
N GLY A 1 12.35 -10.91 16.00
CA GLY A 1 13.25 -10.59 14.88
C GLY A 1 14.47 -11.51 14.90
N SER A 2 14.86 -12.03 13.73
CA SER A 2 15.95 -13.03 13.58
C SER A 2 16.87 -12.77 12.37
N ARG A 3 16.79 -11.58 11.74
CA ARG A 3 17.58 -11.18 10.56
C ARG A 3 17.87 -9.67 10.51
N ARG A 4 18.86 -9.28 9.70
CA ARG A 4 19.24 -7.87 9.45
C ARG A 4 18.43 -7.19 8.34
N ALA A 5 17.77 -7.98 7.48
CA ALA A 5 16.86 -7.52 6.43
C ALA A 5 15.55 -6.90 6.98
N SER A 6 14.71 -6.38 6.09
CA SER A 6 13.42 -5.73 6.41
C SER A 6 12.49 -6.61 7.27
N VAL A 7 11.70 -5.96 8.13
CA VAL A 7 10.83 -6.65 9.12
C VAL A 7 9.63 -7.42 8.55
N GLY A 8 9.31 -7.21 7.27
CA GLY A 8 8.21 -7.87 6.58
C GLY A 8 7.77 -7.21 5.26
N SER A 9 6.69 -7.75 4.68
CA SER A 9 5.98 -7.27 3.48
C SER A 9 4.56 -7.85 3.47
N VAL A 10 3.56 -7.02 3.15
CA VAL A 10 2.13 -7.39 3.22
C VAL A 10 1.43 -6.97 1.93
N ARG A 11 1.23 -7.91 1.01
CA ARG A 11 0.43 -7.69 -0.20
C ARG A 11 -1.05 -7.51 0.14
N VAL A 12 -1.69 -6.56 -0.54
CA VAL A 12 -3.06 -6.11 -0.31
C VAL A 12 -3.77 -5.87 -1.65
N ARG A 13 -5.10 -5.89 -1.62
CA ARG A 13 -5.97 -5.69 -2.78
C ARG A 13 -6.66 -4.34 -2.68
N ALA A 14 -6.62 -3.57 -3.76
CA ALA A 14 -7.31 -2.27 -3.83
C ALA A 14 -8.84 -2.45 -3.80
N LEU A 15 -9.49 -1.93 -2.77
CA LEU A 15 -10.97 -1.89 -2.62
C LEU A 15 -11.63 -1.05 -3.71
N TYR A 16 -11.01 0.10 -4.02
CA TYR A 16 -11.50 1.10 -4.97
C TYR A 16 -10.32 1.74 -5.73
N ASP A 17 -10.60 2.50 -6.79
CA ASP A 17 -9.56 3.26 -7.51
C ASP A 17 -8.98 4.42 -6.69
N TYR A 18 -7.72 4.77 -6.95
CA TYR A 18 -7.00 5.90 -6.33
C TYR A 18 -6.03 6.57 -7.32
N GLU A 19 -5.78 7.87 -7.12
CA GLU A 19 -4.94 8.73 -7.97
C GLU A 19 -3.91 9.47 -7.09
N GLY A 20 -2.62 9.23 -7.33
CA GLY A 20 -1.53 9.89 -6.60
C GLY A 20 -1.49 11.40 -6.84
N GLN A 21 -1.19 12.16 -5.78
CA GLN A 21 -1.22 13.63 -5.79
C GLN A 21 0.17 14.29 -5.63
N GLU A 22 1.18 13.51 -5.29
CA GLU A 22 2.58 13.95 -5.11
C GLU A 22 3.58 12.97 -5.76
N GLN A 23 4.85 13.40 -5.87
CA GLN A 23 5.97 12.60 -6.38
C GLN A 23 6.30 11.34 -5.55
N ASP A 24 5.80 11.27 -4.31
CA ASP A 24 5.94 10.14 -3.39
C ASP A 24 4.60 9.41 -3.16
N GLU A 25 3.66 9.47 -4.12
CA GLU A 25 2.37 8.73 -4.10
C GLU A 25 2.23 7.72 -5.27
N LEU A 26 1.28 6.79 -5.11
CA LEU A 26 0.94 5.70 -6.03
C LEU A 26 -0.48 5.89 -6.61
N SER A 27 -0.82 5.15 -7.66
CA SER A 27 -2.16 5.14 -8.28
C SER A 27 -2.54 3.73 -8.71
N PHE A 28 -3.82 3.38 -8.58
CA PHE A 28 -4.34 2.03 -8.84
C PHE A 28 -5.85 2.05 -9.13
N LYS A 29 -6.40 0.90 -9.53
CA LYS A 29 -7.83 0.70 -9.81
C LYS A 29 -8.44 -0.33 -8.86
N ALA A 30 -9.77 -0.35 -8.78
CA ALA A 30 -10.52 -1.34 -8.02
C ALA A 30 -10.15 -2.77 -8.44
N GLY A 31 -9.59 -3.56 -7.52
CA GLY A 31 -9.12 -4.93 -7.74
C GLY A 31 -7.62 -5.07 -8.09
N ASP A 32 -6.82 -4.00 -8.10
CA ASP A 32 -5.37 -4.08 -8.31
C ASP A 32 -4.64 -4.67 -7.08
N GLU A 33 -3.34 -4.93 -7.23
CA GLU A 33 -2.46 -5.49 -6.19
C GLU A 33 -1.27 -4.55 -5.91
N LEU A 34 -0.86 -4.46 -4.64
CA LEU A 34 0.27 -3.65 -4.17
C LEU A 34 0.84 -4.24 -2.88
N THR A 35 2.05 -3.84 -2.50
CA THR A 35 2.83 -4.42 -1.38
C THR A 35 3.13 -3.36 -0.33
N LYS A 36 2.56 -3.47 0.88
CA LYS A 36 2.89 -2.56 1.99
C LYS A 36 4.32 -2.83 2.49
N MET A 37 5.11 -1.77 2.64
CA MET A 37 6.52 -1.81 3.06
C MET A 37 6.78 -1.10 4.39
N GLU A 38 5.82 -0.29 4.86
CA GLU A 38 5.83 0.40 6.15
C GLU A 38 4.38 0.64 6.62
N ASN A 39 4.15 0.54 7.93
CA ASN A 39 2.82 0.68 8.55
C ASN A 39 2.14 2.04 8.25
N GLU A 40 0.82 2.08 8.42
CA GLU A 40 0.04 3.29 8.30
C GLU A 40 0.41 4.34 9.36
N ASP A 41 0.48 5.62 8.95
CA ASP A 41 0.71 6.76 9.83
C ASP A 41 -0.52 7.04 10.74
N GLU A 42 -0.41 8.02 11.63
CA GLU A 42 -1.50 8.50 12.50
C GLU A 42 -2.72 9.00 11.70
N GLN A 43 -2.53 9.46 10.45
CA GLN A 43 -3.58 9.87 9.53
C GLN A 43 -4.24 8.69 8.76
N GLY A 44 -3.72 7.46 8.89
CA GLY A 44 -4.20 6.28 8.15
C GLY A 44 -3.68 6.19 6.71
N TRP A 45 -2.39 6.48 6.50
CA TRP A 45 -1.71 6.43 5.20
C TRP A 45 -0.50 5.49 5.25
N CYS A 46 -0.53 4.44 4.44
CA CYS A 46 0.52 3.44 4.30
C CYS A 46 1.59 3.89 3.29
N LYS A 47 2.71 3.17 3.24
CA LYS A 47 3.76 3.37 2.23
C LYS A 47 4.14 1.98 1.69
N GLY A 48 4.11 1.83 0.36
CA GLY A 48 4.30 0.55 -0.31
C GLY A 48 4.85 0.63 -1.72
N ARG A 49 4.75 -0.49 -2.45
CA ARG A 49 5.22 -0.73 -3.82
C ARG A 49 4.07 -1.20 -4.71
N LEU A 50 4.07 -0.72 -5.95
CA LEU A 50 3.02 -0.90 -6.95
C LEU A 50 3.30 -2.03 -7.94
N ASP A 51 2.25 -2.48 -8.63
CA ASP A 51 2.35 -3.47 -9.72
C ASP A 51 3.19 -2.95 -10.92
N ASN A 52 3.17 -1.62 -11.15
CA ASN A 52 4.01 -0.98 -12.17
C ASN A 52 5.48 -0.91 -11.74
N GLY A 53 5.73 -0.77 -10.43
CA GLY A 53 7.08 -0.80 -9.83
C GLY A 53 7.45 0.46 -9.06
N GLN A 54 6.57 1.46 -9.03
CA GLN A 54 6.72 2.69 -8.26
C GLN A 54 6.65 2.38 -6.76
N VAL A 55 7.17 3.30 -5.94
CA VAL A 55 7.17 3.22 -4.47
C VAL A 55 6.62 4.53 -3.90
N GLY A 56 5.64 4.47 -3.00
CA GLY A 56 4.97 5.66 -2.47
C GLY A 56 3.84 5.41 -1.47
N LEU A 57 3.32 6.52 -0.95
CA LEU A 57 2.19 6.63 -0.04
C LEU A 57 0.84 6.36 -0.72
N TYR A 58 -0.11 5.85 0.05
CA TYR A 58 -1.50 5.63 -0.33
C TYR A 58 -2.41 5.53 0.93
N PRO A 59 -3.71 5.85 0.83
CA PRO A 59 -4.63 5.76 1.98
C PRO A 59 -4.94 4.30 2.35
N ALA A 60 -4.77 3.96 3.63
CA ALA A 60 -5.03 2.61 4.15
C ALA A 60 -6.51 2.17 3.99
N ASN A 61 -7.44 3.12 3.83
CA ASN A 61 -8.88 2.87 3.70
C ASN A 61 -9.32 2.42 2.29
N TYR A 62 -8.40 2.36 1.32
CA TYR A 62 -8.66 1.96 -0.05
C TYR A 62 -8.15 0.55 -0.38
N VAL A 63 -7.78 -0.25 0.63
CA VAL A 63 -7.21 -1.60 0.46
C VAL A 63 -7.71 -2.61 1.51
N GLU A 64 -7.49 -3.90 1.26
CA GLU A 64 -7.77 -5.03 2.16
C GLU A 64 -6.69 -6.13 2.06
N PRO A 65 -6.43 -6.92 3.12
CA PRO A 65 -5.43 -7.99 3.07
C PRO A 65 -5.83 -9.14 2.15
N ILE A 66 -4.89 -9.63 1.33
CA ILE A 66 -5.07 -10.81 0.47
C ILE A 66 -4.97 -12.09 1.31
N GLN A 67 -5.77 -13.10 0.95
CA GLN A 67 -5.91 -14.40 1.63
C GLN A 67 -6.08 -15.55 0.62
N GLY A 1 9.24 -30.04 11.87
CA GLY A 1 8.25 -28.94 11.78
C GLY A 1 8.55 -28.01 10.61
N SER A 2 8.50 -26.71 10.85
CA SER A 2 8.78 -25.66 9.86
C SER A 2 9.28 -24.35 10.53
N ARG A 3 9.77 -23.40 9.72
CA ARG A 3 10.24 -22.06 10.16
C ARG A 3 9.13 -21.21 10.82
N ARG A 4 9.56 -20.15 11.53
CA ARG A 4 8.69 -19.18 12.24
C ARG A 4 9.11 -17.71 12.01
N ALA A 5 10.05 -17.48 11.09
CA ALA A 5 10.50 -16.15 10.68
C ALA A 5 9.42 -15.33 9.92
N SER A 6 9.69 -14.04 9.72
CA SER A 6 8.79 -13.04 9.09
C SER A 6 9.57 -12.11 8.14
N VAL A 7 8.83 -11.27 7.39
CA VAL A 7 9.38 -10.37 6.35
C VAL A 7 8.74 -8.97 6.41
N GLY A 8 9.37 -7.99 5.75
CA GLY A 8 9.00 -6.57 5.74
C GLY A 8 8.06 -6.16 4.60
N SER A 9 7.17 -7.06 4.16
CA SER A 9 6.24 -6.88 3.04
C SER A 9 4.90 -7.59 3.28
N VAL A 10 3.80 -6.89 2.99
CA VAL A 10 2.43 -7.41 3.09
C VAL A 10 1.64 -7.04 1.84
N ARG A 11 1.43 -8.00 0.94
CA ARG A 11 0.60 -7.83 -0.26
C ARG A 11 -0.87 -7.58 0.11
N VAL A 12 -1.51 -6.63 -0.59
CA VAL A 12 -2.87 -6.15 -0.34
C VAL A 12 -3.57 -5.87 -1.67
N ARG A 13 -4.90 -5.88 -1.65
CA ARG A 13 -5.77 -5.68 -2.81
C ARG A 13 -6.51 -4.35 -2.69
N ALA A 14 -6.51 -3.56 -3.74
CA ALA A 14 -7.20 -2.27 -3.79
C ALA A 14 -8.73 -2.45 -3.75
N LEU A 15 -9.37 -1.92 -2.70
CA LEU A 15 -10.84 -1.89 -2.54
C LEU A 15 -11.51 -1.01 -3.60
N TYR A 16 -10.91 0.15 -3.87
CA TYR A 16 -11.42 1.19 -4.76
C TYR A 16 -10.29 1.88 -5.56
N ASP A 17 -10.65 2.70 -6.54
CA ASP A 17 -9.70 3.47 -7.36
C ASP A 17 -9.02 4.60 -6.56
N TYR A 18 -7.74 4.88 -6.85
CA TYR A 18 -6.97 5.99 -6.29
C TYR A 18 -5.92 6.52 -7.29
N GLU A 19 -5.61 7.81 -7.23
CA GLU A 19 -4.60 8.46 -8.08
C GLU A 19 -3.69 9.37 -7.23
N GLY A 20 -2.38 9.16 -7.34
CA GLY A 20 -1.36 9.85 -6.56
C GLY A 20 -1.30 11.36 -6.83
N GLN A 21 -1.00 12.13 -5.78
CA GLN A 21 -1.01 13.59 -5.80
C GLN A 21 0.39 14.22 -5.79
N GLU A 22 1.42 13.40 -5.53
CA GLU A 22 2.85 13.78 -5.48
C GLU A 22 3.74 12.71 -6.14
N GLN A 23 5.02 13.02 -6.35
CA GLN A 23 6.03 12.08 -6.86
C GLN A 23 6.26 10.89 -5.91
N ASP A 24 5.97 11.06 -4.61
CA ASP A 24 6.04 10.03 -3.57
C ASP A 24 4.68 9.36 -3.30
N GLU A 25 3.77 9.31 -4.29
CA GLU A 25 2.48 8.62 -4.21
C GLU A 25 2.26 7.59 -5.35
N LEU A 26 1.28 6.70 -5.17
CA LEU A 26 0.92 5.60 -6.07
C LEU A 26 -0.49 5.80 -6.68
N SER A 27 -0.77 5.09 -7.77
CA SER A 27 -2.05 5.15 -8.51
C SER A 27 -2.50 3.73 -8.89
N PHE A 28 -3.74 3.38 -8.58
CA PHE A 28 -4.30 2.04 -8.76
C PHE A 28 -5.82 2.05 -8.98
N LYS A 29 -6.38 0.90 -9.34
CA LYS A 29 -7.81 0.71 -9.64
C LYS A 29 -8.44 -0.32 -8.71
N ALA A 30 -9.77 -0.32 -8.64
CA ALA A 30 -10.55 -1.31 -7.90
C ALA A 30 -10.19 -2.75 -8.36
N GLY A 31 -9.62 -3.55 -7.46
CA GLY A 31 -9.15 -4.91 -7.73
C GLY A 31 -7.67 -5.05 -8.14
N ASP A 32 -6.86 -3.99 -8.13
CA ASP A 32 -5.42 -4.05 -8.39
C ASP A 32 -4.65 -4.62 -7.16
N GLU A 33 -3.36 -4.90 -7.34
CA GLU A 33 -2.45 -5.40 -6.30
C GLU A 33 -1.32 -4.40 -5.99
N LEU A 34 -0.95 -4.33 -4.71
CA LEU A 34 0.18 -3.56 -4.21
C LEU A 34 0.74 -4.19 -2.91
N THR A 35 1.90 -3.72 -2.45
CA THR A 35 2.65 -4.30 -1.33
C THR A 35 2.96 -3.25 -0.27
N LYS A 36 2.35 -3.35 0.91
CA LYS A 36 2.65 -2.47 2.06
C LYS A 36 4.07 -2.72 2.55
N MET A 37 4.80 -1.65 2.83
CA MET A 37 6.20 -1.65 3.32
C MET A 37 6.37 -0.83 4.62
N GLU A 38 5.36 -0.06 4.99
CA GLU A 38 5.27 0.72 6.23
C GLU A 38 3.78 0.85 6.62
N ASN A 39 3.48 0.53 7.88
CA ASN A 39 2.11 0.47 8.42
C ASN A 39 1.42 1.85 8.54
N GLU A 40 0.11 1.83 8.79
CA GLU A 40 -0.74 3.03 8.94
C GLU A 40 -0.19 4.03 9.97
N ASP A 41 -0.02 5.28 9.53
CA ASP A 41 0.43 6.43 10.34
C ASP A 41 -0.65 6.95 11.32
N GLU A 42 -0.39 8.10 11.96
CA GLU A 42 -1.32 8.79 12.88
C GLU A 42 -2.58 9.40 12.22
N GLN A 43 -2.80 9.18 10.90
CA GLN A 43 -3.88 9.80 10.12
C GLN A 43 -4.72 8.74 9.36
N GLY A 44 -4.07 7.76 8.74
CA GLY A 44 -4.68 6.72 7.90
C GLY A 44 -3.94 6.44 6.58
N TRP A 45 -2.62 6.66 6.52
CA TRP A 45 -1.80 6.47 5.32
C TRP A 45 -0.70 5.42 5.54
N CYS A 46 -0.40 4.65 4.49
CA CYS A 46 0.67 3.66 4.43
C CYS A 46 1.66 4.04 3.32
N LYS A 47 2.80 3.36 3.29
CA LYS A 47 3.81 3.48 2.22
C LYS A 47 4.12 2.07 1.70
N GLY A 48 4.08 1.91 0.39
CA GLY A 48 4.25 0.62 -0.28
C GLY A 48 4.79 0.69 -1.70
N ARG A 49 4.67 -0.43 -2.41
CA ARG A 49 5.15 -0.66 -3.79
C ARG A 49 4.02 -1.19 -4.67
N LEU A 50 4.01 -0.72 -5.92
CA LEU A 50 2.97 -0.96 -6.91
C LEU A 50 3.28 -2.09 -7.88
N ASP A 51 2.24 -2.61 -8.54
CA ASP A 51 2.36 -3.64 -9.59
C ASP A 51 3.12 -3.14 -10.83
N ASN A 52 3.08 -1.82 -11.11
CA ASN A 52 3.84 -1.20 -12.20
C ASN A 52 5.33 -1.07 -11.84
N GLY A 53 5.63 -0.78 -10.57
CA GLY A 53 7.00 -0.73 -10.03
C GLY A 53 7.34 0.50 -9.20
N GLN A 54 6.45 1.49 -9.15
CA GLN A 54 6.60 2.69 -8.33
C GLN A 54 6.56 2.35 -6.83
N VAL A 55 7.08 3.28 -6.01
CA VAL A 55 7.08 3.21 -4.54
C VAL A 55 6.56 4.54 -3.99
N GLY A 56 5.58 4.50 -3.08
CA GLY A 56 4.93 5.71 -2.58
C GLY A 56 3.85 5.50 -1.52
N LEU A 57 3.36 6.63 -0.99
CA LEU A 57 2.26 6.72 -0.04
C LEU A 57 0.91 6.47 -0.71
N TYR A 58 -0.04 5.95 0.08
CA TYR A 58 -1.43 5.73 -0.30
C TYR A 58 -2.34 5.63 0.95
N PRO A 59 -3.65 5.90 0.84
CA PRO A 59 -4.58 5.79 1.96
C PRO A 59 -4.83 4.33 2.35
N ALA A 60 -4.63 3.98 3.62
CA ALA A 60 -4.85 2.65 4.17
C ALA A 60 -6.32 2.16 4.04
N ASN A 61 -7.27 3.09 3.89
CA ASN A 61 -8.71 2.83 3.78
C ASN A 61 -9.17 2.37 2.38
N TYR A 62 -8.25 2.32 1.40
CA TYR A 62 -8.53 1.92 0.02
C TYR A 62 -7.99 0.51 -0.31
N VAL A 63 -7.60 -0.29 0.70
CA VAL A 63 -7.03 -1.64 0.51
C VAL A 63 -7.52 -2.67 1.53
N GLU A 64 -7.31 -3.96 1.24
CA GLU A 64 -7.59 -5.10 2.12
C GLU A 64 -6.51 -6.21 1.98
N PRO A 65 -6.24 -7.03 3.01
CA PRO A 65 -5.17 -8.04 2.96
C PRO A 65 -5.48 -9.20 1.99
N ILE A 66 -4.45 -9.70 1.31
CA ILE A 66 -4.52 -10.89 0.44
C ILE A 66 -4.18 -12.14 1.26
N GLN A 67 -4.89 -13.24 0.98
CA GLN A 67 -4.83 -14.53 1.68
C GLN A 67 -5.08 -15.74 0.74
N GLY A 1 16.33 -7.05 19.61
CA GLY A 1 15.15 -7.03 18.71
C GLY A 1 15.39 -6.14 17.50
N SER A 2 14.91 -6.58 16.33
CA SER A 2 15.10 -5.90 15.02
C SER A 2 13.85 -5.92 14.12
N ARG A 3 12.68 -6.26 14.67
CA ARG A 3 11.40 -6.32 13.93
C ARG A 3 10.97 -4.97 13.34
N ARG A 4 10.11 -5.03 12.32
CA ARG A 4 9.52 -3.90 11.56
C ARG A 4 7.98 -3.99 11.56
N ALA A 5 7.32 -2.96 11.03
CA ALA A 5 5.85 -2.90 10.84
C ALA A 5 5.29 -3.98 9.88
N SER A 6 6.15 -4.64 9.09
CA SER A 6 5.84 -5.78 8.22
C SER A 6 7.10 -6.62 8.01
N VAL A 7 6.90 -7.90 7.64
CA VAL A 7 7.97 -8.91 7.50
C VAL A 7 8.97 -8.65 6.37
N GLY A 8 8.59 -7.78 5.43
CA GLY A 8 9.39 -7.30 4.30
C GLY A 8 8.49 -6.89 3.12
N SER A 9 7.42 -7.66 2.89
CA SER A 9 6.36 -7.42 1.91
C SER A 9 5.09 -8.19 2.27
N VAL A 10 3.93 -7.52 2.15
CA VAL A 10 2.60 -8.11 2.34
C VAL A 10 1.69 -7.61 1.21
N ARG A 11 1.37 -8.49 0.26
CA ARG A 11 0.42 -8.17 -0.81
C ARG A 11 -0.98 -7.87 -0.24
N VAL A 12 -1.62 -6.85 -0.80
CA VAL A 12 -2.96 -6.35 -0.45
C VAL A 12 -3.73 -5.99 -1.73
N ARG A 13 -5.06 -6.00 -1.68
CA ARG A 13 -5.94 -5.71 -2.82
C ARG A 13 -6.68 -4.39 -2.60
N ALA A 14 -6.69 -3.55 -3.62
CA ALA A 14 -7.36 -2.25 -3.60
C ALA A 14 -8.90 -2.37 -3.55
N LEU A 15 -9.50 -1.86 -2.48
CA LEU A 15 -10.95 -1.74 -2.26
C LEU A 15 -11.57 -0.68 -3.19
N TYR A 16 -10.82 0.41 -3.44
CA TYR A 16 -11.25 1.57 -4.23
C TYR A 16 -10.08 2.09 -5.09
N ASP A 17 -10.40 2.83 -6.15
CA ASP A 17 -9.40 3.50 -6.99
C ASP A 17 -8.70 4.68 -6.27
N TYR A 18 -7.47 4.98 -6.70
CA TYR A 18 -6.67 6.10 -6.18
C TYR A 18 -5.73 6.68 -7.26
N GLU A 19 -5.41 7.97 -7.15
CA GLU A 19 -4.52 8.70 -8.05
C GLU A 19 -3.59 9.63 -7.24
N GLY A 20 -2.28 9.37 -7.31
CA GLY A 20 -1.25 10.06 -6.53
C GLY A 20 -1.15 11.57 -6.76
N GLN A 21 -0.92 12.31 -5.68
CA GLN A 21 -0.86 13.78 -5.67
C GLN A 21 0.54 14.34 -6.00
N GLU A 22 1.59 13.54 -5.78
CA GLU A 22 3.01 13.92 -5.93
C GLU A 22 3.85 12.71 -6.40
N GLN A 23 5.14 12.93 -6.68
CA GLN A 23 6.10 11.87 -7.05
C GLN A 23 6.30 10.81 -5.93
N ASP A 24 5.99 11.16 -4.68
CA ASP A 24 6.02 10.25 -3.52
C ASP A 24 4.69 9.51 -3.29
N GLU A 25 3.78 9.47 -4.26
CA GLU A 25 2.49 8.75 -4.21
C GLU A 25 2.31 7.76 -5.39
N LEU A 26 1.34 6.84 -5.24
CA LEU A 26 1.04 5.73 -6.18
C LEU A 26 -0.36 5.90 -6.81
N SER A 27 -0.71 5.09 -7.81
CA SER A 27 -2.02 5.11 -8.47
C SER A 27 -2.46 3.71 -8.87
N PHE A 28 -3.75 3.41 -8.67
CA PHE A 28 -4.35 2.10 -8.88
C PHE A 28 -5.88 2.18 -9.02
N LYS A 29 -6.52 1.08 -9.42
CA LYS A 29 -7.98 0.93 -9.54
C LYS A 29 -8.52 -0.13 -8.58
N ALA A 30 -9.83 -0.08 -8.34
CA ALA A 30 -10.54 -1.07 -7.53
C ALA A 30 -10.32 -2.49 -8.09
N GLY A 31 -9.74 -3.38 -7.27
CA GLY A 31 -9.39 -4.76 -7.63
C GLY A 31 -7.90 -4.99 -7.97
N ASP A 32 -7.07 -3.93 -8.07
CA ASP A 32 -5.63 -4.05 -8.32
C ASP A 32 -4.87 -4.58 -7.09
N GLU A 33 -3.66 -5.10 -7.33
CA GLU A 33 -2.74 -5.54 -6.28
C GLU A 33 -1.64 -4.50 -6.03
N LEU A 34 -1.19 -4.40 -4.78
CA LEU A 34 -0.07 -3.59 -4.31
C LEU A 34 0.53 -4.25 -3.06
N THR A 35 1.62 -3.70 -2.52
CA THR A 35 2.40 -4.29 -1.42
C THR A 35 2.60 -3.33 -0.26
N LYS A 36 2.08 -3.71 0.91
CA LYS A 36 2.26 -3.00 2.19
C LYS A 36 3.70 -3.19 2.69
N MET A 37 4.32 -2.10 3.16
CA MET A 37 5.71 -2.09 3.66
C MET A 37 5.89 -1.18 4.90
N GLU A 38 4.82 -0.63 5.46
CA GLU A 38 4.84 0.34 6.57
C GLU A 38 3.53 0.29 7.39
N ASN A 39 3.55 0.81 8.63
CA ASN A 39 2.37 0.94 9.48
C ASN A 39 1.41 2.05 8.98
N GLU A 40 0.19 2.08 9.52
CA GLU A 40 -0.79 3.14 9.24
C GLU A 40 -0.43 4.43 10.00
N ASP A 41 -0.29 5.53 9.27
CA ASP A 41 0.01 6.87 9.80
C ASP A 41 -1.16 7.51 10.59
N GLU A 42 -0.92 8.68 11.17
CA GLU A 42 -1.85 9.45 12.02
C GLU A 42 -3.16 9.86 11.33
N GLN A 43 -3.23 9.80 9.99
CA GLN A 43 -4.40 10.15 9.17
C GLN A 43 -4.87 9.00 8.26
N GLY A 44 -4.35 7.79 8.42
CA GLY A 44 -4.79 6.59 7.67
C GLY A 44 -4.07 6.36 6.34
N TRP A 45 -2.73 6.52 6.32
CA TRP A 45 -1.89 6.36 5.12
C TRP A 45 -0.80 5.31 5.33
N CYS A 46 -0.31 4.71 4.24
CA CYS A 46 0.78 3.73 4.23
C CYS A 46 1.72 4.02 3.06
N LYS A 47 3.04 3.80 3.24
CA LYS A 47 4.05 3.92 2.17
C LYS A 47 4.46 2.53 1.70
N GLY A 48 3.86 2.09 0.59
CA GLY A 48 4.02 0.75 0.00
C GLY A 48 4.62 0.77 -1.40
N ARG A 49 4.47 -0.33 -2.13
CA ARG A 49 4.99 -0.56 -3.50
C ARG A 49 3.90 -1.04 -4.44
N LEU A 50 3.98 -0.58 -5.69
CA LEU A 50 2.97 -0.77 -6.75
C LEU A 50 3.25 -2.00 -7.62
N ASP A 51 2.23 -2.44 -8.38
CA ASP A 51 2.36 -3.51 -9.38
C ASP A 51 3.33 -3.14 -10.51
N ASN A 52 3.45 -1.85 -10.83
CA ASN A 52 4.42 -1.33 -11.81
C ASN A 52 5.85 -1.35 -11.24
N GLY A 53 5.99 -1.05 -9.94
CA GLY A 53 7.26 -1.12 -9.20
C GLY A 53 7.63 0.14 -8.42
N GLN A 54 6.87 1.23 -8.62
CA GLN A 54 7.01 2.51 -7.91
C GLN A 54 6.76 2.33 -6.40
N VAL A 55 7.36 3.20 -5.59
CA VAL A 55 7.23 3.22 -4.11
C VAL A 55 6.67 4.57 -3.67
N GLY A 56 5.62 4.57 -2.84
CA GLY A 56 4.94 5.80 -2.45
C GLY A 56 3.76 5.62 -1.49
N LEU A 57 3.29 6.75 -0.96
CA LEU A 57 2.13 6.84 -0.07
C LEU A 57 0.80 6.58 -0.80
N TYR A 58 -0.14 5.97 -0.07
CA TYR A 58 -1.51 5.70 -0.49
C TYR A 58 -2.44 5.61 0.75
N PRO A 59 -3.77 5.81 0.61
CA PRO A 59 -4.72 5.63 1.72
C PRO A 59 -4.79 4.17 2.17
N ALA A 60 -4.32 3.90 3.40
CA ALA A 60 -4.38 2.57 4.02
C ALA A 60 -5.83 2.03 4.18
N ASN A 61 -6.83 2.91 4.11
CA ASN A 61 -8.25 2.57 4.17
C ASN A 61 -8.82 2.05 2.84
N TYR A 62 -8.09 2.17 1.72
CA TYR A 62 -8.52 1.74 0.39
C TYR A 62 -7.97 0.35 0.02
N VAL A 63 -7.54 -0.47 1.00
CA VAL A 63 -7.00 -1.82 0.74
C VAL A 63 -7.45 -2.87 1.77
N GLU A 64 -7.28 -4.15 1.42
CA GLU A 64 -7.53 -5.32 2.29
C GLU A 64 -6.47 -6.42 2.07
N PRO A 65 -6.17 -7.26 3.08
CA PRO A 65 -5.20 -8.34 2.94
C PRO A 65 -5.72 -9.47 2.02
N ILE A 66 -4.81 -10.03 1.22
CA ILE A 66 -5.08 -11.19 0.34
C ILE A 66 -4.76 -12.49 1.10
N GLN A 67 -5.61 -13.51 0.94
CA GLN A 67 -5.58 -14.80 1.64
C GLN A 67 -5.96 -15.96 0.71
N GLY A 1 10.04 -9.68 23.29
CA GLY A 1 9.69 -10.12 21.91
C GLY A 1 10.47 -11.36 21.52
N SER A 2 9.76 -12.49 21.30
CA SER A 2 10.34 -13.81 20.99
C SER A 2 11.09 -13.90 19.65
N ARG A 3 10.81 -12.98 18.71
CA ARG A 3 11.46 -12.80 17.39
C ARG A 3 11.71 -14.08 16.57
N ARG A 4 10.82 -15.08 16.69
CA ARG A 4 10.90 -16.39 16.01
C ARG A 4 10.86 -16.31 14.48
N ALA A 5 10.12 -15.32 13.97
CA ALA A 5 10.02 -14.97 12.55
C ALA A 5 9.65 -13.49 12.37
N SER A 6 9.83 -12.97 11.14
CA SER A 6 9.45 -11.61 10.73
C SER A 6 9.29 -11.47 9.21
N VAL A 7 8.77 -10.32 8.77
CA VAL A 7 8.51 -9.96 7.36
C VAL A 7 8.83 -8.48 7.09
N GLY A 8 8.95 -8.11 5.81
CA GLY A 8 9.18 -6.73 5.34
C GLY A 8 8.26 -6.30 4.18
N SER A 9 7.28 -7.11 3.82
CA SER A 9 6.31 -6.89 2.74
C SER A 9 4.99 -7.64 3.00
N VAL A 10 3.87 -7.00 2.68
CA VAL A 10 2.51 -7.54 2.82
C VAL A 10 1.68 -7.19 1.59
N ARG A 11 1.46 -8.15 0.70
CA ARG A 11 0.58 -7.98 -0.48
C ARG A 11 -0.87 -7.67 -0.04
N VAL A 12 -1.51 -6.74 -0.75
CA VAL A 12 -2.87 -6.25 -0.47
C VAL A 12 -3.61 -5.95 -1.78
N ARG A 13 -4.94 -5.93 -1.72
CA ARG A 13 -5.83 -5.71 -2.86
C ARG A 13 -6.56 -4.37 -2.71
N ALA A 14 -6.56 -3.55 -3.76
CA ALA A 14 -7.23 -2.25 -3.74
C ALA A 14 -8.77 -2.38 -3.67
N LEU A 15 -9.37 -1.80 -2.65
CA LEU A 15 -10.83 -1.71 -2.47
C LEU A 15 -11.48 -0.80 -3.52
N TYR A 16 -10.81 0.32 -3.82
CA TYR A 16 -11.29 1.38 -4.71
C TYR A 16 -10.13 1.97 -5.53
N ASP A 17 -10.46 2.74 -6.58
CA ASP A 17 -9.45 3.46 -7.37
C ASP A 17 -8.82 4.65 -6.62
N TYR A 18 -7.58 4.97 -6.97
CA TYR A 18 -6.80 6.08 -6.40
C TYR A 18 -5.75 6.60 -7.41
N GLU A 19 -5.41 7.88 -7.35
CA GLU A 19 -4.39 8.52 -8.21
C GLU A 19 -3.46 9.41 -7.36
N GLY A 20 -2.15 9.19 -7.50
CA GLY A 20 -1.11 9.84 -6.70
C GLY A 20 -0.99 11.35 -6.92
N GLN A 21 -0.83 12.09 -5.82
CA GLN A 21 -0.73 13.55 -5.82
C GLN A 21 0.70 14.06 -6.08
N GLU A 22 1.71 13.23 -5.80
CA GLU A 22 3.14 13.55 -5.88
C GLU A 22 3.97 12.32 -6.32
N GLN A 23 5.28 12.50 -6.52
CA GLN A 23 6.23 11.42 -6.83
C GLN A 23 6.36 10.37 -5.70
N ASP A 24 5.97 10.73 -4.47
CA ASP A 24 5.94 9.84 -3.29
C ASP A 24 4.54 9.22 -3.07
N GLU A 25 3.71 9.13 -4.11
CA GLU A 25 2.39 8.47 -4.10
C GLU A 25 2.23 7.46 -5.25
N LEU A 26 1.17 6.63 -5.17
CA LEU A 26 0.84 5.52 -6.06
C LEU A 26 -0.48 5.77 -6.80
N SER A 27 -0.71 5.05 -7.91
CA SER A 27 -1.95 5.13 -8.70
C SER A 27 -2.41 3.73 -9.08
N PHE A 28 -3.67 3.41 -8.78
CA PHE A 28 -4.26 2.07 -8.94
C PHE A 28 -5.80 2.13 -9.13
N LYS A 29 -6.42 0.98 -9.43
CA LYS A 29 -7.87 0.82 -9.66
C LYS A 29 -8.51 -0.19 -8.72
N ALA A 30 -9.84 -0.16 -8.61
CA ALA A 30 -10.62 -1.11 -7.80
C ALA A 30 -10.34 -2.57 -8.25
N GLY A 31 -9.74 -3.37 -7.36
CA GLY A 31 -9.34 -4.76 -7.61
C GLY A 31 -7.88 -4.93 -8.08
N ASP A 32 -7.06 -3.87 -8.12
CA ASP A 32 -5.63 -3.98 -8.43
C ASP A 32 -4.82 -4.59 -7.26
N GLU A 33 -3.56 -4.89 -7.48
CA GLU A 33 -2.63 -5.46 -6.49
C GLU A 33 -1.47 -4.49 -6.19
N LEU A 34 -1.11 -4.39 -4.91
CA LEU A 34 0.02 -3.63 -4.40
C LEU A 34 0.61 -4.30 -3.14
N THR A 35 1.67 -3.72 -2.59
CA THR A 35 2.44 -4.30 -1.47
C THR A 35 2.74 -3.26 -0.40
N LYS A 36 2.20 -3.43 0.82
CA LYS A 36 2.54 -2.56 1.96
C LYS A 36 3.99 -2.82 2.38
N MET A 37 4.75 -1.75 2.60
CA MET A 37 6.17 -1.79 2.99
C MET A 37 6.44 -1.08 4.33
N GLU A 38 5.53 -0.22 4.78
CA GLU A 38 5.56 0.46 6.07
C GLU A 38 4.12 0.80 6.54
N ASN A 39 3.84 0.55 7.82
CA ASN A 39 2.52 0.77 8.44
C ASN A 39 2.13 2.26 8.53
N GLU A 40 0.83 2.52 8.67
CA GLU A 40 0.25 3.86 8.77
C GLU A 40 0.50 4.59 10.11
N ASP A 41 0.11 5.86 10.15
CA ASP A 41 0.14 6.76 11.31
C ASP A 41 -1.28 7.32 11.59
N GLU A 42 -1.42 8.26 12.52
CA GLU A 42 -2.69 8.87 12.93
C GLU A 42 -3.53 9.48 11.77
N GLN A 43 -2.88 9.88 10.66
CA GLN A 43 -3.54 10.38 9.45
C GLN A 43 -4.18 9.28 8.58
N GLY A 44 -3.80 8.01 8.78
CA GLY A 44 -4.32 6.84 8.04
C GLY A 44 -3.72 6.65 6.64
N TRP A 45 -2.41 6.84 6.48
CA TRP A 45 -1.67 6.69 5.22
C TRP A 45 -0.55 5.65 5.34
N CYS A 46 -0.68 4.54 4.61
CA CYS A 46 0.34 3.49 4.49
C CYS A 46 1.37 3.91 3.43
N LYS A 47 2.52 3.24 3.39
CA LYS A 47 3.54 3.41 2.34
C LYS A 47 3.89 2.03 1.78
N GLY A 48 3.84 1.91 0.46
CA GLY A 48 4.02 0.63 -0.25
C GLY A 48 4.62 0.74 -1.65
N ARG A 49 4.58 -0.39 -2.35
CA ARG A 49 5.12 -0.62 -3.70
C ARG A 49 4.02 -1.17 -4.61
N LEU A 50 4.07 -0.78 -5.89
CA LEU A 50 3.04 -1.05 -6.88
C LEU A 50 3.43 -2.13 -7.88
N ASP A 51 2.42 -2.69 -8.56
CA ASP A 51 2.60 -3.67 -9.65
C ASP A 51 3.35 -3.08 -10.86
N ASN A 52 3.22 -1.77 -11.09
CA ASN A 52 3.95 -1.05 -12.14
C ASN A 52 5.44 -0.85 -11.76
N GLY A 53 5.71 -0.60 -10.46
CA GLY A 53 7.08 -0.48 -9.92
C GLY A 53 7.30 0.78 -9.08
N GLN A 54 6.31 1.69 -9.03
CA GLN A 54 6.32 2.88 -8.18
C GLN A 54 6.37 2.51 -6.69
N VAL A 55 6.82 3.45 -5.86
CA VAL A 55 6.87 3.35 -4.40
C VAL A 55 6.29 4.65 -3.81
N GLY A 56 5.30 4.55 -2.93
CA GLY A 56 4.61 5.73 -2.41
C GLY A 56 3.52 5.48 -1.36
N LEU A 57 3.01 6.59 -0.81
CA LEU A 57 1.90 6.65 0.12
C LEU A 57 0.56 6.38 -0.58
N TYR A 58 -0.37 5.78 0.17
CA TYR A 58 -1.75 5.53 -0.24
C TYR A 58 -2.65 5.41 1.01
N PRO A 59 -4.00 5.57 0.89
CA PRO A 59 -4.90 5.52 2.04
C PRO A 59 -4.95 4.11 2.66
N ALA A 60 -4.75 4.00 3.97
CA ALA A 60 -4.83 2.74 4.70
C ALA A 60 -6.21 2.05 4.62
N ASN A 61 -7.26 2.82 4.26
CA ASN A 61 -8.64 2.35 4.16
C ASN A 61 -9.13 2.14 2.71
N TYR A 62 -8.20 2.13 1.74
CA TYR A 62 -8.46 1.85 0.32
C TYR A 62 -7.91 0.49 -0.13
N VAL A 63 -7.52 -0.39 0.81
CA VAL A 63 -7.01 -1.75 0.53
C VAL A 63 -7.51 -2.80 1.55
N GLU A 64 -7.31 -4.09 1.23
CA GLU A 64 -7.59 -5.24 2.10
C GLU A 64 -6.50 -6.34 1.96
N PRO A 65 -6.21 -7.14 3.00
CA PRO A 65 -5.17 -8.17 2.95
C PRO A 65 -5.56 -9.35 2.05
N ILE A 66 -4.63 -9.76 1.17
CA ILE A 66 -4.78 -10.95 0.31
C ILE A 66 -4.55 -12.22 1.16
N GLN A 67 -5.35 -13.26 0.91
CA GLN A 67 -5.41 -14.53 1.65
C GLN A 67 -5.59 -15.72 0.71
N GLY A 1 13.45 -10.63 18.07
CA GLY A 1 13.84 -9.24 17.77
C GLY A 1 12.76 -8.26 18.24
N SER A 2 13.19 -7.15 18.87
CA SER A 2 12.27 -6.16 19.49
C SER A 2 12.51 -4.70 19.05
N ARG A 3 13.60 -4.41 18.31
CA ARG A 3 13.87 -3.07 17.75
C ARG A 3 12.87 -2.71 16.63
N ARG A 4 12.62 -3.68 15.73
CA ARG A 4 11.63 -3.69 14.63
C ARG A 4 11.58 -2.40 13.78
N ALA A 5 12.71 -1.71 13.61
CA ALA A 5 12.83 -0.46 12.87
C ALA A 5 12.82 -0.63 11.34
N SER A 6 13.17 -1.83 10.84
CA SER A 6 13.21 -2.16 9.41
C SER A 6 11.83 -2.29 8.75
N VAL A 7 11.79 -2.18 7.42
CA VAL A 7 10.60 -2.38 6.59
C VAL A 7 10.32 -3.88 6.37
N GLY A 8 9.22 -4.17 5.66
CA GLY A 8 8.77 -5.52 5.30
C GLY A 8 7.93 -5.53 4.01
N SER A 9 7.21 -6.64 3.78
CA SER A 9 6.34 -6.82 2.60
C SER A 9 5.06 -7.57 2.97
N VAL A 10 3.90 -6.95 2.70
CA VAL A 10 2.57 -7.54 2.89
C VAL A 10 1.72 -7.21 1.65
N ARG A 11 1.39 -8.21 0.83
CA ARG A 11 0.50 -8.03 -0.32
C ARG A 11 -0.92 -7.65 0.13
N VAL A 12 -1.53 -6.68 -0.57
CA VAL A 12 -2.85 -6.13 -0.28
C VAL A 12 -3.60 -5.88 -1.59
N ARG A 13 -4.93 -5.80 -1.53
CA ARG A 13 -5.83 -5.63 -2.68
C ARG A 13 -6.55 -4.30 -2.57
N ALA A 14 -6.58 -3.53 -3.66
CA ALA A 14 -7.27 -2.25 -3.74
C ALA A 14 -8.81 -2.43 -3.65
N LEU A 15 -9.42 -1.86 -2.60
CA LEU A 15 -10.87 -1.80 -2.39
C LEU A 15 -11.57 -0.94 -3.44
N TYR A 16 -10.96 0.21 -3.76
CA TYR A 16 -11.44 1.22 -4.70
C TYR A 16 -10.27 1.86 -5.45
N ASP A 17 -10.55 2.59 -6.52
CA ASP A 17 -9.52 3.34 -7.26
C ASP A 17 -8.94 4.53 -6.47
N TYR A 18 -7.66 4.85 -6.74
CA TYR A 18 -6.92 5.99 -6.20
C TYR A 18 -5.89 6.52 -7.21
N GLU A 19 -5.53 7.80 -7.11
CA GLU A 19 -4.54 8.46 -7.97
C GLU A 19 -3.64 9.39 -7.15
N GLY A 20 -2.32 9.18 -7.25
CA GLY A 20 -1.30 9.90 -6.48
C GLY A 20 -1.32 11.42 -6.71
N GLN A 21 -1.07 12.18 -5.64
CA GLN A 21 -1.14 13.64 -5.61
C GLN A 21 0.25 14.34 -5.54
N GLU A 22 1.30 13.57 -5.27
CA GLU A 22 2.71 14.00 -5.23
C GLU A 22 3.65 12.96 -5.87
N GLN A 23 4.94 13.32 -6.04
CA GLN A 23 5.98 12.46 -6.63
C GLN A 23 6.32 11.22 -5.76
N ASP A 24 5.91 11.22 -4.49
CA ASP A 24 6.05 10.11 -3.54
C ASP A 24 4.71 9.39 -3.28
N GLU A 25 3.76 9.43 -4.22
CA GLU A 25 2.48 8.71 -4.15
C GLU A 25 2.27 7.72 -5.32
N LEU A 26 1.31 6.80 -5.17
CA LEU A 26 0.98 5.70 -6.10
C LEU A 26 -0.46 5.81 -6.63
N SER A 27 -0.77 5.07 -7.70
CA SER A 27 -2.05 5.12 -8.42
C SER A 27 -2.49 3.71 -8.83
N PHE A 28 -3.75 3.36 -8.58
CA PHE A 28 -4.31 2.04 -8.82
C PHE A 28 -5.83 2.07 -9.01
N LYS A 29 -6.42 0.98 -9.50
CA LYS A 29 -7.87 0.80 -9.70
C LYS A 29 -8.45 -0.25 -8.75
N ALA A 30 -9.76 -0.24 -8.60
CA ALA A 30 -10.51 -1.22 -7.81
C ALA A 30 -10.18 -2.67 -8.28
N GLY A 31 -9.67 -3.48 -7.36
CA GLY A 31 -9.28 -4.88 -7.61
C GLY A 31 -7.80 -5.09 -8.00
N ASP A 32 -6.97 -4.05 -8.04
CA ASP A 32 -5.53 -4.17 -8.29
C ASP A 32 -4.79 -4.76 -7.06
N GLU A 33 -3.57 -5.26 -7.29
CA GLU A 33 -2.68 -5.75 -6.23
C GLU A 33 -1.50 -4.79 -6.03
N LEU A 34 -1.09 -4.60 -4.78
CA LEU A 34 0.07 -3.81 -4.37
C LEU A 34 0.70 -4.40 -3.09
N THR A 35 1.85 -3.87 -2.67
CA THR A 35 2.64 -4.41 -1.55
C THR A 35 2.89 -3.36 -0.47
N LYS A 36 2.24 -3.47 0.69
CA LYS A 36 2.48 -2.60 1.86
C LYS A 36 3.90 -2.83 2.40
N MET A 37 4.60 -1.75 2.73
CA MET A 37 5.97 -1.75 3.29
C MET A 37 6.08 -0.99 4.62
N GLU A 38 5.06 -0.21 4.97
CA GLU A 38 4.91 0.53 6.22
C GLU A 38 3.42 0.63 6.57
N ASN A 39 3.08 0.31 7.83
CA ASN A 39 1.70 0.24 8.32
C ASN A 39 1.03 1.63 8.48
N GLU A 40 -0.29 1.63 8.73
CA GLU A 40 -1.11 2.85 8.84
C GLU A 40 -0.56 3.85 9.87
N ASP A 41 -0.32 5.08 9.42
CA ASP A 41 0.21 6.20 10.21
C ASP A 41 -0.84 6.86 11.15
N GLU A 42 -0.46 7.99 11.77
CA GLU A 42 -1.31 8.82 12.64
C GLU A 42 -2.58 9.41 12.01
N GLN A 43 -2.79 9.30 10.69
CA GLN A 43 -3.94 9.89 9.97
C GLN A 43 -4.75 8.86 9.14
N GLY A 44 -4.09 7.85 8.57
CA GLY A 44 -4.73 6.78 7.77
C GLY A 44 -4.00 6.44 6.46
N TRP A 45 -2.68 6.61 6.39
CA TRP A 45 -1.87 6.39 5.19
C TRP A 45 -0.81 5.31 5.41
N CYS A 46 -0.47 4.61 4.33
CA CYS A 46 0.58 3.60 4.24
C CYS A 46 1.59 3.96 3.16
N LYS A 47 2.74 3.30 3.18
CA LYS A 47 3.78 3.41 2.13
C LYS A 47 4.07 2.00 1.63
N GLY A 48 4.08 1.82 0.33
CA GLY A 48 4.24 0.52 -0.33
C GLY A 48 4.81 0.59 -1.75
N ARG A 49 4.68 -0.51 -2.48
CA ARG A 49 5.18 -0.72 -3.85
C ARG A 49 4.05 -1.19 -4.77
N LEU A 50 4.06 -0.65 -5.99
CA LEU A 50 3.03 -0.79 -7.01
C LEU A 50 3.29 -1.97 -7.96
N ASP A 51 2.24 -2.39 -8.67
CA ASP A 51 2.31 -3.41 -9.72
C ASP A 51 3.18 -2.99 -10.93
N ASN A 52 3.26 -1.67 -11.19
CA ASN A 52 4.11 -1.11 -12.25
C ASN A 52 5.60 -1.08 -11.81
N GLY A 53 5.85 -0.83 -10.51
CA GLY A 53 7.18 -0.87 -9.90
C GLY A 53 7.56 0.34 -9.05
N GLN A 54 6.74 1.40 -9.07
CA GLN A 54 6.92 2.61 -8.26
C GLN A 54 6.78 2.30 -6.77
N VAL A 55 7.34 3.17 -5.93
CA VAL A 55 7.30 3.09 -4.46
C VAL A 55 6.79 4.43 -3.92
N GLY A 56 5.78 4.41 -3.04
CA GLY A 56 5.13 5.62 -2.53
C GLY A 56 3.96 5.41 -1.58
N LEU A 57 3.44 6.53 -1.09
CA LEU A 57 2.31 6.64 -0.17
C LEU A 57 0.95 6.43 -0.87
N TYR A 58 -0.03 5.98 -0.09
CA TYR A 58 -1.44 5.82 -0.48
C TYR A 58 -2.33 5.74 0.78
N PRO A 59 -3.64 6.06 0.70
CA PRO A 59 -4.54 5.93 1.85
C PRO A 59 -4.80 4.47 2.18
N ALA A 60 -4.48 4.05 3.42
CA ALA A 60 -4.69 2.69 3.91
C ALA A 60 -6.17 2.26 3.89
N ASN A 61 -7.11 3.21 3.87
CA ASN A 61 -8.55 2.97 3.78
C ASN A 61 -9.03 2.48 2.40
N TYR A 62 -8.17 2.47 1.38
CA TYR A 62 -8.48 2.04 0.01
C TYR A 62 -7.95 0.63 -0.30
N VAL A 63 -7.52 -0.14 0.71
CA VAL A 63 -6.96 -1.50 0.54
C VAL A 63 -7.42 -2.49 1.63
N GLU A 64 -7.23 -3.79 1.37
CA GLU A 64 -7.48 -4.90 2.31
C GLU A 64 -6.40 -5.99 2.19
N PRO A 65 -6.12 -6.77 3.26
CA PRO A 65 -5.10 -7.83 3.21
C PRO A 65 -5.53 -9.03 2.36
N ILE A 66 -4.59 -9.57 1.57
CA ILE A 66 -4.80 -10.80 0.78
C ILE A 66 -4.53 -12.03 1.67
N GLN A 67 -5.36 -13.07 1.49
CA GLN A 67 -5.36 -14.31 2.29
C GLN A 67 -5.65 -15.55 1.42
N GLY A 1 -2.79 -14.99 20.17
CA GLY A 1 -2.20 -14.93 18.81
C GLY A 1 -1.47 -16.21 18.45
N SER A 2 -0.38 -16.09 17.71
CA SER A 2 0.44 -17.21 17.19
C SER A 2 1.94 -16.87 17.20
N ARG A 3 2.79 -17.91 17.16
CA ARG A 3 4.26 -17.80 17.08
C ARG A 3 4.72 -17.09 15.79
N ARG A 4 5.81 -16.31 15.89
CA ARG A 4 6.46 -15.58 14.78
C ARG A 4 7.97 -15.47 15.03
N ALA A 5 8.76 -15.50 13.96
CA ALA A 5 10.24 -15.44 14.00
C ALA A 5 10.88 -14.51 12.95
N SER A 6 10.08 -13.84 12.09
CA SER A 6 10.52 -12.84 11.09
C SER A 6 9.35 -11.96 10.63
N VAL A 7 9.66 -10.88 9.91
CA VAL A 7 8.72 -9.88 9.35
C VAL A 7 9.16 -9.44 7.95
N GLY A 8 8.26 -8.82 7.18
CA GLY A 8 8.50 -8.38 5.80
C GLY A 8 7.28 -7.80 5.08
N SER A 9 7.36 -7.74 3.75
CA SER A 9 6.32 -7.31 2.80
C SER A 9 4.95 -7.95 3.04
N VAL A 10 3.89 -7.17 2.81
CA VAL A 10 2.49 -7.60 2.93
C VAL A 10 1.69 -7.14 1.70
N ARG A 11 1.42 -8.06 0.78
CA ARG A 11 0.55 -7.81 -0.38
C ARG A 11 -0.88 -7.53 0.09
N VAL A 12 -1.53 -6.57 -0.57
CA VAL A 12 -2.91 -6.11 -0.31
C VAL A 12 -3.60 -5.82 -1.65
N ARG A 13 -4.93 -5.93 -1.66
CA ARG A 13 -5.76 -5.65 -2.84
C ARG A 13 -6.45 -4.30 -2.68
N ALA A 14 -6.43 -3.49 -3.74
CA ALA A 14 -7.13 -2.21 -3.79
C ALA A 14 -8.66 -2.41 -3.76
N LEU A 15 -9.34 -1.79 -2.79
CA LEU A 15 -10.80 -1.78 -2.67
C LEU A 15 -11.45 -0.92 -3.78
N TYR A 16 -10.83 0.22 -4.08
CA TYR A 16 -11.36 1.23 -5.02
C TYR A 16 -10.23 1.91 -5.82
N ASP A 17 -10.62 2.70 -6.83
CA ASP A 17 -9.70 3.54 -7.60
C ASP A 17 -9.06 4.65 -6.74
N TYR A 18 -7.79 4.94 -7.04
CA TYR A 18 -7.00 6.03 -6.46
C TYR A 18 -5.93 6.53 -7.44
N GLU A 19 -5.59 7.82 -7.37
CA GLU A 19 -4.55 8.45 -8.18
C GLU A 19 -3.65 9.36 -7.32
N GLY A 20 -2.33 9.15 -7.41
CA GLY A 20 -1.34 9.83 -6.59
C GLY A 20 -1.32 11.35 -6.80
N GLN A 21 -1.14 12.10 -5.72
CA GLN A 21 -1.20 13.56 -5.69
C GLN A 21 0.19 14.25 -5.68
N GLU A 22 1.25 13.48 -5.40
CA GLU A 22 2.65 13.91 -5.40
C GLU A 22 3.57 12.82 -6.01
N GLN A 23 4.86 13.15 -6.22
CA GLN A 23 5.88 12.22 -6.72
C GLN A 23 6.12 11.02 -5.78
N ASP A 24 5.83 11.18 -4.49
CA ASP A 24 5.90 10.13 -3.45
C ASP A 24 4.55 9.42 -3.22
N GLU A 25 3.65 9.39 -4.22
CA GLU A 25 2.36 8.66 -4.18
C GLU A 25 2.19 7.66 -5.35
N LEU A 26 1.21 6.76 -5.22
CA LEU A 26 0.89 5.66 -6.15
C LEU A 26 -0.52 5.80 -6.74
N SER A 27 -0.80 5.08 -7.82
CA SER A 27 -2.08 5.11 -8.55
C SER A 27 -2.52 3.69 -8.91
N PHE A 28 -3.77 3.34 -8.62
CA PHE A 28 -4.30 1.99 -8.80
C PHE A 28 -5.83 1.99 -9.03
N LYS A 29 -6.38 0.81 -9.37
CA LYS A 29 -7.81 0.58 -9.67
C LYS A 29 -8.43 -0.44 -8.73
N ALA A 30 -9.76 -0.43 -8.66
CA ALA A 30 -10.53 -1.42 -7.90
C ALA A 30 -10.16 -2.87 -8.33
N GLY A 31 -9.55 -3.63 -7.43
CA GLY A 31 -9.07 -5.00 -7.66
C GLY A 31 -7.58 -5.13 -7.99
N ASP A 32 -6.81 -4.04 -8.11
CA ASP A 32 -5.36 -4.10 -8.35
C ASP A 32 -4.57 -4.60 -7.12
N GLU A 33 -3.31 -4.94 -7.30
CA GLU A 33 -2.40 -5.37 -6.23
C GLU A 33 -1.30 -4.33 -5.93
N LEU A 34 -0.94 -4.24 -4.66
CA LEU A 34 0.16 -3.43 -4.14
C LEU A 34 0.75 -4.10 -2.89
N THR A 35 1.93 -3.66 -2.46
CA THR A 35 2.73 -4.27 -1.39
C THR A 35 3.06 -3.25 -0.30
N LYS A 36 2.53 -3.42 0.90
CA LYS A 36 2.84 -2.54 2.05
C LYS A 36 4.30 -2.71 2.48
N MET A 37 4.98 -1.60 2.74
CA MET A 37 6.38 -1.53 3.16
C MET A 37 6.59 -0.82 4.51
N GLU A 38 5.57 -0.10 4.98
CA GLU A 38 5.55 0.63 6.26
C GLU A 38 4.11 0.75 6.80
N ASN A 39 3.97 0.67 8.13
CA ASN A 39 2.68 0.66 8.84
C ASN A 39 1.81 1.92 8.64
N GLU A 40 0.55 1.82 9.03
CA GLU A 40 -0.42 2.93 9.04
C GLU A 40 0.05 4.06 10.00
N ASP A 41 0.14 5.27 9.48
CA ASP A 41 0.51 6.49 10.20
C ASP A 41 -0.68 7.12 10.97
N GLU A 42 -0.42 8.21 11.70
CA GLU A 42 -1.39 8.96 12.54
C GLU A 42 -2.55 9.65 11.78
N GLN A 43 -2.65 9.47 10.47
CA GLN A 43 -3.73 9.97 9.60
C GLN A 43 -4.43 8.86 8.78
N GLY A 44 -4.06 7.58 8.96
CA GLY A 44 -4.61 6.46 8.20
C GLY A 44 -4.02 6.32 6.78
N TRP A 45 -2.71 6.53 6.64
CA TRP A 45 -1.96 6.35 5.38
C TRP A 45 -0.84 5.33 5.58
N CYS A 46 -0.54 4.56 4.53
CA CYS A 46 0.57 3.60 4.47
C CYS A 46 1.55 3.99 3.36
N LYS A 47 2.73 3.36 3.34
CA LYS A 47 3.73 3.52 2.27
C LYS A 47 4.06 2.12 1.75
N GLY A 48 3.97 1.95 0.43
CA GLY A 48 4.14 0.66 -0.23
C GLY A 48 4.70 0.75 -1.66
N ARG A 49 4.55 -0.35 -2.40
CA ARG A 49 5.05 -0.56 -3.78
C ARG A 49 3.93 -1.07 -4.70
N LEU A 50 3.95 -0.61 -5.94
CA LEU A 50 2.92 -0.83 -6.94
C LEU A 50 3.18 -2.02 -7.87
N ASP A 51 2.14 -2.49 -8.56
CA ASP A 51 2.22 -3.54 -9.58
C ASP A 51 3.12 -3.13 -10.77
N ASN A 52 3.16 -1.82 -11.09
CA ASN A 52 4.05 -1.29 -12.13
C ASN A 52 5.52 -1.21 -11.65
N GLY A 53 5.73 -0.90 -10.36
CA GLY A 53 7.05 -0.91 -9.71
C GLY A 53 7.39 0.33 -8.88
N GLN A 54 6.58 1.39 -8.98
CA GLN A 54 6.75 2.63 -8.23
C GLN A 54 6.60 2.40 -6.72
N VAL A 55 7.16 3.28 -5.91
CA VAL A 55 7.11 3.26 -4.44
C VAL A 55 6.56 4.59 -3.93
N GLY A 56 5.58 4.54 -3.02
CA GLY A 56 4.88 5.73 -2.54
C GLY A 56 3.79 5.50 -1.50
N LEU A 57 3.30 6.60 -0.94
CA LEU A 57 2.19 6.70 0.00
C LEU A 57 0.83 6.44 -0.66
N TYR A 58 -0.12 5.93 0.12
CA TYR A 58 -1.52 5.72 -0.26
C TYR A 58 -2.41 5.62 1.00
N PRO A 59 -3.73 5.92 0.90
CA PRO A 59 -4.65 5.82 2.03
C PRO A 59 -4.90 4.36 2.43
N ALA A 60 -4.71 4.04 3.71
CA ALA A 60 -4.89 2.69 4.27
C ALA A 60 -6.34 2.17 4.17
N ASN A 61 -7.32 3.08 3.95
CA ASN A 61 -8.74 2.77 3.85
C ASN A 61 -9.24 2.50 2.40
N TYR A 62 -8.32 2.39 1.44
CA TYR A 62 -8.58 2.02 0.03
C TYR A 62 -8.05 0.62 -0.32
N VAL A 63 -7.69 -0.21 0.66
CA VAL A 63 -7.12 -1.56 0.46
C VAL A 63 -7.65 -2.59 1.48
N GLU A 64 -7.39 -3.89 1.21
CA GLU A 64 -7.70 -5.01 2.10
C GLU A 64 -6.62 -6.12 1.99
N PRO A 65 -6.38 -6.92 3.04
CA PRO A 65 -5.39 -7.99 3.01
C PRO A 65 -5.81 -9.15 2.09
N ILE A 66 -4.82 -9.82 1.49
CA ILE A 66 -4.99 -11.01 0.64
C ILE A 66 -4.63 -12.27 1.45
N GLN A 67 -5.42 -13.33 1.30
CA GLN A 67 -5.27 -14.62 2.00
C GLN A 67 -3.97 -15.36 1.63
N GLY A 1 15.38 -23.22 16.54
CA GLY A 1 14.26 -22.67 15.74
C GLY A 1 13.57 -21.51 16.43
N SER A 2 12.98 -20.60 15.65
CA SER A 2 12.24 -19.42 16.13
C SER A 2 11.14 -18.98 15.14
N ARG A 3 10.20 -18.16 15.62
CA ARG A 3 9.07 -17.58 14.85
C ARG A 3 9.00 -16.05 14.93
N ARG A 4 10.00 -15.40 15.53
CA ARG A 4 10.07 -13.94 15.81
C ARG A 4 11.45 -13.32 15.44
N ALA A 5 12.22 -14.01 14.59
CA ALA A 5 13.59 -13.64 14.20
C ALA A 5 13.73 -13.18 12.73
N SER A 6 12.63 -12.97 12.01
CA SER A 6 12.61 -12.42 10.63
C SER A 6 11.27 -11.73 10.30
N VAL A 7 11.26 -10.97 9.19
CA VAL A 7 10.15 -10.15 8.68
C VAL A 7 10.11 -10.19 7.14
N GLY A 8 9.05 -9.65 6.54
CA GLY A 8 8.88 -9.59 5.07
C GLY A 8 7.65 -8.83 4.59
N SER A 9 7.50 -8.77 3.25
CA SER A 9 6.40 -8.12 2.53
C SER A 9 5.00 -8.65 2.90
N VAL A 10 4.00 -7.79 2.73
CA VAL A 10 2.57 -8.09 2.93
C VAL A 10 1.80 -7.53 1.72
N ARG A 11 1.43 -8.41 0.79
CA ARG A 11 0.59 -8.07 -0.38
C ARG A 11 -0.83 -7.70 0.06
N VAL A 12 -1.42 -6.70 -0.60
CA VAL A 12 -2.77 -6.19 -0.33
C VAL A 12 -3.49 -5.88 -1.65
N ARG A 13 -4.82 -5.86 -1.62
CA ARG A 13 -5.68 -5.63 -2.79
C ARG A 13 -6.43 -4.31 -2.64
N ALA A 14 -6.44 -3.50 -3.67
CA ALA A 14 -7.14 -2.21 -3.69
C ALA A 14 -8.67 -2.37 -3.61
N LEU A 15 -9.28 -1.77 -2.58
CA LEU A 15 -10.74 -1.69 -2.39
C LEU A 15 -11.39 -0.72 -3.38
N TYR A 16 -10.70 0.38 -3.68
CA TYR A 16 -11.16 1.50 -4.50
C TYR A 16 -10.03 2.03 -5.40
N ASP A 17 -10.38 2.74 -6.47
CA ASP A 17 -9.42 3.42 -7.34
C ASP A 17 -8.81 4.66 -6.67
N TYR A 18 -7.56 4.98 -7.03
CA TYR A 18 -6.79 6.11 -6.49
C TYR A 18 -5.79 6.65 -7.54
N GLU A 19 -5.41 7.92 -7.43
CA GLU A 19 -4.44 8.60 -8.29
C GLU A 19 -3.52 9.51 -7.46
N GLY A 20 -2.21 9.31 -7.59
CA GLY A 20 -1.19 9.99 -6.79
C GLY A 20 -1.14 11.50 -6.98
N GLN A 21 -1.03 12.23 -5.86
CA GLN A 21 -0.99 13.71 -5.85
C GLN A 21 0.42 14.27 -6.14
N GLU A 22 1.47 13.50 -5.82
CA GLU A 22 2.89 13.89 -5.93
C GLU A 22 3.77 12.67 -6.29
N GLN A 23 5.08 12.90 -6.49
CA GLN A 23 6.06 11.86 -6.85
C GLN A 23 6.21 10.75 -5.79
N ASP A 24 5.88 11.03 -4.53
CA ASP A 24 5.85 10.08 -3.41
C ASP A 24 4.47 9.42 -3.20
N GLU A 25 3.61 9.39 -4.22
CA GLU A 25 2.31 8.69 -4.22
C GLU A 25 2.17 7.71 -5.41
N LEU A 26 1.15 6.83 -5.33
CA LEU A 26 0.86 5.73 -6.26
C LEU A 26 -0.51 5.92 -6.94
N SER A 27 -0.76 5.17 -8.02
CA SER A 27 -2.01 5.21 -8.80
C SER A 27 -2.45 3.80 -9.16
N PHE A 28 -3.69 3.44 -8.84
CA PHE A 28 -4.25 2.10 -9.01
C PHE A 28 -5.78 2.11 -9.16
N LYS A 29 -6.37 0.96 -9.51
CA LYS A 29 -7.83 0.77 -9.69
C LYS A 29 -8.40 -0.23 -8.68
N ALA A 30 -9.72 -0.21 -8.51
CA ALA A 30 -10.44 -1.17 -7.67
C ALA A 30 -10.16 -2.61 -8.14
N GLY A 31 -9.55 -3.43 -7.28
CA GLY A 31 -9.15 -4.81 -7.55
C GLY A 31 -7.66 -5.01 -7.89
N ASP A 32 -6.86 -3.94 -8.02
CA ASP A 32 -5.43 -4.03 -8.31
C ASP A 32 -4.63 -4.57 -7.10
N GLU A 33 -3.38 -4.97 -7.33
CA GLU A 33 -2.46 -5.50 -6.31
C GLU A 33 -1.32 -4.52 -6.02
N LEU A 34 -0.94 -4.43 -4.74
CA LEU A 34 0.19 -3.66 -4.24
C LEU A 34 0.79 -4.31 -2.98
N THR A 35 1.89 -3.77 -2.47
CA THR A 35 2.68 -4.35 -1.36
C THR A 35 2.89 -3.32 -0.25
N LYS A 36 2.63 -3.66 1.02
CA LYS A 36 2.89 -2.75 2.14
C LYS A 36 4.40 -2.66 2.44
N MET A 37 4.88 -1.42 2.63
CA MET A 37 6.28 -1.09 2.95
C MET A 37 6.42 -0.35 4.29
N GLU A 38 5.35 0.30 4.77
CA GLU A 38 5.25 0.96 6.07
C GLU A 38 3.79 0.98 6.56
N ASN A 39 3.60 0.87 7.88
CA ASN A 39 2.29 0.77 8.54
C ASN A 39 1.49 2.09 8.56
N GLU A 40 0.22 2.02 8.98
CA GLU A 40 -0.71 3.16 9.07
C GLU A 40 -0.18 4.28 9.98
N ASP A 41 -0.08 5.48 9.43
CA ASP A 41 0.32 6.73 10.10
C ASP A 41 -0.82 7.32 10.98
N GLU A 42 -0.53 8.41 11.67
CA GLU A 42 -1.44 9.15 12.57
C GLU A 42 -2.67 9.80 11.87
N GLN A 43 -2.81 9.65 10.55
CA GLN A 43 -3.90 10.19 9.72
C GLN A 43 -4.60 9.12 8.85
N GLY A 44 -4.25 7.83 9.01
CA GLY A 44 -4.83 6.74 8.21
C GLY A 44 -4.24 6.62 6.79
N TRP A 45 -2.91 6.74 6.66
CA TRP A 45 -2.17 6.58 5.41
C TRP A 45 -1.06 5.54 5.57
N CYS A 46 -0.82 4.75 4.52
CA CYS A 46 0.26 3.76 4.43
C CYS A 46 1.21 4.11 3.30
N LYS A 47 2.39 3.48 3.30
CA LYS A 47 3.37 3.57 2.20
C LYS A 47 3.59 2.16 1.67
N GLY A 48 3.50 2.00 0.36
CA GLY A 48 3.63 0.72 -0.32
C GLY A 48 4.39 0.77 -1.64
N ARG A 49 4.46 -0.37 -2.32
CA ARG A 49 5.07 -0.57 -3.64
C ARG A 49 4.03 -1.19 -4.59
N LEU A 50 3.94 -0.62 -5.79
CA LEU A 50 2.97 -0.87 -6.83
C LEU A 50 3.31 -2.05 -7.75
N ASP A 51 2.31 -2.54 -8.48
CA ASP A 51 2.48 -3.58 -9.52
C ASP A 51 3.37 -3.09 -10.69
N ASN A 52 3.36 -1.78 -10.97
CA ASN A 52 4.24 -1.16 -11.97
C ASN A 52 5.70 -1.12 -11.47
N GLY A 53 5.88 -0.83 -10.17
CA GLY A 53 7.19 -0.85 -9.48
C GLY A 53 7.50 0.40 -8.67
N GLN A 54 6.68 1.45 -8.79
CA GLN A 54 6.75 2.69 -8.02
C GLN A 54 6.50 2.41 -6.53
N VAL A 55 7.01 3.28 -5.66
CA VAL A 55 6.82 3.23 -4.20
C VAL A 55 6.36 4.59 -3.68
N GLY A 56 5.28 4.59 -2.90
CA GLY A 56 4.62 5.82 -2.43
C GLY A 56 3.45 5.60 -1.47
N LEU A 57 2.94 6.72 -0.95
CA LEU A 57 1.80 6.80 -0.03
C LEU A 57 0.46 6.55 -0.72
N TYR A 58 -0.49 6.00 0.05
CA TYR A 58 -1.88 5.76 -0.33
C TYR A 58 -2.79 5.67 0.93
N PRO A 59 -4.13 5.84 0.81
CA PRO A 59 -5.03 5.76 1.96
C PRO A 59 -5.02 4.35 2.59
N ALA A 60 -4.77 4.24 3.89
CA ALA A 60 -4.75 2.94 4.59
C ALA A 60 -6.09 2.18 4.51
N ASN A 61 -7.19 2.90 4.26
CA ASN A 61 -8.55 2.37 4.12
C ASN A 61 -9.00 2.11 2.68
N TYR A 62 -8.10 2.21 1.69
CA TYR A 62 -8.35 1.89 0.28
C TYR A 62 -7.79 0.50 -0.12
N VAL A 63 -7.40 -0.34 0.86
CA VAL A 63 -6.89 -1.69 0.61
C VAL A 63 -7.38 -2.73 1.65
N GLU A 64 -7.21 -4.01 1.34
CA GLU A 64 -7.48 -5.17 2.22
C GLU A 64 -6.39 -6.26 2.05
N PRO A 65 -6.09 -7.07 3.07
CA PRO A 65 -5.03 -8.08 2.99
C PRO A 65 -5.42 -9.26 2.05
N ILE A 66 -4.43 -9.78 1.32
CA ILE A 66 -4.58 -10.97 0.46
C ILE A 66 -4.19 -12.21 1.28
N GLN A 67 -4.96 -13.29 1.13
CA GLN A 67 -4.85 -14.56 1.87
C GLN A 67 -5.11 -15.78 0.97
N GLY A 1 6.46 -21.51 11.37
CA GLY A 1 6.71 -20.06 11.46
C GLY A 1 8.16 -19.77 11.79
N SER A 2 8.86 -19.07 10.88
CA SER A 2 10.31 -18.80 10.95
C SER A 2 10.62 -17.30 10.82
N ARG A 3 11.87 -16.91 11.17
CA ARG A 3 12.34 -15.50 11.24
C ARG A 3 11.41 -14.59 12.05
N ARG A 4 10.87 -15.12 13.15
CA ARG A 4 9.86 -14.50 14.03
C ARG A 4 10.30 -13.21 14.73
N ALA A 5 11.62 -12.98 14.81
CA ALA A 5 12.25 -11.81 15.44
C ALA A 5 12.08 -10.48 14.66
N SER A 6 11.60 -10.52 13.42
CA SER A 6 11.45 -9.34 12.54
C SER A 6 10.22 -9.42 11.61
N VAL A 7 10.01 -8.38 10.80
CA VAL A 7 8.86 -8.21 9.89
C VAL A 7 9.31 -7.73 8.50
N GLY A 8 8.37 -7.70 7.54
CA GLY A 8 8.63 -7.36 6.13
C GLY A 8 7.37 -6.97 5.35
N SER A 9 7.45 -7.03 4.02
CA SER A 9 6.36 -6.73 3.07
C SER A 9 5.07 -7.52 3.32
N VAL A 10 3.93 -6.87 3.03
CA VAL A 10 2.58 -7.43 3.15
C VAL A 10 1.78 -7.05 1.89
N ARG A 11 1.57 -8.02 1.00
CA ARG A 11 0.71 -7.84 -0.19
C ARG A 11 -0.74 -7.54 0.21
N VAL A 12 -1.35 -6.58 -0.48
CA VAL A 12 -2.73 -6.09 -0.23
C VAL A 12 -3.44 -5.84 -1.57
N ARG A 13 -4.77 -5.78 -1.53
CA ARG A 13 -5.63 -5.55 -2.70
C ARG A 13 -6.37 -4.23 -2.54
N ALA A 14 -6.41 -3.43 -3.59
CA ALA A 14 -7.14 -2.17 -3.65
C ALA A 14 -8.67 -2.40 -3.56
N LEU A 15 -9.30 -1.84 -2.53
CA LEU A 15 -10.76 -1.82 -2.34
C LEU A 15 -11.47 -0.98 -3.41
N TYR A 16 -10.86 0.17 -3.74
CA TYR A 16 -11.37 1.16 -4.69
C TYR A 16 -10.22 1.80 -5.47
N ASP A 17 -10.52 2.50 -6.57
CA ASP A 17 -9.52 3.26 -7.34
C ASP A 17 -8.94 4.47 -6.57
N TYR A 18 -7.69 4.83 -6.91
CA TYR A 18 -6.96 5.98 -6.36
C TYR A 18 -5.97 6.57 -7.39
N GLU A 19 -5.66 7.86 -7.24
CA GLU A 19 -4.69 8.58 -8.08
C GLU A 19 -3.82 9.51 -7.20
N GLY A 20 -2.49 9.33 -7.28
CA GLY A 20 -1.51 10.02 -6.46
C GLY A 20 -1.45 11.54 -6.66
N GLN A 21 -1.11 12.26 -5.59
CA GLN A 21 -1.09 13.73 -5.54
C GLN A 21 0.29 14.34 -5.83
N GLU A 22 1.36 13.56 -5.63
CA GLU A 22 2.77 13.98 -5.73
C GLU A 22 3.67 12.85 -6.29
N GLN A 23 4.95 13.15 -6.53
CA GLN A 23 5.96 12.21 -7.04
C GLN A 23 6.24 11.03 -6.06
N ASP A 24 5.90 11.20 -4.78
CA ASP A 24 6.01 10.16 -3.74
C ASP A 24 4.65 9.46 -3.46
N GLU A 25 3.72 9.46 -4.42
CA GLU A 25 2.44 8.74 -4.33
C GLU A 25 2.22 7.76 -5.51
N LEU A 26 1.28 6.83 -5.34
CA LEU A 26 0.92 5.75 -6.28
C LEU A 26 -0.50 5.92 -6.83
N SER A 27 -0.84 5.16 -7.87
CA SER A 27 -2.17 5.15 -8.51
C SER A 27 -2.57 3.72 -8.89
N PHE A 28 -3.84 3.38 -8.67
CA PHE A 28 -4.37 2.02 -8.87
C PHE A 28 -5.89 2.04 -9.09
N LYS A 29 -6.45 0.87 -9.46
CA LYS A 29 -7.89 0.66 -9.69
C LYS A 29 -8.46 -0.34 -8.68
N ALA A 30 -9.78 -0.33 -8.55
CA ALA A 30 -10.53 -1.30 -7.73
C ALA A 30 -10.19 -2.76 -8.15
N GLY A 31 -9.59 -3.52 -7.22
CA GLY A 31 -9.14 -4.90 -7.43
C GLY A 31 -7.66 -5.08 -7.78
N ASP A 32 -6.87 -4.00 -7.94
CA ASP A 32 -5.44 -4.10 -8.23
C ASP A 32 -4.63 -4.60 -7.02
N GLU A 33 -3.43 -5.12 -7.26
CA GLU A 33 -2.51 -5.60 -6.23
C GLU A 33 -1.39 -4.58 -5.97
N LEU A 34 -1.02 -4.42 -4.70
CA LEU A 34 0.11 -3.60 -4.25
C LEU A 34 0.76 -4.21 -3.00
N THR A 35 1.88 -3.65 -2.55
CA THR A 35 2.74 -4.19 -1.47
C THR A 35 2.96 -3.17 -0.37
N LYS A 36 2.40 -3.37 0.83
CA LYS A 36 2.66 -2.50 1.99
C LYS A 36 4.12 -2.67 2.46
N MET A 37 4.77 -1.55 2.75
CA MET A 37 6.18 -1.47 3.21
C MET A 37 6.33 -0.66 4.51
N GLU A 38 5.29 0.06 4.91
CA GLU A 38 5.19 0.82 6.16
C GLU A 38 3.72 0.85 6.61
N ASN A 39 3.47 0.50 7.88
CA ASN A 39 2.13 0.36 8.44
C ASN A 39 1.35 1.69 8.61
N GLU A 40 0.05 1.59 8.86
CA GLU A 40 -0.89 2.72 8.93
C GLU A 40 -0.47 3.77 9.98
N ASP A 41 -0.26 5.00 9.51
CA ASP A 41 0.05 6.19 10.32
C ASP A 41 -1.18 6.70 11.10
N GLU A 42 -0.98 7.71 11.95
CA GLU A 42 -2.06 8.39 12.70
C GLU A 42 -3.08 9.07 11.76
N GLN A 43 -2.67 9.45 10.55
CA GLN A 43 -3.54 10.01 9.50
C GLN A 43 -4.34 8.93 8.71
N GLY A 44 -4.01 7.64 8.87
CA GLY A 44 -4.62 6.54 8.09
C GLY A 44 -3.98 6.32 6.70
N TRP A 45 -2.67 6.54 6.57
CA TRP A 45 -1.91 6.34 5.33
C TRP A 45 -0.79 5.32 5.51
N CYS A 46 -0.37 4.71 4.42
CA CYS A 46 0.72 3.73 4.32
C CYS A 46 1.68 4.12 3.19
N LYS A 47 2.85 3.47 3.16
CA LYS A 47 3.83 3.59 2.08
C LYS A 47 4.10 2.18 1.57
N GLY A 48 4.09 2.00 0.25
CA GLY A 48 4.23 0.70 -0.39
C GLY A 48 4.77 0.75 -1.82
N ARG A 49 4.63 -0.37 -2.53
CA ARG A 49 5.09 -0.60 -3.91
C ARG A 49 3.97 -1.12 -4.79
N LEU A 50 3.94 -0.62 -6.03
CA LEU A 50 2.89 -0.82 -7.03
C LEU A 50 3.13 -2.02 -7.96
N ASP A 51 2.08 -2.43 -8.67
CA ASP A 51 2.16 -3.47 -9.71
C ASP A 51 3.06 -3.03 -10.90
N ASN A 52 3.12 -1.72 -11.18
CA ASN A 52 4.01 -1.15 -12.19
C ASN A 52 5.47 -1.15 -11.71
N GLY A 53 5.68 -0.95 -10.40
CA GLY A 53 6.99 -1.04 -9.74
C GLY A 53 7.40 0.21 -8.94
N GLN A 54 6.63 1.29 -9.06
CA GLN A 54 6.82 2.55 -8.35
C GLN A 54 6.63 2.37 -6.83
N VAL A 55 7.24 3.26 -6.05
CA VAL A 55 7.18 3.25 -4.57
C VAL A 55 6.64 4.60 -4.09
N GLY A 56 5.65 4.57 -3.19
CA GLY A 56 4.97 5.79 -2.72
C GLY A 56 3.88 5.57 -1.66
N LEU A 57 3.39 6.69 -1.13
CA LEU A 57 2.29 6.76 -0.16
C LEU A 57 0.93 6.52 -0.82
N TYR A 58 -0.01 6.01 -0.03
CA TYR A 58 -1.41 5.80 -0.39
C TYR A 58 -2.30 5.74 0.88
N PRO A 59 -3.60 6.04 0.81
CA PRO A 59 -4.51 5.93 1.95
C PRO A 59 -4.77 4.46 2.30
N ALA A 60 -4.45 4.06 3.54
CA ALA A 60 -4.64 2.69 4.02
C ALA A 60 -6.13 2.25 4.03
N ASN A 61 -7.06 3.20 3.98
CA ASN A 61 -8.50 2.97 3.90
C ASN A 61 -8.99 2.47 2.52
N TYR A 62 -8.12 2.48 1.50
CA TYR A 62 -8.43 2.04 0.13
C TYR A 62 -7.90 0.64 -0.18
N VAL A 63 -7.49 -0.15 0.83
CA VAL A 63 -6.92 -1.51 0.64
C VAL A 63 -7.38 -2.54 1.68
N GLU A 64 -7.16 -3.83 1.41
CA GLU A 64 -7.41 -4.96 2.32
C GLU A 64 -6.34 -6.07 2.15
N PRO A 65 -6.05 -6.90 3.17
CA PRO A 65 -5.06 -7.97 3.06
C PRO A 65 -5.52 -9.10 2.12
N ILE A 66 -4.59 -9.62 1.30
CA ILE A 66 -4.82 -10.78 0.43
C ILE A 66 -4.71 -12.08 1.26
N GLN A 67 -5.58 -13.05 0.95
CA GLN A 67 -5.74 -14.34 1.65
C GLN A 67 -5.99 -15.49 0.67
#